data_2D4E
#
_entry.id   2D4E
#
_cell.length_a   95.202
_cell.length_b   95.086
_cell.length_c   98.835
_cell.angle_alpha   103.97
_cell.angle_beta   116.11
_cell.angle_gamma   104.44
#
_symmetry.space_group_name_H-M   'P 1'
#
loop_
_entity.id
_entity.type
_entity.pdbx_description
1 polymer '5-carboxymethyl-2-hydroxymuconate semialdehyde dehydrogenase'
2 non-polymer 'SODIUM ION'
3 non-polymer GLYCEROL
4 non-polymer NICOTINAMIDE-ADENINE-DINUCLEOTIDE
5 water water
#
_entity_poly.entity_id   1
_entity_poly.type   'polypeptide(L)'
_entity_poly.pdbx_seq_one_letter_code
;MRYADRVAGISWETIEEVRRRLKERPALHFIAGEFVPSESGETFPSLDPATNEVLGVAARGGEREVDRAAKAAHEAFQRW
SRTKAKERKRYLLRIAELIEKHADELAVMECLDAGQVLRIVRAQVARAAENFAFYAEYAEHAMEDRTFPVDRDWLYYTVR
VPAGPVGIITPWNAPLMLSTWRIAPALAFGNTVVLKPAEWSPFTATKLAEILKEADLPPGVFNLVQGFGEEAGAALVAHP
LVPLLTLTGETETGKIVMRNAADHLKRLSPELGGKSPALVFADADLERALDAVVFQIFSFNGERCTASSRLLVEEKIFED
FVGKVVERARAIRVGHPLDPETEVGPLIHPEHLQRVLGYVEAGKREGARLLVGGERAKTSFRGEDLSRGNYLLPTVFVGE
NHMKIAQEEIFGPVLVAIPFKDEEEALRKANDTKYGLAAYVFTRDLERAHRLALELEAGMVYLNSHNVRHLPTPFGGVKG
SGDRREGGTYALDFYTDLKTIALPLRPPHVPKFGK
;
_entity_poly.pdbx_strand_id   A,B,C,D
#
loop_
_chem_comp.id
_chem_comp.type
_chem_comp.name
_chem_comp.formula
GOL non-polymer GLYCEROL 'C3 H8 O3'
NA non-polymer 'SODIUM ION' 'Na 1'
NAD non-polymer NICOTINAMIDE-ADENINE-DINUCLEOTIDE 'C21 H27 N7 O14 P2'
#
# COMPACT_ATOMS: atom_id res chain seq x y z
N TYR A 3 -1.32 -31.07 5.71
CA TYR A 3 -0.96 -32.42 6.23
C TYR A 3 -2.02 -33.45 5.86
N ALA A 4 -1.73 -34.25 4.84
CA ALA A 4 -2.66 -35.28 4.38
C ALA A 4 -2.97 -36.33 5.45
N ASP A 5 -4.08 -37.04 5.29
CA ASP A 5 -4.48 -38.07 6.24
C ASP A 5 -3.66 -39.33 6.01
N ARG A 6 -3.11 -39.47 4.81
CA ARG A 6 -2.31 -40.62 4.44
C ARG A 6 -1.09 -40.19 3.63
N VAL A 7 0.06 -40.74 3.95
CA VAL A 7 1.30 -40.43 3.23
C VAL A 7 1.95 -41.72 2.79
N ALA A 8 2.59 -41.68 1.62
CA ALA A 8 3.26 -42.86 1.10
C ALA A 8 4.59 -43.06 1.82
N GLY A 9 5.03 -44.32 1.86
CA GLY A 9 6.29 -44.62 2.50
C GLY A 9 7.44 -44.48 1.51
N ILE A 10 8.66 -44.47 2.03
CA ILE A 10 9.84 -44.36 1.19
C ILE A 10 10.39 -45.77 1.06
N SER A 11 10.88 -46.12 -0.12
CA SER A 11 11.41 -47.47 -0.35
C SER A 11 12.47 -47.83 0.67
N TRP A 12 12.54 -49.12 1.00
CA TRP A 12 13.52 -49.64 1.94
C TRP A 12 14.95 -49.32 1.46
N GLU A 13 15.21 -49.52 0.18
CA GLU A 13 16.53 -49.26 -0.38
C GLU A 13 16.99 -47.82 -0.20
N THR A 14 16.11 -46.86 -0.48
CA THR A 14 16.45 -45.45 -0.34
C THR A 14 16.80 -45.14 1.11
N ILE A 15 15.99 -45.65 2.03
CA ILE A 15 16.22 -45.45 3.45
C ILE A 15 17.60 -45.97 3.84
N GLU A 16 17.91 -47.19 3.39
CA GLU A 16 19.19 -47.81 3.70
C GLU A 16 20.36 -47.04 3.07
N GLU A 17 20.14 -46.47 1.88
CA GLU A 17 21.18 -45.72 1.21
C GLU A 17 21.47 -44.43 1.99
N VAL A 18 20.42 -43.77 2.45
CA VAL A 18 20.58 -42.54 3.23
C VAL A 18 21.32 -42.88 4.53
N ARG A 19 20.92 -43.96 5.18
CA ARG A 19 21.55 -44.38 6.42
C ARG A 19 23.06 -44.54 6.28
N ARG A 20 23.51 -45.30 5.30
CA ARG A 20 24.94 -45.49 5.17
C ARG A 20 25.68 -44.22 4.74
N ARG A 21 25.06 -43.38 3.92
CA ARG A 21 25.73 -42.15 3.51
C ARG A 21 25.96 -41.23 4.70
N LEU A 22 25.05 -41.27 5.68
CA LEU A 22 25.19 -40.44 6.86
C LEU A 22 26.38 -40.88 7.72
N LYS A 23 26.57 -42.18 7.88
CA LYS A 23 27.69 -42.64 8.69
C LYS A 23 28.98 -42.83 7.89
N GLU A 24 28.86 -42.84 6.57
CA GLU A 24 30.02 -43.00 5.71
C GLU A 24 30.87 -41.74 5.66
N ARG A 25 30.21 -40.59 5.61
CA ARG A 25 30.94 -39.34 5.51
C ARG A 25 30.46 -38.27 6.49
N PRO A 26 31.39 -37.65 7.21
CA PRO A 26 31.03 -36.60 8.17
C PRO A 26 30.32 -35.45 7.46
N ALA A 27 29.37 -34.82 8.15
CA ALA A 27 28.63 -33.69 7.59
C ALA A 27 29.55 -32.48 7.73
N LEU A 28 30.11 -32.03 6.62
CA LEU A 28 31.07 -30.91 6.66
C LEU A 28 30.45 -29.50 6.58
N HIS A 29 31.29 -28.50 6.91
CA HIS A 29 30.94 -27.11 6.67
C HIS A 29 30.95 -26.81 5.18
N PHE A 30 30.17 -25.78 4.80
CA PHE A 30 30.32 -25.27 3.45
C PHE A 30 30.78 -23.82 3.51
N ILE A 31 32.04 -23.58 3.16
CA ILE A 31 32.62 -22.26 3.22
C ILE A 31 33.30 -21.85 1.93
N ALA A 32 33.01 -20.64 1.46
CA ALA A 32 33.59 -20.11 0.23
C ALA A 32 33.46 -21.07 -0.96
N GLY A 33 32.28 -21.66 -1.13
CA GLY A 33 32.04 -22.55 -2.25
C GLY A 33 32.51 -24.00 -2.18
N GLU A 34 32.98 -24.45 -1.04
CA GLU A 34 33.43 -25.82 -0.94
C GLU A 34 33.19 -26.44 0.43
N PHE A 35 33.03 -27.76 0.46
CA PHE A 35 32.83 -28.47 1.72
C PHE A 35 34.17 -28.68 2.40
N VAL A 36 34.27 -28.30 3.67
CA VAL A 36 35.50 -28.45 4.42
C VAL A 36 35.24 -28.83 5.88
N PRO A 37 36.22 -29.50 6.53
CA PRO A 37 36.08 -29.90 7.92
C PRO A 37 36.60 -28.76 8.78
N SER A 38 36.52 -28.89 10.09
CA SER A 38 37.04 -27.86 10.97
C SER A 38 38.57 -28.00 10.86
N GLU A 39 39.28 -26.90 11.12
CA GLU A 39 40.73 -26.94 11.06
C GLU A 39 41.27 -27.91 12.11
N SER A 40 40.55 -28.03 13.22
CA SER A 40 40.95 -28.93 14.29
C SER A 40 40.71 -30.38 13.89
N GLY A 41 39.80 -30.60 12.96
CA GLY A 41 39.50 -31.95 12.50
C GLY A 41 38.46 -32.60 13.40
N GLU A 42 38.10 -31.92 14.48
CA GLU A 42 37.13 -32.45 15.41
C GLU A 42 35.73 -32.55 14.83
N THR A 43 34.94 -33.47 15.36
CA THR A 43 33.56 -33.68 14.95
C THR A 43 32.72 -33.97 16.18
N PHE A 44 31.40 -34.00 16.00
CA PHE A 44 30.50 -34.34 17.09
C PHE A 44 29.43 -35.24 16.50
N PRO A 45 28.86 -36.13 17.33
CA PRO A 45 27.83 -37.07 16.86
C PRO A 45 26.40 -36.55 16.94
N SER A 46 25.54 -37.15 16.14
CA SER A 46 24.13 -36.82 16.15
C SER A 46 23.39 -38.15 16.26
N LEU A 47 22.54 -38.25 17.26
CA LEU A 47 21.77 -39.47 17.50
C LEU A 47 20.52 -39.63 16.66
N ASP A 48 20.07 -40.88 16.55
CA ASP A 48 18.85 -41.24 15.86
C ASP A 48 17.91 -41.39 17.05
N PRO A 49 17.03 -40.39 17.28
CA PRO A 49 16.11 -40.41 18.41
C PRO A 49 15.23 -41.65 18.60
N ALA A 50 15.12 -42.48 17.56
CA ALA A 50 14.32 -43.70 17.68
C ALA A 50 15.09 -44.83 18.36
N THR A 51 16.42 -44.76 18.31
CA THR A 51 17.26 -45.81 18.89
C THR A 51 18.38 -45.27 19.76
N ASN A 52 18.60 -43.96 19.71
CA ASN A 52 19.67 -43.30 20.45
C ASN A 52 21.05 -43.78 20.03
N GLU A 53 21.14 -44.29 18.81
CA GLU A 53 22.41 -44.75 18.27
C GLU A 53 22.93 -43.60 17.42
N VAL A 54 24.24 -43.54 17.22
CA VAL A 54 24.83 -42.48 16.42
C VAL A 54 24.43 -42.67 14.95
N LEU A 55 23.93 -41.60 14.34
CA LEU A 55 23.50 -41.64 12.95
C LEU A 55 24.69 -41.29 12.07
N GLY A 56 25.52 -40.39 12.59
CA GLY A 56 26.71 -39.95 11.88
C GLY A 56 27.32 -38.82 12.68
N VAL A 57 28.33 -38.18 12.12
CA VAL A 57 28.97 -37.07 12.81
C VAL A 57 29.08 -35.85 11.89
N ALA A 58 29.24 -34.68 12.50
CA ALA A 58 29.36 -33.44 11.74
C ALA A 58 30.59 -32.68 12.24
N ALA A 59 31.23 -31.92 11.35
CA ALA A 59 32.40 -31.15 11.74
C ALA A 59 32.05 -30.21 12.87
N ARG A 60 32.92 -30.13 13.87
CA ARG A 60 32.69 -29.28 15.02
C ARG A 60 33.32 -27.90 14.78
N GLY A 61 32.53 -26.99 14.20
CA GLY A 61 33.02 -25.67 13.89
C GLY A 61 33.18 -24.73 15.08
N GLY A 62 34.21 -23.89 15.01
CA GLY A 62 34.48 -22.94 16.05
C GLY A 62 34.57 -21.54 15.48
N GLU A 63 35.21 -20.62 16.20
CA GLU A 63 35.32 -19.25 15.73
C GLU A 63 36.18 -19.11 14.47
N ARG A 64 37.04 -20.09 14.21
CA ARG A 64 37.89 -20.04 13.03
C ARG A 64 37.08 -20.33 11.78
N GLU A 65 36.18 -21.31 11.86
CA GLU A 65 35.36 -21.67 10.72
C GLU A 65 34.32 -20.57 10.47
N VAL A 66 33.79 -20.01 11.56
CA VAL A 66 32.81 -18.93 11.45
C VAL A 66 33.47 -17.71 10.82
N ASP A 67 34.71 -17.44 11.21
CA ASP A 67 35.42 -16.29 10.66
C ASP A 67 35.56 -16.45 9.14
N ARG A 68 35.98 -17.63 8.70
CA ARG A 68 36.12 -17.88 7.27
C ARG A 68 34.78 -17.75 6.57
N ALA A 69 33.72 -18.23 7.23
CA ALA A 69 32.37 -18.18 6.67
C ALA A 69 31.88 -16.73 6.55
N ALA A 70 32.08 -15.95 7.62
CA ALA A 70 31.65 -14.55 7.63
C ALA A 70 32.40 -13.74 6.57
N LYS A 71 33.70 -13.96 6.44
CA LYS A 71 34.49 -13.24 5.45
C LYS A 71 34.00 -13.61 4.06
N ALA A 72 33.71 -14.89 3.84
CA ALA A 72 33.22 -15.36 2.55
C ALA A 72 31.90 -14.66 2.21
N ALA A 73 31.00 -14.60 3.18
CA ALA A 73 29.69 -13.96 2.97
C ALA A 73 29.85 -12.47 2.70
N HIS A 74 30.74 -11.83 3.44
CA HIS A 74 31.00 -10.41 3.27
C HIS A 74 31.57 -10.14 1.88
N GLU A 75 32.57 -10.92 1.50
CA GLU A 75 33.23 -10.78 0.21
C GLU A 75 32.26 -10.98 -0.97
N ALA A 76 31.34 -11.92 -0.81
CA ALA A 76 30.37 -12.21 -1.87
C ALA A 76 29.15 -11.29 -1.88
N PHE A 77 28.96 -10.53 -0.80
CA PHE A 77 27.82 -9.61 -0.71
C PHE A 77 27.83 -8.58 -1.83
N GLN A 78 29.00 -8.02 -2.11
CA GLN A 78 29.14 -6.99 -3.15
C GLN A 78 28.50 -7.42 -4.46
N ARG A 79 28.95 -8.56 -5.00
CA ARG A 79 28.43 -9.07 -6.25
C ARG A 79 27.00 -9.59 -6.17
N TRP A 80 26.69 -10.34 -5.11
CA TRP A 80 25.35 -10.91 -4.98
C TRP A 80 24.25 -9.86 -4.87
N SER A 81 24.47 -8.83 -4.05
CA SER A 81 23.49 -7.77 -3.88
C SER A 81 23.27 -7.00 -5.19
N ARG A 82 24.25 -7.07 -6.09
CA ARG A 82 24.16 -6.36 -7.37
C ARG A 82 23.69 -7.24 -8.52
N THR A 83 23.54 -8.54 -8.26
CA THR A 83 23.06 -9.45 -9.29
C THR A 83 21.64 -8.99 -9.61
N LYS A 84 21.21 -9.19 -10.84
CA LYS A 84 19.86 -8.77 -11.22
C LYS A 84 18.83 -9.65 -10.49
N ALA A 85 17.78 -9.00 -10.00
CA ALA A 85 16.73 -9.70 -9.27
C ALA A 85 16.21 -10.90 -10.07
N LYS A 86 16.08 -10.73 -11.38
CA LYS A 86 15.58 -11.80 -12.24
C LYS A 86 16.50 -13.03 -12.18
N GLU A 87 17.80 -12.80 -12.00
CA GLU A 87 18.76 -13.88 -11.92
C GLU A 87 18.69 -14.57 -10.55
N ARG A 88 18.47 -13.80 -9.49
CA ARG A 88 18.36 -14.37 -8.16
C ARG A 88 17.09 -15.23 -8.13
N LYS A 89 16.06 -14.75 -8.82
CA LYS A 89 14.80 -15.48 -8.89
C LYS A 89 15.05 -16.84 -9.55
N ARG A 90 15.84 -16.84 -10.61
CA ARG A 90 16.15 -18.07 -11.33
C ARG A 90 16.84 -19.09 -10.42
N TYR A 91 17.77 -18.62 -9.60
CA TYR A 91 18.48 -19.51 -8.67
C TYR A 91 17.53 -20.12 -7.65
N LEU A 92 16.67 -19.28 -7.06
CA LEU A 92 15.73 -19.75 -6.04
C LEU A 92 14.76 -20.78 -6.60
N LEU A 93 14.30 -20.57 -7.83
CA LEU A 93 13.38 -21.50 -8.46
C LEU A 93 14.12 -22.81 -8.75
N ARG A 94 15.41 -22.71 -9.03
CA ARG A 94 16.23 -23.87 -9.30
C ARG A 94 16.40 -24.67 -8.00
N ILE A 95 16.66 -23.97 -6.91
CA ILE A 95 16.83 -24.59 -5.61
C ILE A 95 15.51 -25.29 -5.23
N ALA A 96 14.40 -24.64 -5.52
CA ALA A 96 13.08 -25.20 -5.21
C ALA A 96 12.89 -26.51 -5.99
N GLU A 97 13.31 -26.48 -7.25
CA GLU A 97 13.21 -27.63 -8.14
C GLU A 97 14.03 -28.81 -7.61
N LEU A 98 15.28 -28.52 -7.24
CA LEU A 98 16.19 -29.54 -6.72
C LEU A 98 15.75 -30.11 -5.37
N ILE A 99 15.14 -29.29 -4.51
CA ILE A 99 14.68 -29.79 -3.22
C ILE A 99 13.58 -30.81 -3.49
N GLU A 100 12.73 -30.54 -4.47
CA GLU A 100 11.67 -31.48 -4.82
C GLU A 100 12.29 -32.76 -5.37
N LYS A 101 13.33 -32.61 -6.19
CA LYS A 101 14.00 -33.76 -6.78
C LYS A 101 14.65 -34.67 -5.74
N HIS A 102 15.11 -34.07 -4.64
CA HIS A 102 15.78 -34.83 -3.56
C HIS A 102 14.87 -34.99 -2.36
N ALA A 103 13.56 -34.81 -2.55
CA ALA A 103 12.60 -34.89 -1.45
C ALA A 103 12.65 -36.16 -0.60
N ASP A 104 12.70 -37.33 -1.25
CA ASP A 104 12.74 -38.59 -0.49
C ASP A 104 13.97 -38.66 0.42
N GLU A 105 15.13 -38.25 -0.10
CA GLU A 105 16.36 -38.25 0.66
C GLU A 105 16.21 -37.34 1.88
N LEU A 106 15.76 -36.12 1.64
CA LEU A 106 15.58 -35.15 2.71
C LEU A 106 14.62 -35.66 3.77
N ALA A 107 13.53 -36.28 3.34
CA ALA A 107 12.56 -36.81 4.28
C ALA A 107 13.20 -37.84 5.19
N VAL A 108 13.84 -38.85 4.62
CA VAL A 108 14.48 -39.89 5.42
C VAL A 108 15.46 -39.25 6.39
N MET A 109 16.29 -38.37 5.85
CA MET A 109 17.29 -37.68 6.63
C MET A 109 16.73 -36.99 7.86
N GLU A 110 15.69 -36.17 7.69
CA GLU A 110 15.11 -35.47 8.83
C GLU A 110 14.36 -36.39 9.77
N CYS A 111 13.72 -37.41 9.20
CA CYS A 111 12.98 -38.39 10.00
C CYS A 111 13.92 -39.09 10.99
N LEU A 112 15.07 -39.55 10.47
CA LEU A 112 16.06 -40.25 11.28
C LEU A 112 16.83 -39.34 12.23
N ASP A 113 17.16 -38.15 11.75
CA ASP A 113 17.93 -37.17 12.52
C ASP A 113 17.12 -36.41 13.58
N ALA A 114 15.90 -36.00 13.24
CA ALA A 114 15.08 -35.23 14.16
C ALA A 114 13.91 -35.99 14.81
N GLY A 115 13.60 -37.17 14.28
CA GLY A 115 12.54 -37.97 14.87
C GLY A 115 11.10 -37.60 14.56
N GLN A 116 10.91 -36.73 13.56
CA GLN A 116 9.57 -36.34 13.17
C GLN A 116 9.01 -37.44 12.27
N VAL A 117 7.71 -37.69 12.35
CA VAL A 117 7.09 -38.72 11.54
C VAL A 117 7.02 -38.35 10.07
N LEU A 118 7.03 -39.35 9.21
CA LEU A 118 6.96 -39.14 7.76
C LEU A 118 5.67 -38.40 7.38
N ARG A 119 4.59 -38.70 8.08
CA ARG A 119 3.30 -38.07 7.79
C ARG A 119 3.33 -36.56 8.04
N ILE A 120 4.45 -36.08 8.59
CA ILE A 120 4.62 -34.66 8.85
C ILE A 120 5.81 -34.15 8.03
N VAL A 121 6.87 -34.94 7.98
CA VAL A 121 8.09 -34.58 7.26
C VAL A 121 7.91 -34.34 5.77
N ARG A 122 7.07 -35.15 5.11
CA ARG A 122 6.85 -34.99 3.67
C ARG A 122 6.31 -33.58 3.40
N ALA A 123 5.40 -33.12 4.24
CA ALA A 123 4.83 -31.79 4.09
C ALA A 123 5.89 -30.74 4.39
N GLN A 124 6.78 -31.04 5.34
CA GLN A 124 7.83 -30.09 5.69
C GLN A 124 8.80 -29.88 4.53
N VAL A 125 9.17 -30.96 3.86
CA VAL A 125 10.08 -30.88 2.72
C VAL A 125 9.40 -30.13 1.58
N ALA A 126 8.10 -30.37 1.39
CA ALA A 126 7.35 -29.68 0.37
C ALA A 126 7.31 -28.18 0.69
N ARG A 127 7.12 -27.86 1.97
CA ARG A 127 7.08 -26.46 2.40
C ARG A 127 8.46 -25.81 2.25
N ALA A 128 9.52 -26.59 2.42
CA ALA A 128 10.88 -26.10 2.29
C ALA A 128 11.12 -25.64 0.86
N ALA A 129 10.65 -26.43 -0.11
CA ALA A 129 10.79 -26.08 -1.51
C ALA A 129 9.90 -24.86 -1.78
N GLU A 130 8.69 -24.90 -1.22
CA GLU A 130 7.76 -23.79 -1.40
C GLU A 130 8.34 -22.46 -0.89
N ASN A 131 9.11 -22.51 0.20
CA ASN A 131 9.68 -21.28 0.72
C ASN A 131 10.52 -20.58 -0.36
N PHE A 132 11.23 -21.38 -1.17
CA PHE A 132 12.06 -20.83 -2.23
C PHE A 132 11.26 -20.36 -3.43
N ALA A 133 10.25 -21.14 -3.81
CA ALA A 133 9.42 -20.79 -4.96
C ALA A 133 8.64 -19.52 -4.63
N PHE A 134 8.22 -19.44 -3.37
CA PHE A 134 7.46 -18.30 -2.86
C PHE A 134 8.27 -17.00 -2.88
N TYR A 135 9.42 -17.00 -2.22
CA TYR A 135 10.21 -15.78 -2.18
C TYR A 135 10.89 -15.43 -3.51
N ALA A 136 10.96 -16.39 -4.41
CA ALA A 136 11.56 -16.15 -5.72
C ALA A 136 10.77 -15.06 -6.45
N GLU A 137 9.47 -15.00 -6.20
CA GLU A 137 8.61 -14.03 -6.84
C GLU A 137 8.69 -12.63 -6.21
N TYR A 138 9.38 -12.52 -5.07
CA TYR A 138 9.52 -11.24 -4.40
C TYR A 138 10.85 -10.56 -4.73
N ALA A 139 11.77 -11.34 -5.29
CA ALA A 139 13.09 -10.81 -5.63
C ALA A 139 13.03 -9.55 -6.48
N GLU A 140 12.19 -9.57 -7.52
CA GLU A 140 12.06 -8.43 -8.44
C GLU A 140 11.33 -7.22 -7.87
N HIS A 141 10.74 -7.37 -6.69
CA HIS A 141 10.01 -6.28 -6.04
C HIS A 141 10.73 -5.81 -4.77
N ALA A 142 11.91 -6.36 -4.51
CA ALA A 142 12.69 -6.07 -3.30
C ALA A 142 13.12 -4.63 -3.03
N MET A 143 13.21 -3.81 -4.07
CA MET A 143 13.65 -2.42 -3.90
C MET A 143 12.48 -1.43 -3.85
N GLU A 144 11.29 -1.90 -4.15
CA GLU A 144 10.09 -1.07 -4.20
C GLU A 144 9.56 -0.46 -2.90
N ASP A 145 9.18 0.81 -2.99
CA ASP A 145 8.54 1.48 -1.89
C ASP A 145 7.62 2.59 -2.39
N ARG A 146 7.81 3.81 -1.92
CA ARG A 146 6.89 4.89 -2.27
C ARG A 146 7.46 6.21 -2.77
N THR A 147 6.56 7.08 -3.23
CA THR A 147 6.94 8.41 -3.67
C THR A 147 6.19 9.38 -2.76
N PHE A 148 6.85 10.47 -2.39
CA PHE A 148 6.24 11.47 -1.53
C PHE A 148 6.48 12.86 -2.13
N PRO A 149 5.85 13.15 -3.29
CA PRO A 149 6.05 14.46 -3.90
C PRO A 149 5.35 15.57 -3.11
N VAL A 150 5.98 16.74 -3.08
CA VAL A 150 5.40 17.88 -2.39
C VAL A 150 5.10 18.95 -3.43
N ASP A 151 3.84 19.03 -3.83
CA ASP A 151 3.39 19.98 -4.83
C ASP A 151 4.30 19.93 -6.05
N ARG A 152 4.75 21.09 -6.54
CA ARG A 152 5.64 21.12 -7.69
C ARG A 152 7.02 21.62 -7.24
N ASP A 153 7.28 21.52 -5.94
CA ASP A 153 8.55 21.98 -5.40
C ASP A 153 9.59 20.93 -5.03
N TRP A 154 9.14 19.78 -4.54
CA TRP A 154 10.06 18.72 -4.16
C TRP A 154 9.58 17.34 -4.53
N LEU A 155 10.53 16.43 -4.64
CA LEU A 155 10.22 15.04 -4.91
C LEU A 155 11.02 14.22 -3.91
N TYR A 156 10.30 13.46 -3.09
CA TYR A 156 10.96 12.56 -2.16
C TYR A 156 10.50 11.19 -2.63
N TYR A 157 11.41 10.23 -2.71
CA TYR A 157 11.02 8.89 -3.10
C TYR A 157 11.85 7.96 -2.24
N THR A 158 11.32 6.78 -1.97
CA THR A 158 12.02 5.82 -1.14
C THR A 158 12.26 4.51 -1.87
N VAL A 159 13.35 3.85 -1.53
CA VAL A 159 13.69 2.56 -2.12
C VAL A 159 14.30 1.73 -1.01
N ARG A 160 14.49 0.45 -1.29
CA ARG A 160 15.08 -0.47 -0.32
C ARG A 160 16.33 -1.10 -0.91
N VAL A 161 17.34 -1.33 -0.07
CA VAL A 161 18.58 -1.96 -0.52
C VAL A 161 18.90 -3.14 0.41
N PRO A 162 19.57 -4.18 -0.10
CA PRO A 162 19.93 -5.34 0.72
C PRO A 162 20.65 -4.87 1.98
N ALA A 163 20.26 -5.40 3.14
CA ALA A 163 20.85 -4.98 4.41
C ALA A 163 22.25 -5.51 4.71
N GLY A 164 22.55 -6.71 4.23
CA GLY A 164 23.87 -7.27 4.46
C GLY A 164 23.86 -8.74 4.84
N PRO A 165 25.04 -9.34 5.05
CA PRO A 165 25.14 -10.76 5.43
C PRO A 165 24.22 -11.12 6.59
N VAL A 166 23.56 -12.27 6.47
CA VAL A 166 22.64 -12.71 7.51
C VAL A 166 23.08 -14.00 8.19
N GLY A 167 23.17 -13.97 9.52
CA GLY A 167 23.56 -15.15 10.28
C GLY A 167 22.26 -15.81 10.69
N ILE A 168 22.03 -17.02 10.22
CA ILE A 168 20.80 -17.73 10.50
C ILE A 168 21.01 -18.90 11.46
N ILE A 169 20.47 -18.75 12.66
CA ILE A 169 20.60 -19.77 13.70
C ILE A 169 19.24 -20.45 13.84
N THR A 170 19.22 -21.74 13.50
CA THR A 170 17.98 -22.50 13.51
C THR A 170 17.84 -23.59 14.56
N PRO A 171 16.59 -23.96 14.89
CA PRO A 171 16.25 -24.98 15.88
C PRO A 171 16.33 -26.41 15.34
N TRP A 172 16.23 -27.38 16.23
CA TRP A 172 16.32 -28.78 15.84
C TRP A 172 15.01 -29.48 15.49
N ASN A 173 13.87 -28.89 15.81
CA ASN A 173 12.60 -29.57 15.53
C ASN A 173 12.23 -29.72 14.05
N ALA A 174 12.45 -28.67 13.25
CA ALA A 174 12.14 -28.72 11.81
C ALA A 174 13.29 -28.01 11.08
N PRO A 175 14.46 -28.67 11.04
CA PRO A 175 15.71 -28.21 10.42
C PRO A 175 15.59 -27.56 9.05
N LEU A 176 15.12 -28.33 8.07
CA LEU A 176 14.98 -27.84 6.70
C LEU A 176 13.91 -26.77 6.57
N MET A 177 12.74 -27.02 7.13
CA MET A 177 11.63 -26.08 7.05
C MET A 177 11.98 -24.70 7.61
N LEU A 178 12.42 -24.65 8.86
CA LEU A 178 12.74 -23.39 9.50
C LEU A 178 14.03 -22.72 9.04
N SER A 179 14.93 -23.48 8.40
CA SER A 179 16.16 -22.87 7.92
C SER A 179 15.89 -22.22 6.56
N THR A 180 15.16 -22.93 5.69
CA THR A 180 14.85 -22.38 4.37
C THR A 180 13.92 -21.18 4.47
N TRP A 181 13.09 -21.18 5.52
CA TRP A 181 12.15 -20.08 5.77
C TRP A 181 12.90 -18.74 5.92
N ARG A 182 14.13 -18.81 6.42
CA ARG A 182 14.95 -17.60 6.61
C ARG A 182 15.93 -17.43 5.45
N ILE A 183 16.48 -18.54 4.98
CA ILE A 183 17.44 -18.50 3.88
C ILE A 183 16.83 -17.98 2.58
N ALA A 184 15.62 -18.45 2.26
CA ALA A 184 14.95 -18.05 1.03
C ALA A 184 14.78 -16.52 0.91
N PRO A 185 14.15 -15.89 1.91
CA PRO A 185 14.00 -14.43 1.79
C PRO A 185 15.34 -13.71 1.77
N ALA A 186 16.27 -14.14 2.62
CA ALA A 186 17.59 -13.51 2.68
C ALA A 186 18.24 -13.49 1.30
N LEU A 187 18.27 -14.63 0.62
CA LEU A 187 18.88 -14.68 -0.71
C LEU A 187 18.07 -13.89 -1.73
N ALA A 188 16.76 -14.02 -1.67
CA ALA A 188 15.88 -13.33 -2.60
C ALA A 188 16.09 -11.82 -2.55
N PHE A 189 16.28 -11.30 -1.34
CA PHE A 189 16.46 -9.87 -1.14
C PHE A 189 17.88 -9.33 -1.32
N GLY A 190 18.76 -10.16 -1.86
CA GLY A 190 20.12 -9.72 -2.12
C GLY A 190 21.19 -9.88 -1.06
N ASN A 191 20.87 -10.61 0.01
CA ASN A 191 21.84 -10.81 1.09
C ASN A 191 22.54 -12.16 0.99
N THR A 192 23.74 -12.24 1.57
CA THR A 192 24.49 -13.49 1.59
C THR A 192 24.16 -14.16 2.93
N VAL A 193 24.57 -15.40 3.11
CA VAL A 193 24.19 -16.12 4.31
C VAL A 193 25.22 -17.04 4.97
N VAL A 194 25.10 -17.17 6.29
CA VAL A 194 25.93 -18.07 7.06
C VAL A 194 24.92 -18.78 7.97
N LEU A 195 24.71 -20.07 7.72
CA LEU A 195 23.76 -20.85 8.49
C LEU A 195 24.46 -21.66 9.58
N LYS A 196 23.89 -21.67 10.78
CA LYS A 196 24.42 -22.43 11.88
C LYS A 196 23.27 -23.29 12.41
N PRO A 197 23.18 -24.53 11.92
CA PRO A 197 22.14 -25.51 12.27
C PRO A 197 22.23 -26.01 13.70
N ALA A 198 21.10 -26.46 14.24
CA ALA A 198 21.09 -26.99 15.59
C ALA A 198 21.96 -28.24 15.58
N GLU A 199 22.78 -28.39 16.61
CA GLU A 199 23.68 -29.53 16.72
C GLU A 199 22.95 -30.88 16.83
N TRP A 200 21.70 -30.87 17.32
CA TRP A 200 20.94 -32.11 17.46
C TRP A 200 20.32 -32.64 16.16
N SER A 201 20.45 -31.89 15.07
CA SER A 201 19.91 -32.33 13.79
C SER A 201 20.59 -31.54 12.67
N PRO A 202 21.90 -31.75 12.50
CA PRO A 202 22.74 -31.07 11.50
C PRO A 202 22.73 -31.62 10.07
N PHE A 203 22.28 -32.84 9.88
CA PHE A 203 22.34 -33.46 8.54
C PHE A 203 21.59 -32.84 7.37
N THR A 204 20.32 -32.48 7.53
CA THR A 204 19.60 -31.91 6.39
C THR A 204 20.22 -30.59 5.91
N ALA A 205 20.93 -29.90 6.80
CA ALA A 205 21.57 -28.63 6.45
C ALA A 205 22.73 -28.85 5.46
N THR A 206 23.52 -29.88 5.72
CA THR A 206 24.64 -30.19 4.84
C THR A 206 24.06 -30.66 3.50
N LYS A 207 22.92 -31.34 3.56
CA LYS A 207 22.28 -31.80 2.34
C LYS A 207 21.80 -30.58 1.56
N LEU A 208 21.22 -29.61 2.28
CA LEU A 208 20.74 -28.39 1.63
C LEU A 208 21.91 -27.70 0.94
N ALA A 209 23.07 -27.71 1.59
CA ALA A 209 24.27 -27.08 1.03
C ALA A 209 24.66 -27.78 -0.27
N GLU A 210 24.55 -29.11 -0.29
CA GLU A 210 24.88 -29.85 -1.50
C GLU A 210 23.94 -29.39 -2.61
N ILE A 211 22.67 -29.24 -2.27
CA ILE A 211 21.65 -28.81 -3.22
C ILE A 211 21.92 -27.40 -3.74
N LEU A 212 22.31 -26.48 -2.87
CA LEU A 212 22.59 -25.12 -3.32
C LEU A 212 23.80 -25.12 -4.23
N LYS A 213 24.73 -26.05 -3.98
CA LYS A 213 25.92 -26.15 -4.82
C LYS A 213 25.50 -26.73 -6.17
N GLU A 214 24.54 -27.66 -6.15
CA GLU A 214 24.05 -28.27 -7.38
C GLU A 214 23.31 -27.22 -8.20
N ALA A 215 22.76 -26.21 -7.52
CA ALA A 215 22.06 -25.13 -8.19
C ALA A 215 23.07 -24.14 -8.74
N ASP A 216 24.34 -24.40 -8.46
CA ASP A 216 25.46 -23.57 -8.91
C ASP A 216 25.38 -22.14 -8.40
N LEU A 217 25.02 -22.01 -7.12
CA LEU A 217 24.93 -20.70 -6.48
C LEU A 217 26.36 -20.18 -6.39
N PRO A 218 26.59 -18.88 -6.69
CA PRO A 218 27.96 -18.35 -6.61
C PRO A 218 28.61 -18.64 -5.26
N PRO A 219 29.94 -18.88 -5.26
CA PRO A 219 30.68 -19.17 -4.02
C PRO A 219 30.64 -18.03 -3.01
N GLY A 220 30.46 -18.39 -1.74
CA GLY A 220 30.42 -17.38 -0.70
C GLY A 220 29.04 -16.83 -0.41
N VAL A 221 28.12 -17.00 -1.36
CA VAL A 221 26.76 -16.51 -1.19
C VAL A 221 26.06 -17.26 -0.05
N PHE A 222 26.24 -18.57 0.00
CA PHE A 222 25.65 -19.38 1.07
C PHE A 222 26.73 -20.18 1.76
N ASN A 223 26.84 -19.99 3.07
CA ASN A 223 27.83 -20.70 3.86
C ASN A 223 27.17 -21.44 4.99
N LEU A 224 27.78 -22.55 5.39
CA LEU A 224 27.25 -23.37 6.46
C LEU A 224 28.36 -23.74 7.44
N VAL A 225 28.05 -23.65 8.72
CA VAL A 225 29.02 -24.00 9.76
C VAL A 225 28.35 -24.82 10.85
N GLN A 226 28.59 -26.13 10.83
CA GLN A 226 28.05 -27.04 11.83
C GLN A 226 28.76 -26.79 13.16
N GLY A 227 28.07 -27.05 14.26
CA GLY A 227 28.68 -26.85 15.56
C GLY A 227 27.71 -26.56 16.69
N PHE A 228 28.26 -26.49 17.90
CA PHE A 228 27.47 -26.21 19.09
C PHE A 228 27.13 -24.73 19.16
N GLY A 229 26.02 -24.43 19.84
CA GLY A 229 25.60 -23.05 19.97
C GLY A 229 26.62 -22.21 20.72
N GLU A 230 27.18 -22.78 21.79
CA GLU A 230 28.15 -22.08 22.60
C GLU A 230 29.45 -21.78 21.86
N GLU A 231 29.71 -22.52 20.78
CA GLU A 231 30.93 -22.34 20.01
C GLU A 231 30.70 -21.63 18.67
N ALA A 232 30.25 -22.37 17.66
CA ALA A 232 30.00 -21.78 16.35
C ALA A 232 28.87 -20.76 16.43
N GLY A 233 27.84 -21.08 17.21
CA GLY A 233 26.72 -20.18 17.36
C GLY A 233 27.13 -18.84 17.92
N ALA A 234 27.74 -18.86 19.11
CA ALA A 234 28.20 -17.65 19.78
C ALA A 234 29.17 -16.85 18.92
N ALA A 235 30.05 -17.54 18.22
CA ALA A 235 31.02 -16.86 17.36
C ALA A 235 30.31 -16.11 16.23
N LEU A 236 29.27 -16.72 15.67
CA LEU A 236 28.52 -16.07 14.58
C LEU A 236 27.84 -14.79 15.06
N VAL A 237 27.24 -14.86 16.24
CA VAL A 237 26.55 -13.70 16.81
C VAL A 237 27.54 -12.57 17.03
N ALA A 238 28.74 -12.93 17.48
CA ALA A 238 29.77 -11.94 17.77
C ALA A 238 30.54 -11.39 16.58
N HIS A 239 30.50 -12.08 15.45
CA HIS A 239 31.28 -11.64 14.29
C HIS A 239 30.88 -10.31 13.66
N PRO A 240 31.85 -9.38 13.54
CA PRO A 240 31.72 -8.03 12.97
C PRO A 240 31.17 -7.93 11.55
N LEU A 241 31.37 -8.97 10.75
CA LEU A 241 30.92 -8.91 9.36
C LEU A 241 29.51 -9.47 9.07
N VAL A 242 28.78 -9.86 10.10
CA VAL A 242 27.43 -10.38 9.89
C VAL A 242 26.46 -9.50 10.70
N PRO A 243 26.02 -8.39 10.10
CA PRO A 243 25.10 -7.43 10.72
C PRO A 243 23.69 -7.89 11.06
N LEU A 244 23.18 -8.90 10.36
CA LEU A 244 21.84 -9.41 10.62
C LEU A 244 21.86 -10.82 11.20
N LEU A 245 20.95 -11.07 12.13
CA LEU A 245 20.82 -12.37 12.78
C LEU A 245 19.37 -12.80 12.89
N THR A 246 19.07 -14.01 12.46
CA THR A 246 17.71 -14.52 12.63
C THR A 246 17.90 -15.63 13.64
N LEU A 247 16.96 -15.74 14.58
CA LEU A 247 17.06 -16.77 15.58
C LEU A 247 15.69 -17.40 15.79
N THR A 248 15.68 -18.71 15.92
CA THR A 248 14.45 -19.45 16.17
C THR A 248 14.79 -20.44 17.27
N GLY A 249 14.34 -20.16 18.48
CA GLY A 249 14.63 -21.03 19.60
C GLY A 249 13.96 -20.59 20.89
N GLU A 250 14.61 -20.82 22.02
CA GLU A 250 14.08 -20.46 23.33
C GLU A 250 14.21 -18.98 23.64
N THR A 251 13.34 -18.50 24.52
CA THR A 251 13.33 -17.10 24.92
C THR A 251 14.65 -16.67 25.56
N GLU A 252 15.14 -17.48 26.50
CA GLU A 252 16.40 -17.19 27.17
C GLU A 252 17.57 -17.12 26.19
N THR A 253 17.53 -17.94 25.16
CA THR A 253 18.58 -17.94 24.14
C THR A 253 18.52 -16.59 23.44
N GLY A 254 17.32 -16.08 23.27
CA GLY A 254 17.13 -14.78 22.62
C GLY A 254 17.81 -13.68 23.41
N LYS A 255 17.70 -13.77 24.73
CA LYS A 255 18.32 -12.77 25.61
C LYS A 255 19.83 -12.83 25.49
N ILE A 256 20.37 -14.05 25.50
CA ILE A 256 21.81 -14.24 25.39
C ILE A 256 22.30 -13.69 24.05
N VAL A 257 21.62 -14.08 22.98
CA VAL A 257 21.98 -13.64 21.64
C VAL A 257 21.89 -12.12 21.50
N MET A 258 20.82 -11.54 22.03
CA MET A 258 20.64 -10.10 21.93
C MET A 258 21.75 -9.36 22.68
N ARG A 259 22.05 -9.83 23.88
CA ARG A 259 23.08 -9.22 24.72
C ARG A 259 24.42 -9.19 23.97
N ASN A 260 24.79 -10.32 23.38
CA ASN A 260 26.04 -10.42 22.64
C ASN A 260 25.99 -9.64 21.32
N ALA A 261 24.80 -9.53 20.73
CA ALA A 261 24.62 -8.80 19.48
C ALA A 261 24.82 -7.29 19.66
N ALA A 262 24.58 -6.81 20.88
CA ALA A 262 24.73 -5.39 21.17
C ALA A 262 26.15 -4.89 20.84
N ASP A 263 27.14 -5.76 21.05
CA ASP A 263 28.53 -5.41 20.77
C ASP A 263 28.73 -4.83 19.36
N HIS A 264 27.89 -5.23 18.42
CA HIS A 264 27.99 -4.71 17.06
C HIS A 264 26.67 -4.12 16.58
N LEU A 265 25.80 -3.81 17.52
CA LEU A 265 24.49 -3.23 17.21
C LEU A 265 23.79 -3.97 16.08
N LYS A 266 23.81 -5.31 16.16
CA LYS A 266 23.20 -6.14 15.14
C LYS A 266 21.68 -6.15 15.14
N ARG A 267 21.10 -6.31 13.96
CA ARG A 267 19.66 -6.36 13.79
C ARG A 267 19.27 -7.82 14.01
N LEU A 268 18.27 -8.05 14.84
CA LEU A 268 17.83 -9.41 15.16
C LEU A 268 16.37 -9.67 14.80
N SER A 269 16.09 -10.87 14.29
CA SER A 269 14.73 -11.28 13.96
C SER A 269 14.47 -12.59 14.68
N PRO A 270 14.09 -12.52 15.96
CA PRO A 270 13.83 -13.73 16.74
C PRO A 270 12.38 -14.23 16.81
N GLU A 271 12.24 -15.53 16.62
CA GLU A 271 10.96 -16.21 16.72
C GLU A 271 11.27 -17.13 17.91
N LEU A 272 10.79 -16.77 19.09
CA LEU A 272 11.08 -17.54 20.29
C LEU A 272 9.99 -18.54 20.66
N GLY A 273 9.91 -18.89 21.94
CA GLY A 273 8.92 -19.86 22.36
C GLY A 273 7.49 -19.37 22.41
N GLY A 274 6.65 -20.16 23.09
CA GLY A 274 5.26 -19.81 23.23
C GLY A 274 4.52 -20.77 24.13
N LYS A 275 3.34 -20.35 24.58
CA LYS A 275 2.50 -21.17 25.43
C LYS A 275 1.10 -20.85 24.90
N SER A 276 0.96 -21.00 23.58
CA SER A 276 -0.27 -20.71 22.86
C SER A 276 -1.50 -21.40 23.41
N PRO A 277 -2.53 -20.62 23.74
CA PRO A 277 -3.76 -21.23 24.27
C PRO A 277 -4.79 -21.56 23.20
N ALA A 278 -5.64 -22.53 23.51
CA ALA A 278 -6.73 -22.93 22.63
C ALA A 278 -7.97 -22.72 23.50
N LEU A 279 -8.85 -21.81 23.08
CA LEU A 279 -10.07 -21.51 23.82
C LEU A 279 -11.28 -22.17 23.18
N VAL A 280 -11.89 -23.11 23.89
CA VAL A 280 -13.06 -23.82 23.37
C VAL A 280 -14.35 -23.41 24.08
N PHE A 281 -15.27 -22.83 23.33
CA PHE A 281 -16.56 -22.40 23.87
C PHE A 281 -17.65 -23.43 23.58
N ALA A 282 -18.62 -23.49 24.49
CA ALA A 282 -19.71 -24.45 24.37
C ALA A 282 -20.50 -24.39 23.07
N ASP A 283 -20.53 -23.22 22.44
CA ASP A 283 -21.29 -23.06 21.20
C ASP A 283 -20.54 -23.42 19.92
N ALA A 284 -19.27 -23.80 20.05
CA ALA A 284 -18.46 -24.13 18.88
C ALA A 284 -18.77 -25.50 18.28
N ASP A 285 -18.22 -25.75 17.10
CA ASP A 285 -18.39 -27.05 16.45
C ASP A 285 -17.38 -27.87 17.25
N LEU A 286 -17.86 -28.62 18.24
CA LEU A 286 -16.99 -29.39 19.10
C LEU A 286 -16.27 -30.58 18.46
N GLU A 287 -16.82 -31.10 17.37
CA GLU A 287 -16.18 -32.21 16.68
C GLU A 287 -14.94 -31.69 15.96
N ARG A 288 -15.06 -30.50 15.36
CA ARG A 288 -13.91 -29.92 14.66
C ARG A 288 -12.89 -29.44 15.69
N ALA A 289 -13.38 -28.82 16.76
CA ALA A 289 -12.51 -28.33 17.82
C ALA A 289 -11.67 -29.46 18.42
N LEU A 290 -12.29 -30.61 18.64
CA LEU A 290 -11.58 -31.77 19.20
C LEU A 290 -10.44 -32.19 18.28
N ASP A 291 -10.73 -32.30 16.99
CA ASP A 291 -9.73 -32.69 16.00
C ASP A 291 -8.60 -31.67 15.96
N ALA A 292 -8.95 -30.39 15.95
CA ALA A 292 -7.97 -29.32 15.87
C ALA A 292 -7.05 -29.29 17.08
N VAL A 293 -7.64 -29.32 18.27
CA VAL A 293 -6.86 -29.27 19.50
C VAL A 293 -5.95 -30.48 19.67
N VAL A 294 -6.44 -31.68 19.36
CA VAL A 294 -5.62 -32.87 19.49
C VAL A 294 -4.42 -32.75 18.57
N PHE A 295 -4.65 -32.34 17.33
CA PHE A 295 -3.57 -32.20 16.37
C PHE A 295 -2.59 -31.08 16.71
N GLN A 296 -3.11 -29.91 17.07
CA GLN A 296 -2.26 -28.75 17.35
C GLN A 296 -1.30 -28.90 18.54
N ILE A 297 -1.55 -29.85 19.44
CA ILE A 297 -0.61 -30.04 20.53
C ILE A 297 0.24 -31.30 20.35
N PHE A 298 -0.32 -32.33 19.74
CA PHE A 298 0.42 -33.58 19.58
C PHE A 298 1.21 -33.77 18.28
N SER A 299 0.86 -33.04 17.23
CA SER A 299 1.59 -33.14 15.97
C SER A 299 2.99 -32.58 16.22
N PHE A 300 3.95 -32.93 15.37
CA PHE A 300 5.33 -32.46 15.56
C PHE A 300 5.84 -33.00 16.89
N ASN A 301 5.17 -34.04 17.38
CA ASN A 301 5.53 -34.65 18.68
C ASN A 301 5.43 -33.57 19.76
N GLY A 302 4.62 -32.56 19.52
CA GLY A 302 4.46 -31.48 20.48
C GLY A 302 5.68 -30.58 20.48
N GLU A 303 6.62 -30.84 19.58
CA GLU A 303 7.83 -30.05 19.50
C GLU A 303 7.76 -28.96 18.43
N ARG A 304 6.94 -27.94 18.69
CA ARG A 304 6.78 -26.81 17.79
C ARG A 304 6.33 -25.59 18.59
N CYS A 305 6.84 -24.42 18.21
CA CYS A 305 6.53 -23.18 18.91
C CYS A 305 5.06 -22.77 18.98
N THR A 306 4.28 -23.15 17.97
CA THR A 306 2.86 -22.79 17.93
C THR A 306 1.92 -23.84 18.52
N ALA A 307 2.47 -24.79 19.26
CA ALA A 307 1.66 -25.84 19.86
C ALA A 307 0.67 -25.26 20.87
N SER A 308 -0.57 -25.73 20.86
CA SER A 308 -1.56 -25.25 21.80
C SER A 308 -1.38 -26.04 23.09
N SER A 309 -0.37 -25.66 23.87
CA SER A 309 -0.03 -26.33 25.12
C SER A 309 -0.97 -26.07 26.29
N ARG A 310 -1.87 -25.11 26.13
CA ARG A 310 -2.85 -24.82 27.16
C ARG A 310 -4.22 -24.93 26.53
N LEU A 311 -5.12 -25.69 27.15
CA LEU A 311 -6.47 -25.85 26.61
C LEU A 311 -7.48 -25.26 27.58
N LEU A 312 -8.01 -24.10 27.22
CA LEU A 312 -9.01 -23.42 28.03
C LEU A 312 -10.40 -23.82 27.54
N VAL A 313 -11.15 -24.51 28.39
CA VAL A 313 -12.49 -24.97 28.04
C VAL A 313 -13.56 -24.42 28.98
N GLU A 314 -14.65 -23.95 28.39
CA GLU A 314 -15.77 -23.39 29.13
C GLU A 314 -16.29 -24.46 30.11
N GLU A 315 -16.41 -24.08 31.37
CA GLU A 315 -16.86 -24.98 32.43
C GLU A 315 -18.01 -25.92 32.09
N LYS A 316 -19.08 -25.39 31.52
CA LYS A 316 -20.25 -26.21 31.20
C LYS A 316 -19.98 -27.43 30.33
N ILE A 317 -18.86 -27.42 29.60
CA ILE A 317 -18.51 -28.57 28.76
C ILE A 317 -17.12 -29.11 29.07
N PHE A 318 -16.51 -28.61 30.13
CA PHE A 318 -15.17 -29.03 30.51
C PHE A 318 -15.03 -30.55 30.68
N GLU A 319 -15.91 -31.13 31.49
CA GLU A 319 -15.87 -32.56 31.75
C GLU A 319 -16.01 -33.41 30.50
N ASP A 320 -17.02 -33.13 29.69
CA ASP A 320 -17.24 -33.91 28.48
C ASP A 320 -16.11 -33.74 27.46
N PHE A 321 -15.86 -32.50 27.05
CA PHE A 321 -14.84 -32.22 26.04
C PHE A 321 -13.43 -32.66 26.42
N VAL A 322 -12.96 -32.29 27.61
CA VAL A 322 -11.62 -32.68 28.01
C VAL A 322 -11.52 -34.20 28.07
N GLY A 323 -12.60 -34.86 28.48
CA GLY A 323 -12.61 -36.30 28.54
C GLY A 323 -12.40 -36.88 27.15
N LYS A 324 -13.02 -36.25 26.15
CA LYS A 324 -12.88 -36.70 24.78
C LYS A 324 -11.44 -36.47 24.28
N VAL A 325 -10.81 -35.42 24.80
CA VAL A 325 -9.44 -35.12 24.41
C VAL A 325 -8.52 -36.21 24.95
N VAL A 326 -8.77 -36.62 26.19
CA VAL A 326 -7.97 -37.66 26.83
C VAL A 326 -8.03 -38.97 26.05
N GLU A 327 -9.24 -39.39 25.68
CA GLU A 327 -9.40 -40.63 24.94
C GLU A 327 -8.69 -40.58 23.60
N ARG A 328 -8.74 -39.43 22.94
CA ARG A 328 -8.05 -39.28 21.65
C ARG A 328 -6.54 -39.41 21.85
N ALA A 329 -6.01 -38.73 22.87
CA ALA A 329 -4.57 -38.80 23.14
C ALA A 329 -4.16 -40.23 23.46
N ARG A 330 -5.03 -40.94 24.16
CA ARG A 330 -4.77 -42.33 24.53
C ARG A 330 -4.66 -43.19 23.28
N ALA A 331 -5.43 -42.86 22.24
CA ALA A 331 -5.43 -43.62 21.00
C ALA A 331 -4.36 -43.20 19.99
N ILE A 332 -3.60 -42.15 20.30
CA ILE A 332 -2.54 -41.67 19.40
C ILE A 332 -1.56 -42.82 19.09
N ARG A 333 -1.22 -43.00 17.82
CA ARG A 333 -0.29 -44.06 17.45
C ARG A 333 1.15 -43.62 17.70
N VAL A 334 1.79 -44.23 18.69
CA VAL A 334 3.17 -43.92 19.03
C VAL A 334 4.05 -45.00 18.41
N GLY A 335 5.02 -44.58 17.59
CA GLY A 335 5.89 -45.55 16.96
C GLY A 335 7.06 -44.95 16.21
N HIS A 336 7.70 -45.75 15.37
CA HIS A 336 8.86 -45.32 14.63
C HIS A 336 8.51 -44.25 13.60
N PRO A 337 9.32 -43.20 13.50
CA PRO A 337 9.12 -42.09 12.57
C PRO A 337 8.96 -42.50 11.10
N LEU A 338 9.72 -43.51 10.68
CA LEU A 338 9.66 -43.95 9.30
C LEU A 338 8.37 -44.67 8.95
N ASP A 339 7.68 -45.17 9.97
CA ASP A 339 6.43 -45.86 9.76
C ASP A 339 5.39 -44.81 9.35
N PRO A 340 4.78 -44.97 8.17
CA PRO A 340 3.78 -44.03 7.66
C PRO A 340 2.48 -43.96 8.48
N GLU A 341 2.30 -44.93 9.39
CA GLU A 341 1.11 -44.98 10.24
C GLU A 341 1.31 -44.21 11.55
N THR A 342 2.57 -44.04 11.94
CA THR A 342 2.91 -43.33 13.17
C THR A 342 2.38 -41.91 13.21
N GLU A 343 1.85 -41.53 14.37
CA GLU A 343 1.33 -40.18 14.59
C GLU A 343 2.28 -39.39 15.49
N VAL A 344 2.81 -40.05 16.51
CA VAL A 344 3.76 -39.42 17.43
C VAL A 344 5.03 -40.26 17.55
N GLY A 345 6.17 -39.64 17.25
CA GLY A 345 7.44 -40.33 17.32
C GLY A 345 8.22 -39.95 18.57
N PRO A 346 9.52 -40.30 18.64
CA PRO A 346 10.38 -40.00 19.79
C PRO A 346 10.84 -38.54 19.83
N LEU A 347 11.13 -38.04 21.02
CA LEU A 347 11.61 -36.68 21.16
C LEU A 347 13.04 -36.60 20.63
N ILE A 348 13.48 -35.39 20.31
CA ILE A 348 14.80 -35.16 19.71
C ILE A 348 16.05 -35.77 20.33
N HIS A 349 16.16 -35.72 21.64
CA HIS A 349 17.37 -36.20 22.32
C HIS A 349 17.00 -36.63 23.73
N PRO A 350 17.76 -37.56 24.33
CA PRO A 350 17.38 -37.95 25.69
C PRO A 350 17.44 -36.78 26.68
N GLU A 351 18.30 -35.80 26.41
CA GLU A 351 18.41 -34.65 27.29
C GLU A 351 17.14 -33.81 27.25
N HIS A 352 16.47 -33.81 26.10
CA HIS A 352 15.23 -33.05 25.99
C HIS A 352 14.12 -33.83 26.67
N LEU A 353 14.12 -35.15 26.48
CA LEU A 353 13.11 -36.01 27.12
C LEU A 353 13.22 -35.85 28.64
N GLN A 354 14.44 -35.68 29.12
CA GLN A 354 14.67 -35.50 30.55
C GLN A 354 14.04 -34.20 31.03
N ARG A 355 14.24 -33.13 30.26
CA ARG A 355 13.67 -31.84 30.60
C ARG A 355 12.15 -31.91 30.62
N VAL A 356 11.56 -32.60 29.64
CA VAL A 356 10.10 -32.71 29.57
C VAL A 356 9.56 -33.55 30.73
N LEU A 357 10.25 -34.63 31.07
CA LEU A 357 9.83 -35.46 32.19
C LEU A 357 9.92 -34.64 33.46
N GLY A 358 10.87 -33.71 33.47
CA GLY A 358 11.06 -32.84 34.62
C GLY A 358 9.85 -31.96 34.83
N TYR A 359 9.23 -31.51 33.73
CA TYR A 359 8.04 -30.68 33.83
C TYR A 359 6.86 -31.53 34.28
N VAL A 360 6.77 -32.75 33.75
CA VAL A 360 5.68 -33.64 34.13
C VAL A 360 5.69 -33.85 35.64
N GLU A 361 6.88 -34.17 36.17
CA GLU A 361 7.04 -34.41 37.60
C GLU A 361 6.67 -33.15 38.39
N ALA A 362 7.16 -32.01 37.92
CA ALA A 362 6.87 -30.74 38.57
C ALA A 362 5.37 -30.48 38.60
N GLY A 363 4.70 -30.86 37.52
CA GLY A 363 3.27 -30.67 37.44
C GLY A 363 2.56 -31.48 38.52
N LYS A 364 3.00 -32.72 38.71
CA LYS A 364 2.41 -33.57 39.74
C LYS A 364 2.63 -32.95 41.11
N ARG A 365 3.86 -32.56 41.39
CA ARG A 365 4.22 -31.97 42.68
C ARG A 365 3.50 -30.67 43.00
N GLU A 366 2.93 -30.01 41.99
CA GLU A 366 2.23 -28.76 42.23
C GLU A 366 0.71 -28.89 42.20
N GLY A 367 0.22 -30.13 42.23
CA GLY A 367 -1.22 -30.33 42.26
C GLY A 367 -1.94 -30.61 40.95
N ALA A 368 -1.25 -30.51 39.82
CA ALA A 368 -1.88 -30.77 38.53
C ALA A 368 -2.37 -32.22 38.52
N ARG A 369 -3.55 -32.43 37.94
CA ARG A 369 -4.15 -33.76 37.88
C ARG A 369 -3.82 -34.49 36.55
N LEU A 370 -2.94 -35.46 36.62
CA LEU A 370 -2.53 -36.24 35.45
C LEU A 370 -3.62 -37.21 35.02
N LEU A 371 -4.16 -36.99 33.82
CA LEU A 371 -5.24 -37.83 33.29
C LEU A 371 -4.77 -38.97 32.38
N VAL A 372 -3.66 -38.75 31.68
CA VAL A 372 -3.13 -39.77 30.79
C VAL A 372 -1.68 -39.46 30.39
N GLY A 373 -0.93 -40.51 30.04
CA GLY A 373 0.46 -40.33 29.67
C GLY A 373 1.31 -39.97 30.87
N GLY A 374 2.18 -38.99 30.71
CA GLY A 374 3.03 -38.56 31.81
C GLY A 374 4.24 -39.44 32.08
N GLU A 375 4.51 -40.39 31.17
CA GLU A 375 5.65 -41.29 31.32
C GLU A 375 6.14 -41.79 29.97
N ARG A 376 7.31 -42.42 29.97
CA ARG A 376 7.90 -42.96 28.75
C ARG A 376 7.00 -43.99 28.12
N ALA A 377 7.01 -44.07 26.80
CA ALA A 377 6.21 -45.05 26.09
C ALA A 377 7.04 -46.33 26.03
N LYS A 378 6.45 -47.45 26.42
CA LYS A 378 7.16 -48.72 26.43
C LYS A 378 6.92 -49.53 25.16
N THR A 379 5.69 -49.46 24.65
CA THR A 379 5.33 -50.20 23.45
C THR A 379 4.73 -49.30 22.38
N SER A 380 4.91 -49.68 21.12
CA SER A 380 4.38 -48.90 20.01
C SER A 380 2.97 -49.41 19.69
N PHE A 381 2.34 -48.78 18.70
CA PHE A 381 0.99 -49.19 18.31
C PHE A 381 1.07 -50.49 17.51
N ARG A 382 2.28 -51.03 17.39
CA ARG A 382 2.50 -52.29 16.67
C ARG A 382 3.18 -53.31 17.56
N GLY A 383 3.19 -53.05 18.87
CA GLY A 383 3.82 -53.97 19.81
C GLY A 383 5.33 -53.85 19.96
N GLU A 384 5.98 -53.13 19.06
CA GLU A 384 7.42 -52.95 19.10
C GLU A 384 7.88 -52.34 20.43
N ASP A 385 9.02 -52.80 20.95
CA ASP A 385 9.56 -52.26 22.19
C ASP A 385 10.22 -50.93 21.86
N LEU A 386 9.84 -49.88 22.61
CA LEU A 386 10.37 -48.55 22.35
C LEU A 386 11.27 -48.00 23.45
N SER A 387 11.79 -48.87 24.30
CA SER A 387 12.66 -48.43 25.39
C SER A 387 13.98 -47.80 24.91
N ARG A 388 14.45 -48.21 23.73
CA ARG A 388 15.71 -47.69 23.20
C ARG A 388 15.61 -46.25 22.68
N GLY A 389 14.40 -45.78 22.39
CA GLY A 389 14.23 -44.44 21.90
C GLY A 389 13.72 -43.46 22.96
N ASN A 390 13.62 -42.18 22.61
CA ASN A 390 13.15 -41.17 23.55
C ASN A 390 11.65 -40.91 23.40
N TYR A 391 10.85 -41.96 23.50
CA TYR A 391 9.40 -41.83 23.35
C TYR A 391 8.64 -41.47 24.62
N LEU A 392 7.81 -40.43 24.51
CA LEU A 392 6.97 -39.98 25.62
C LEU A 392 5.52 -40.15 25.18
N LEU A 393 4.68 -40.68 26.05
CA LEU A 393 3.27 -40.87 25.71
C LEU A 393 2.56 -39.51 25.70
N PRO A 394 1.60 -39.33 24.78
CA PRO A 394 0.87 -38.05 24.74
C PRO A 394 0.31 -37.83 26.16
N THR A 395 0.55 -36.65 26.70
CA THR A 395 0.15 -36.32 28.07
C THR A 395 -0.91 -35.23 28.23
N VAL A 396 -1.83 -35.45 29.16
CA VAL A 396 -2.88 -34.47 29.44
C VAL A 396 -3.06 -34.26 30.95
N PHE A 397 -2.91 -33.02 31.37
CA PHE A 397 -3.08 -32.63 32.77
C PHE A 397 -4.25 -31.68 32.87
N VAL A 398 -4.91 -31.66 34.03
CA VAL A 398 -5.97 -30.71 34.30
C VAL A 398 -5.26 -29.86 35.34
N GLY A 399 -5.28 -28.54 35.19
CA GLY A 399 -4.59 -27.72 36.18
C GLY A 399 -5.04 -26.28 36.22
N GLU A 400 -4.21 -25.44 36.83
CA GLU A 400 -4.50 -24.01 36.96
C GLU A 400 -3.52 -23.22 36.11
N ASN A 401 -4.00 -22.13 35.54
CA ASN A 401 -3.17 -21.29 34.68
C ASN A 401 -1.88 -20.78 35.32
N HIS A 402 -1.90 -20.55 36.63
CA HIS A 402 -0.72 -20.05 37.31
C HIS A 402 0.35 -21.11 37.60
N MET A 403 0.05 -22.36 37.29
CA MET A 403 1.01 -23.43 37.54
C MET A 403 2.22 -23.34 36.63
N LYS A 404 3.33 -23.90 37.09
CA LYS A 404 4.58 -23.90 36.34
C LYS A 404 4.38 -24.54 34.96
N ILE A 405 3.71 -25.70 34.91
CA ILE A 405 3.50 -26.38 33.63
C ILE A 405 2.58 -25.62 32.69
N ALA A 406 1.92 -24.59 33.19
CA ALA A 406 1.04 -23.79 32.37
C ALA A 406 1.72 -22.50 31.96
N GLN A 407 2.73 -22.09 32.75
CA GLN A 407 3.47 -20.86 32.50
C GLN A 407 4.74 -21.00 31.68
N GLU A 408 5.35 -22.17 31.69
CA GLU A 408 6.59 -22.36 30.96
C GLU A 408 6.45 -23.30 29.76
N GLU A 409 7.18 -23.01 28.69
CA GLU A 409 7.13 -23.84 27.50
C GLU A 409 7.80 -25.18 27.80
N ILE A 410 7.13 -26.27 27.45
CA ILE A 410 7.64 -27.62 27.67
C ILE A 410 8.25 -28.16 26.38
N PHE A 411 7.61 -27.85 25.25
CA PHE A 411 8.08 -28.29 23.94
C PHE A 411 8.04 -29.81 23.84
N GLY A 412 6.92 -30.37 24.30
CA GLY A 412 6.73 -31.80 24.26
C GLY A 412 5.25 -32.08 24.10
N PRO A 413 4.85 -33.34 23.86
CA PRO A 413 3.42 -33.64 23.69
C PRO A 413 2.70 -33.65 25.04
N VAL A 414 2.71 -32.51 25.71
CA VAL A 414 2.08 -32.35 27.02
C VAL A 414 1.07 -31.21 27.00
N LEU A 415 -0.18 -31.53 27.32
CA LEU A 415 -1.27 -30.56 27.33
C LEU A 415 -1.80 -30.32 28.76
N VAL A 416 -2.13 -29.07 29.06
CA VAL A 416 -2.70 -28.71 30.36
C VAL A 416 -4.07 -28.11 30.11
N ALA A 417 -5.12 -28.76 30.64
CA ALA A 417 -6.48 -28.27 30.47
C ALA A 417 -6.88 -27.37 31.65
N ILE A 418 -7.35 -26.17 31.33
CA ILE A 418 -7.75 -25.20 32.35
C ILE A 418 -9.18 -24.73 32.07
N PRO A 419 -10.01 -24.62 33.11
CA PRO A 419 -11.40 -24.17 32.94
C PRO A 419 -11.61 -22.66 33.05
N PHE A 420 -12.65 -22.16 32.41
CA PHE A 420 -13.01 -20.74 32.48
C PHE A 420 -14.54 -20.63 32.55
N LYS A 421 -15.02 -19.70 33.37
CA LYS A 421 -16.46 -19.52 33.54
C LYS A 421 -17.12 -18.69 32.45
N ASP A 422 -16.37 -17.75 31.86
CA ASP A 422 -16.94 -16.92 30.81
C ASP A 422 -15.88 -16.30 29.90
N GLU A 423 -16.34 -15.60 28.86
CA GLU A 423 -15.45 -14.97 27.90
C GLU A 423 -14.37 -14.13 28.56
N GLU A 424 -14.78 -13.26 29.48
CA GLU A 424 -13.83 -12.39 30.19
C GLU A 424 -12.71 -13.17 30.86
N GLU A 425 -13.06 -14.27 31.53
CA GLU A 425 -12.06 -15.08 32.21
C GLU A 425 -11.18 -15.86 31.23
N ALA A 426 -11.80 -16.35 30.15
CA ALA A 426 -11.05 -17.10 29.14
C ALA A 426 -9.95 -16.19 28.58
N LEU A 427 -10.30 -14.94 28.31
CA LEU A 427 -9.36 -13.95 27.77
C LEU A 427 -8.27 -13.60 28.77
N ARG A 428 -8.68 -13.35 30.02
CA ARG A 428 -7.73 -13.01 31.07
C ARG A 428 -6.68 -14.12 31.19
N LYS A 429 -7.14 -15.35 31.37
CA LYS A 429 -6.23 -16.48 31.50
C LYS A 429 -5.39 -16.71 30.25
N ALA A 430 -5.99 -16.51 29.08
CA ALA A 430 -5.26 -16.70 27.84
C ALA A 430 -4.08 -15.73 27.74
N ASN A 431 -4.29 -14.48 28.13
CA ASN A 431 -3.22 -13.48 28.06
C ASN A 431 -2.27 -13.49 29.24
N ASP A 432 -2.62 -14.20 30.30
CA ASP A 432 -1.77 -14.24 31.48
C ASP A 432 -0.62 -15.23 31.31
N THR A 433 0.28 -14.88 30.40
CA THR A 433 1.45 -15.68 30.07
C THR A 433 2.56 -14.70 29.68
N LYS A 434 3.82 -15.13 29.79
CA LYS A 434 4.91 -14.25 29.41
C LYS A 434 5.11 -14.36 27.89
N TYR A 435 4.41 -15.32 27.29
CA TYR A 435 4.50 -15.54 25.84
C TYR A 435 3.41 -14.84 25.05
N GLY A 436 3.46 -14.98 23.73
CA GLY A 436 2.47 -14.37 22.88
C GLY A 436 2.72 -14.67 21.40
N LEU A 437 2.76 -15.96 21.06
CA LEU A 437 2.99 -16.35 19.68
C LEU A 437 1.67 -16.59 18.94
N ALA A 438 0.94 -17.61 19.36
CA ALA A 438 -0.33 -17.93 18.72
C ALA A 438 -1.45 -18.14 19.72
N ALA A 439 -2.67 -18.24 19.19
CA ALA A 439 -3.84 -18.47 20.01
C ALA A 439 -4.90 -19.07 19.09
N TYR A 440 -5.74 -19.94 19.63
CA TYR A 440 -6.79 -20.57 18.85
C TYR A 440 -8.12 -20.35 19.57
N VAL A 441 -9.16 -19.98 18.82
CA VAL A 441 -10.47 -19.74 19.41
C VAL A 441 -11.54 -20.54 18.68
N PHE A 442 -12.27 -21.36 19.43
CA PHE A 442 -13.32 -22.15 18.83
C PHE A 442 -14.68 -21.72 19.35
N THR A 443 -15.45 -21.06 18.49
CA THR A 443 -16.77 -20.56 18.84
C THR A 443 -17.50 -20.18 17.55
N ARG A 444 -18.82 -20.30 17.55
CA ARG A 444 -19.60 -19.97 16.36
C ARG A 444 -20.10 -18.52 16.37
N ASP A 445 -20.02 -17.86 17.52
CA ASP A 445 -20.49 -16.49 17.64
C ASP A 445 -19.56 -15.50 16.92
N LEU A 446 -20.09 -14.86 15.89
CA LEU A 446 -19.34 -13.89 15.08
C LEU A 446 -18.64 -12.81 15.89
N GLU A 447 -19.42 -12.06 16.65
CA GLU A 447 -18.86 -10.96 17.45
C GLU A 447 -17.89 -11.42 18.52
N ARG A 448 -18.15 -12.55 19.17
CA ARG A 448 -17.23 -13.04 20.20
C ARG A 448 -15.89 -13.38 19.58
N ALA A 449 -15.93 -14.07 18.44
CA ALA A 449 -14.72 -14.48 17.74
C ALA A 449 -13.80 -13.30 17.42
N HIS A 450 -14.32 -12.30 16.71
CA HIS A 450 -13.52 -11.14 16.33
C HIS A 450 -13.08 -10.32 17.54
N ARG A 451 -13.94 -10.26 18.54
CA ARG A 451 -13.64 -9.53 19.75
C ARG A 451 -12.42 -10.16 20.44
N LEU A 452 -12.45 -11.47 20.62
CA LEU A 452 -11.34 -12.17 21.24
C LEU A 452 -10.09 -12.05 20.38
N ALA A 453 -10.25 -12.20 19.07
CA ALA A 453 -9.12 -12.09 18.16
C ALA A 453 -8.43 -10.74 18.37
N LEU A 454 -9.20 -9.68 18.57
CA LEU A 454 -8.59 -8.37 18.78
C LEU A 454 -7.88 -8.25 20.13
N GLU A 455 -8.47 -8.81 21.18
CA GLU A 455 -7.88 -8.72 22.52
C GLU A 455 -6.81 -9.76 22.89
N LEU A 456 -6.75 -10.87 22.16
CA LEU A 456 -5.75 -11.90 22.46
C LEU A 456 -4.35 -11.40 22.07
N GLU A 457 -3.45 -11.36 23.04
CA GLU A 457 -2.08 -10.89 22.80
C GLU A 457 -1.24 -11.99 22.17
N ALA A 458 -1.25 -12.03 20.84
CA ALA A 458 -0.52 -13.02 20.10
C ALA A 458 -0.29 -12.48 18.69
N GLY A 459 0.74 -12.96 18.02
CA GLY A 459 1.00 -12.49 16.68
C GLY A 459 0.04 -13.13 15.70
N MET A 460 -0.45 -14.31 16.06
CA MET A 460 -1.37 -15.05 15.20
C MET A 460 -2.56 -15.64 15.94
N VAL A 461 -3.76 -15.41 15.40
CA VAL A 461 -4.96 -15.97 16.00
C VAL A 461 -5.68 -16.77 14.92
N TYR A 462 -6.03 -17.99 15.26
CA TYR A 462 -6.74 -18.87 14.34
C TYR A 462 -8.12 -19.13 14.90
N LEU A 463 -9.14 -18.79 14.13
CA LEU A 463 -10.52 -18.98 14.55
C LEU A 463 -11.06 -20.27 13.94
N ASN A 464 -11.56 -21.15 14.80
CA ASN A 464 -12.15 -22.42 14.36
C ASN A 464 -11.31 -23.34 13.49
N SER A 465 -10.02 -23.42 13.78
CA SER A 465 -9.15 -24.32 13.03
C SER A 465 -7.80 -24.44 13.73
N HIS A 466 -6.99 -25.35 13.23
CA HIS A 466 -5.66 -25.55 13.76
C HIS A 466 -4.79 -24.52 13.02
N ASN A 467 -3.47 -24.60 13.19
CA ASN A 467 -2.56 -23.68 12.54
C ASN A 467 -2.45 -23.97 11.04
N VAL A 468 -3.13 -23.17 10.23
CA VAL A 468 -3.09 -23.33 8.78
C VAL A 468 -2.48 -22.04 8.25
N ARG A 469 -1.31 -22.13 7.62
CA ARG A 469 -0.65 -20.92 7.16
C ARG A 469 -0.77 -20.47 5.71
N HIS A 470 -0.69 -19.15 5.54
CA HIS A 470 -0.75 -18.48 4.25
C HIS A 470 0.50 -17.61 4.25
N LEU A 471 1.50 -18.03 3.51
CA LEU A 471 2.80 -17.36 3.45
C LEU A 471 2.92 -15.84 3.39
N PRO A 472 2.00 -15.15 2.69
CA PRO A 472 2.09 -13.68 2.63
C PRO A 472 1.82 -12.90 3.92
N THR A 473 1.17 -13.55 4.89
CA THR A 473 0.83 -12.88 6.15
C THR A 473 2.01 -12.71 7.11
N PRO A 474 1.97 -11.65 7.93
CA PRO A 474 3.08 -11.45 8.87
C PRO A 474 3.07 -12.53 9.95
N PHE A 475 4.21 -13.21 10.09
CA PHE A 475 4.35 -14.28 11.07
C PHE A 475 5.41 -13.92 12.11
N GLY A 476 5.01 -14.01 13.38
CA GLY A 476 5.91 -13.68 14.47
C GLY A 476 5.15 -13.54 15.77
N GLY A 477 5.87 -13.25 16.86
CA GLY A 477 5.21 -13.11 18.14
C GLY A 477 5.39 -11.78 18.83
N VAL A 478 4.71 -11.64 19.97
CA VAL A 478 4.80 -10.43 20.79
C VAL A 478 5.30 -10.92 22.16
N LYS A 479 5.49 -10.00 23.09
CA LYS A 479 5.98 -10.35 24.42
C LYS A 479 7.23 -11.19 24.33
N GLY A 480 7.29 -12.24 25.15
CA GLY A 480 8.45 -13.12 25.17
C GLY A 480 8.60 -14.06 24.00
N SER A 481 7.73 -13.97 23.01
CA SER A 481 7.79 -14.84 21.84
C SER A 481 8.61 -14.27 20.68
N GLY A 482 9.27 -13.14 20.92
CA GLY A 482 10.09 -12.55 19.87
C GLY A 482 9.65 -11.19 19.37
N ASP A 483 10.19 -10.81 18.22
CA ASP A 483 9.88 -9.53 17.61
C ASP A 483 10.17 -9.63 16.12
N ARG A 484 9.67 -8.68 15.34
CA ARG A 484 9.85 -8.67 13.89
C ARG A 484 8.89 -9.67 13.26
N ARG A 485 8.80 -9.62 11.93
CA ARG A 485 7.90 -10.52 11.22
C ARG A 485 8.51 -11.12 9.97
N GLU A 486 8.12 -12.35 9.65
CA GLU A 486 8.58 -13.03 8.44
C GLU A 486 7.34 -13.16 7.57
N GLY A 487 7.53 -13.49 6.30
CA GLY A 487 6.39 -13.65 5.42
C GLY A 487 6.27 -12.53 4.41
N GLY A 488 6.30 -12.90 3.14
CA GLY A 488 6.16 -11.93 2.06
C GLY A 488 6.89 -10.61 2.24
N THR A 489 6.16 -9.51 2.04
CA THR A 489 6.73 -8.18 2.15
C THR A 489 7.09 -7.76 3.56
N TYR A 490 6.56 -8.47 4.56
CA TYR A 490 6.88 -8.13 5.94
C TYR A 490 8.34 -8.49 6.26
N ALA A 491 8.85 -9.53 5.60
CA ALA A 491 10.22 -9.94 5.81
C ALA A 491 11.15 -8.83 5.28
N LEU A 492 10.70 -8.14 4.25
CA LEU A 492 11.46 -7.04 3.65
C LEU A 492 11.94 -6.04 4.67
N ASP A 493 11.08 -5.72 5.63
CA ASP A 493 11.44 -4.74 6.64
C ASP A 493 12.64 -5.14 7.48
N PHE A 494 12.94 -6.43 7.51
CA PHE A 494 14.10 -6.88 8.27
C PHE A 494 15.33 -7.09 7.39
N TYR A 495 15.14 -7.73 6.24
CA TYR A 495 16.25 -8.02 5.34
C TYR A 495 16.79 -6.86 4.50
N THR A 496 16.08 -5.74 4.46
CA THR A 496 16.53 -4.59 3.68
C THR A 496 16.50 -3.29 4.48
N ASP A 497 17.09 -2.24 3.91
CA ASP A 497 17.12 -0.92 4.55
C ASP A 497 16.36 0.08 3.69
N LEU A 498 15.65 0.99 4.34
CA LEU A 498 14.93 2.02 3.61
C LEU A 498 15.86 3.21 3.35
N LYS A 499 15.63 3.88 2.24
CA LYS A 499 16.42 5.07 1.90
C LYS A 499 15.46 6.11 1.37
N THR A 500 15.55 7.32 1.89
CA THR A 500 14.71 8.41 1.44
C THR A 500 15.61 9.31 0.60
N ILE A 501 15.23 9.51 -0.66
CA ILE A 501 16.01 10.33 -1.56
C ILE A 501 15.19 11.56 -1.88
N ALA A 502 15.78 12.74 -1.65
CA ALA A 502 15.08 14.00 -1.90
C ALA A 502 15.78 14.84 -2.95
N LEU A 503 15.00 15.68 -3.61
CA LEU A 503 15.52 16.56 -4.65
C LEU A 503 14.50 17.63 -4.98
N PRO A 504 14.93 18.91 -5.00
CA PRO A 504 14.04 20.02 -5.31
C PRO A 504 13.80 20.06 -6.82
N LEU A 505 12.61 20.49 -7.25
CA LEU A 505 12.32 20.56 -8.68
C LEU A 505 12.62 21.95 -9.23
N ARG A 506 12.94 22.86 -8.33
CA ARG A 506 13.28 24.23 -8.69
C ARG A 506 14.10 24.82 -7.53
N PRO A 507 14.85 25.91 -7.79
CA PRO A 507 15.67 26.55 -6.76
C PRO A 507 14.93 26.73 -5.44
N PRO A 508 15.33 25.98 -4.40
CA PRO A 508 14.67 26.07 -3.09
C PRO A 508 15.23 27.19 -2.22
N HIS A 509 14.57 27.43 -1.10
CA HIS A 509 15.02 28.43 -0.16
C HIS A 509 16.14 27.78 0.66
N VAL A 510 17.31 28.41 0.66
CA VAL A 510 18.43 27.91 1.44
C VAL A 510 18.83 29.05 2.38
N PRO A 511 18.70 28.85 3.70
CA PRO A 511 19.06 29.90 4.65
C PRO A 511 20.51 30.36 4.48
N LYS A 512 20.73 31.66 4.61
CA LYS A 512 22.05 32.26 4.45
C LYS A 512 22.81 32.39 5.77
N PHE A 513 24.01 31.83 5.80
CA PHE A 513 24.87 31.88 6.98
C PHE A 513 26.22 32.45 6.58
N GLY A 514 26.77 33.33 7.42
CA GLY A 514 28.05 33.91 7.13
C GLY A 514 28.02 34.81 5.90
N LYS A 515 26.91 35.51 5.74
CA LYS A 515 26.74 36.41 4.62
C LYS A 515 27.22 37.81 4.96
N TYR B 3 13.61 27.31 8.17
CA TYR B 3 14.55 28.29 8.81
C TYR B 3 14.60 29.58 8.01
N ALA B 4 13.90 30.59 8.50
CA ALA B 4 13.84 31.88 7.83
C ALA B 4 15.17 32.62 7.77
N ASP B 5 15.25 33.61 6.89
CA ASP B 5 16.46 34.41 6.76
C ASP B 5 16.53 35.41 7.91
N ARG B 6 15.40 35.62 8.57
CA ARG B 6 15.32 36.53 9.69
C ARG B 6 14.12 36.17 10.57
N VAL B 7 14.31 36.32 11.89
CA VAL B 7 13.26 36.02 12.83
C VAL B 7 13.04 37.22 13.75
N ALA B 8 11.91 37.22 14.44
CA ALA B 8 11.57 38.29 15.36
C ALA B 8 12.17 37.93 16.72
N GLY B 9 12.62 38.93 17.46
CA GLY B 9 13.19 38.68 18.77
C GLY B 9 12.07 38.44 19.77
N ILE B 10 12.44 37.99 20.96
CA ILE B 10 11.47 37.75 22.02
C ILE B 10 11.54 38.94 22.99
N SER B 11 10.39 39.42 23.44
CA SER B 11 10.36 40.58 24.33
C SER B 11 11.28 40.45 25.53
N TRP B 12 11.82 41.58 25.96
CA TRP B 12 12.71 41.63 27.12
C TRP B 12 12.00 41.06 28.34
N GLU B 13 10.74 41.45 28.53
CA GLU B 13 9.96 41.00 29.69
C GLU B 13 9.75 39.49 29.73
N THR B 14 9.46 38.88 28.59
CA THR B 14 9.25 37.44 28.56
C THR B 14 10.55 36.71 28.89
N ILE B 15 11.66 37.22 28.37
CA ILE B 15 12.95 36.62 28.64
C ILE B 15 13.29 36.68 30.13
N GLU B 16 13.05 37.83 30.75
CA GLU B 16 13.34 38.00 32.17
C GLU B 16 12.44 37.14 33.07
N GLU B 17 11.20 36.94 32.66
CA GLU B 17 10.29 36.12 33.45
C GLU B 17 10.72 34.65 33.41
N VAL B 18 11.13 34.16 32.24
CA VAL B 18 11.56 32.78 32.10
C VAL B 18 12.82 32.55 32.93
N ARG B 19 13.79 33.46 32.82
CA ARG B 19 15.01 33.35 33.60
C ARG B 19 14.62 33.19 35.06
N ARG B 20 13.72 34.07 35.50
CA ARG B 20 13.24 34.07 36.88
C ARG B 20 12.61 32.73 37.27
N ARG B 21 11.71 32.21 36.44
CA ARG B 21 11.07 30.93 36.74
C ARG B 21 12.07 29.78 36.84
N LEU B 22 13.04 29.74 35.93
CA LEU B 22 14.04 28.69 35.92
C LEU B 22 14.91 28.66 37.17
N LYS B 23 15.28 29.84 37.67
CA LYS B 23 16.13 29.89 38.85
C LYS B 23 15.36 29.74 40.16
N GLU B 24 14.10 30.16 40.18
CA GLU B 24 13.32 30.08 41.40
C GLU B 24 12.57 28.76 41.59
N ARG B 25 12.36 28.01 40.52
CA ARG B 25 11.61 26.76 40.60
C ARG B 25 12.35 25.54 40.04
N PRO B 26 12.75 24.60 40.91
CA PRO B 26 13.45 23.40 40.44
C PRO B 26 12.60 22.63 39.45
N ALA B 27 13.22 22.13 38.38
CA ALA B 27 12.50 21.36 37.36
C ALA B 27 12.23 19.97 37.93
N LEU B 28 10.97 19.69 38.24
CA LEU B 28 10.59 18.43 38.85
C LEU B 28 10.19 17.33 37.86
N HIS B 29 10.01 16.12 38.39
CA HIS B 29 9.58 15.00 37.57
C HIS B 29 8.07 15.13 37.44
N PHE B 30 7.48 14.37 36.53
CA PHE B 30 6.03 14.35 36.38
C PHE B 30 5.69 12.87 36.40
N ILE B 31 5.04 12.44 37.48
CA ILE B 31 4.70 11.03 37.66
C ILE B 31 3.25 10.87 38.12
N ALA B 32 2.55 9.92 37.52
CA ALA B 32 1.16 9.65 37.86
C ALA B 32 0.29 10.90 37.94
N GLY B 33 0.46 11.79 36.95
CA GLY B 33 -0.34 13.00 36.91
C GLY B 33 0.05 14.17 37.80
N GLU B 34 1.23 14.13 38.42
CA GLU B 34 1.64 15.23 39.28
C GLU B 34 3.13 15.48 39.25
N PHE B 35 3.52 16.73 39.52
CA PHE B 35 4.94 17.08 39.56
C PHE B 35 5.46 16.77 40.96
N VAL B 36 6.54 16.00 41.01
CA VAL B 36 7.13 15.62 42.29
C VAL B 36 8.66 15.65 42.23
N PRO B 37 9.30 15.79 43.40
CA PRO B 37 10.76 15.84 43.47
C PRO B 37 11.23 14.40 43.67
N SER B 38 12.54 14.19 43.71
CA SER B 38 13.06 12.85 43.97
C SER B 38 12.80 12.60 45.45
N GLU B 39 12.62 11.34 45.83
CA GLU B 39 12.40 11.04 47.24
C GLU B 39 13.57 11.53 48.09
N SER B 40 14.76 11.49 47.51
CA SER B 40 15.96 11.93 48.22
C SER B 40 16.02 13.44 48.35
N GLY B 41 15.25 14.16 47.55
CA GLY B 41 15.27 15.61 47.61
C GLY B 41 16.44 16.22 46.85
N GLU B 42 17.28 15.39 46.26
CA GLU B 42 18.44 15.88 45.53
C GLU B 42 18.07 16.53 44.20
N THR B 43 18.97 17.38 43.71
CA THR B 43 18.79 18.06 42.44
C THR B 43 20.17 18.17 41.81
N PHE B 44 20.22 18.58 40.55
CA PHE B 44 21.49 18.76 39.88
C PHE B 44 21.35 20.03 39.07
N PRO B 45 22.44 20.78 38.86
CA PRO B 45 22.33 22.02 38.09
C PRO B 45 22.47 21.85 36.59
N SER B 46 21.96 22.85 35.87
CA SER B 46 22.07 22.90 34.42
C SER B 46 22.60 24.30 34.15
N LEU B 47 23.63 24.40 33.32
CA LEU B 47 24.23 25.68 33.00
C LEU B 47 23.64 26.40 31.81
N ASP B 48 23.96 27.68 31.72
CA ASP B 48 23.57 28.55 30.62
C ASP B 48 24.89 28.56 29.87
N PRO B 49 25.00 27.76 28.80
CA PRO B 49 26.24 27.70 28.02
C PRO B 49 26.80 29.02 27.52
N ALA B 50 26.01 30.08 27.61
CA ALA B 50 26.48 31.38 27.15
C ALA B 50 27.31 32.10 28.22
N THR B 51 27.16 31.67 29.47
CA THR B 51 27.87 32.30 30.58
C THR B 51 28.45 31.26 31.57
N ASN B 52 28.04 30.01 31.40
CA ASN B 52 28.45 28.92 32.28
C ASN B 52 28.04 29.14 33.73
N GLU B 53 27.02 29.98 33.92
CA GLU B 53 26.49 30.25 35.25
C GLU B 53 25.33 29.26 35.39
N VAL B 54 24.90 28.99 36.62
CA VAL B 54 23.79 28.06 36.80
C VAL B 54 22.48 28.71 36.34
N LEU B 55 21.77 28.03 35.45
CA LEU B 55 20.51 28.55 34.92
C LEU B 55 19.37 28.14 35.86
N GLY B 56 19.50 26.96 36.45
CA GLY B 56 18.49 26.44 37.37
C GLY B 56 18.87 25.02 37.75
N VAL B 57 18.01 24.32 38.50
CA VAL B 57 18.30 22.95 38.91
C VAL B 57 17.13 22.03 38.59
N ALA B 58 17.41 20.74 38.48
CA ALA B 58 16.37 19.76 38.18
C ALA B 58 16.46 18.62 39.19
N ALA B 59 15.32 18.01 39.49
CA ALA B 59 15.31 16.90 40.42
C ALA B 59 16.19 15.78 39.88
N ARG B 60 17.05 15.24 40.73
CA ARG B 60 17.94 14.16 40.33
C ARG B 60 17.25 12.82 40.57
N GLY B 61 16.59 12.31 39.53
CA GLY B 61 15.86 11.06 39.64
C GLY B 61 16.69 9.80 39.54
N GLY B 62 16.28 8.78 40.28
CA GLY B 62 16.98 7.51 40.27
C GLY B 62 16.02 6.35 40.06
N GLU B 63 16.44 5.15 40.45
CA GLU B 63 15.63 3.95 40.29
C GLU B 63 14.23 4.05 40.88
N ARG B 64 14.09 4.71 42.03
CA ARG B 64 12.78 4.82 42.66
C ARG B 64 11.81 5.69 41.86
N GLU B 65 12.29 6.78 41.29
CA GLU B 65 11.41 7.64 40.51
C GLU B 65 11.02 6.93 39.21
N VAL B 66 11.98 6.23 38.61
CA VAL B 66 11.72 5.51 37.37
C VAL B 66 10.71 4.38 37.62
N ASP B 67 10.83 3.72 38.77
CA ASP B 67 9.91 2.64 39.09
C ASP B 67 8.50 3.19 39.18
N ARG B 68 8.33 4.31 39.85
CA ARG B 68 7.02 4.94 39.99
C ARG B 68 6.48 5.40 38.62
N ALA B 69 7.37 5.96 37.81
CA ALA B 69 6.99 6.44 36.47
C ALA B 69 6.54 5.28 35.58
N ALA B 70 7.32 4.20 35.57
CA ALA B 70 7.01 3.03 34.75
C ALA B 70 5.72 2.35 35.20
N LYS B 71 5.53 2.24 36.52
CA LYS B 71 4.31 1.62 37.02
C LYS B 71 3.15 2.51 36.62
N ALA B 72 3.36 3.82 36.68
CA ALA B 72 2.30 4.76 36.29
C ALA B 72 1.97 4.55 34.80
N ALA B 73 3.00 4.46 33.96
CA ALA B 73 2.79 4.26 32.52
C ALA B 73 2.10 2.92 32.23
N HIS B 74 2.56 1.87 32.91
CA HIS B 74 1.98 0.54 32.75
C HIS B 74 0.49 0.52 33.12
N GLU B 75 0.18 1.11 34.27
CA GLU B 75 -1.19 1.15 34.77
C GLU B 75 -2.14 1.95 33.88
N ALA B 76 -1.64 3.02 33.27
CA ALA B 76 -2.47 3.83 32.39
C ALA B 76 -2.60 3.24 30.99
N PHE B 77 -1.67 2.36 30.63
CA PHE B 77 -1.66 1.75 29.30
C PHE B 77 -2.99 1.12 28.88
N GLN B 78 -3.59 0.32 29.77
CA GLN B 78 -4.86 -0.33 29.44
C GLN B 78 -5.94 0.66 29.03
N ARG B 79 -6.13 1.71 29.81
CA ARG B 79 -7.15 2.70 29.50
C ARG B 79 -6.79 3.54 28.28
N TRP B 80 -5.55 4.02 28.23
CA TRP B 80 -5.11 4.86 27.11
C TRP B 80 -5.13 4.15 25.76
N SER B 81 -4.65 2.92 25.71
CA SER B 81 -4.63 2.17 24.44
C SER B 81 -6.05 1.86 23.95
N ARG B 82 -7.01 1.89 24.86
CA ARG B 82 -8.41 1.61 24.50
C ARG B 82 -9.20 2.87 24.25
N THR B 83 -8.58 4.03 24.49
CA THR B 83 -9.23 5.30 24.24
C THR B 83 -9.50 5.38 22.74
N LYS B 84 -10.60 6.01 22.36
CA LYS B 84 -10.93 6.14 20.95
C LYS B 84 -9.87 6.98 20.23
N ALA B 85 -9.42 6.49 19.09
CA ALA B 85 -8.40 7.18 18.31
C ALA B 85 -8.79 8.64 18.08
N LYS B 86 -10.08 8.88 17.86
CA LYS B 86 -10.57 10.23 17.63
C LYS B 86 -10.29 11.13 18.83
N GLU B 87 -10.43 10.55 20.03
CA GLU B 87 -10.18 11.30 21.26
C GLU B 87 -8.68 11.53 21.45
N ARG B 88 -7.85 10.56 21.08
CA ARG B 88 -6.41 10.74 21.22
C ARG B 88 -5.98 11.85 20.25
N LYS B 89 -6.56 11.84 19.06
CA LYS B 89 -6.27 12.87 18.06
C LYS B 89 -6.54 14.26 18.66
N ARG B 90 -7.68 14.39 19.33
CA ARG B 90 -8.09 15.66 19.94
C ARG B 90 -7.05 16.14 20.96
N TYR B 91 -6.53 15.21 21.75
CA TYR B 91 -5.52 15.55 22.74
C TYR B 91 -4.25 16.06 22.06
N LEU B 92 -3.82 15.37 21.01
CA LEU B 92 -2.61 15.78 20.30
C LEU B 92 -2.75 17.15 19.67
N LEU B 93 -3.92 17.42 19.10
CA LEU B 93 -4.18 18.72 18.48
C LEU B 93 -4.16 19.80 19.55
N ARG B 94 -4.68 19.48 20.74
CA ARG B 94 -4.69 20.43 21.83
C ARG B 94 -3.26 20.72 22.30
N ILE B 95 -2.43 19.68 22.34
CA ILE B 95 -1.04 19.85 22.76
C ILE B 95 -0.30 20.71 21.75
N ALA B 96 -0.54 20.46 20.47
CA ALA B 96 0.10 21.23 19.41
C ALA B 96 -0.30 22.69 19.57
N GLU B 97 -1.57 22.91 19.88
CA GLU B 97 -2.11 24.24 20.05
C GLU B 97 -1.45 24.95 21.24
N LEU B 98 -1.30 24.23 22.35
CA LEU B 98 -0.69 24.79 23.55
C LEU B 98 0.81 25.04 23.40
N ILE B 99 1.46 24.26 22.53
CA ILE B 99 2.88 24.45 22.29
C ILE B 99 3.07 25.79 21.57
N GLU B 100 2.18 26.07 20.62
CA GLU B 100 2.24 27.32 19.88
C GLU B 100 1.93 28.50 20.80
N LYS B 101 0.97 28.32 21.70
CA LYS B 101 0.60 29.38 22.64
C LYS B 101 1.78 29.75 23.55
N HIS B 102 2.58 28.75 23.91
CA HIS B 102 3.74 28.98 24.78
C HIS B 102 5.03 28.99 23.96
N ALA B 103 4.95 29.30 22.67
CA ALA B 103 6.14 29.30 21.82
C ALA B 103 7.28 30.20 22.27
N ASP B 104 6.98 31.43 22.67
CA ASP B 104 8.03 32.35 23.12
C ASP B 104 8.77 31.78 24.32
N GLU B 105 8.01 31.33 25.32
CA GLU B 105 8.59 30.75 26.53
C GLU B 105 9.49 29.56 26.20
N LEU B 106 9.00 28.65 25.37
CA LEU B 106 9.81 27.49 25.00
C LEU B 106 11.10 27.93 24.32
N ALA B 107 10.99 28.91 23.41
CA ALA B 107 12.17 29.40 22.70
C ALA B 107 13.23 29.91 23.66
N VAL B 108 12.83 30.78 24.60
CA VAL B 108 13.79 31.32 25.56
C VAL B 108 14.45 30.20 26.34
N MET B 109 13.64 29.26 26.84
CA MET B 109 14.16 28.12 27.59
C MET B 109 15.22 27.35 26.81
N GLU B 110 14.88 27.01 25.57
CA GLU B 110 15.78 26.25 24.71
C GLU B 110 17.07 27.03 24.45
N CYS B 111 16.94 28.32 24.15
CA CYS B 111 18.11 29.14 23.90
C CYS B 111 19.05 29.21 25.10
N LEU B 112 18.51 29.53 26.26
CA LEU B 112 19.30 29.65 27.47
C LEU B 112 19.86 28.34 28.01
N ASP B 113 19.06 27.28 27.92
CA ASP B 113 19.46 25.98 28.43
C ASP B 113 20.36 25.17 27.50
N ALA B 114 20.09 25.21 26.19
CA ALA B 114 20.86 24.44 25.23
C ALA B 114 21.83 25.24 24.36
N GLY B 115 21.79 26.57 24.46
CA GLY B 115 22.71 27.38 23.67
C GLY B 115 22.43 27.43 22.18
N GLN B 116 21.27 26.94 21.76
CA GLN B 116 20.89 26.98 20.35
C GLN B 116 20.39 28.40 20.10
N VAL B 117 20.69 28.94 18.92
CA VAL B 117 20.29 30.30 18.57
C VAL B 117 18.83 30.41 18.17
N LEU B 118 18.27 31.59 18.41
CA LEU B 118 16.87 31.86 18.11
C LEU B 118 16.50 31.61 16.65
N ARG B 119 17.38 31.98 15.72
CA ARG B 119 17.12 31.79 14.30
C ARG B 119 16.79 30.33 14.01
N ILE B 120 17.30 29.46 14.87
CA ILE B 120 17.08 28.03 14.72
C ILE B 120 15.95 27.55 15.64
N VAL B 121 15.99 27.98 16.90
CA VAL B 121 15.00 27.55 17.89
C VAL B 121 13.56 27.84 17.49
N ARG B 122 13.32 28.99 16.85
CA ARG B 122 11.97 29.34 16.41
C ARG B 122 11.39 28.20 15.60
N ALA B 123 12.19 27.70 14.65
CA ALA B 123 11.78 26.60 13.78
C ALA B 123 11.64 25.29 14.54
N GLN B 124 12.47 25.10 15.55
CA GLN B 124 12.43 23.88 16.34
C GLN B 124 11.13 23.79 17.13
N VAL B 125 10.75 24.91 17.76
CA VAL B 125 9.52 24.98 18.52
C VAL B 125 8.31 24.79 17.61
N ALA B 126 8.37 25.40 16.44
CA ALA B 126 7.26 25.25 15.49
C ALA B 126 7.23 23.77 15.06
N ARG B 127 8.40 23.17 14.93
CA ARG B 127 8.48 21.76 14.53
C ARG B 127 7.91 20.86 15.62
N ALA B 128 8.09 21.25 16.87
CA ALA B 128 7.60 20.48 18.02
C ALA B 128 6.08 20.40 17.99
N ALA B 129 5.44 21.53 17.74
CA ALA B 129 3.99 21.58 17.68
C ALA B 129 3.55 20.77 16.45
N GLU B 130 4.27 20.97 15.34
CA GLU B 130 3.95 20.26 14.11
C GLU B 130 4.03 18.74 14.30
N ASN B 131 4.98 18.26 15.10
CA ASN B 131 5.08 16.83 15.33
C ASN B 131 3.76 16.31 15.90
N PHE B 132 3.15 17.07 16.82
CA PHE B 132 1.89 16.66 17.41
C PHE B 132 0.72 16.78 16.44
N ALA B 133 0.68 17.87 15.67
CA ALA B 133 -0.39 18.08 14.70
C ALA B 133 -0.32 17.02 13.62
N PHE B 134 0.90 16.66 13.24
CA PHE B 134 1.15 15.66 12.22
C PHE B 134 0.67 14.27 12.61
N TYR B 135 1.17 13.75 13.72
CA TYR B 135 0.77 12.43 14.16
C TYR B 135 -0.67 12.33 14.62
N ALA B 136 -1.27 13.46 14.92
CA ALA B 136 -2.67 13.47 15.36
C ALA B 136 -3.53 12.88 14.24
N GLU B 137 -3.10 13.09 13.00
CA GLU B 137 -3.84 12.61 11.83
C GLU B 137 -3.63 11.13 11.55
N TYR B 138 -2.67 10.51 12.23
CA TYR B 138 -2.41 9.10 12.03
C TYR B 138 -3.10 8.21 13.06
N ALA B 139 -3.49 8.81 14.19
CA ALA B 139 -4.12 8.05 15.26
C ALA B 139 -5.28 7.18 14.80
N GLU B 140 -6.16 7.73 13.97
CA GLU B 140 -7.32 6.99 13.49
C GLU B 140 -7.02 5.92 12.45
N HIS B 141 -5.77 5.84 11.98
CA HIS B 141 -5.38 4.84 10.99
C HIS B 141 -4.40 3.84 11.60
N ALA B 142 -4.12 4.03 12.88
CA ALA B 142 -3.17 3.22 13.62
C ALA B 142 -3.34 1.70 13.66
N MET B 143 -4.55 1.20 13.44
CA MET B 143 -4.81 -0.24 13.49
C MET B 143 -4.87 -0.90 12.11
N GLU B 144 -4.91 -0.05 11.08
CA GLU B 144 -5.02 -0.50 9.71
C GLU B 144 -3.90 -1.30 9.08
N ASP B 145 -4.27 -2.35 8.37
CA ASP B 145 -3.30 -3.11 7.59
C ASP B 145 -3.94 -3.73 6.38
N ARG B 146 -3.82 -5.05 6.22
CA ARG B 146 -4.32 -5.71 5.01
C ARG B 146 -5.22 -6.94 5.17
N THR B 147 -5.77 -7.39 4.04
CA THR B 147 -6.59 -8.61 4.03
C THR B 147 -5.90 -9.55 3.06
N PHE B 148 -5.89 -10.83 3.40
CA PHE B 148 -5.27 -11.84 2.55
C PHE B 148 -6.27 -12.99 2.39
N PRO B 149 -7.32 -12.78 1.59
CA PRO B 149 -8.30 -13.86 1.41
C PRO B 149 -7.80 -14.93 0.46
N VAL B 150 -8.09 -16.18 0.79
CA VAL B 150 -7.68 -17.29 -0.05
C VAL B 150 -8.91 -17.90 -0.70
N ASP B 151 -9.15 -17.49 -1.95
CA ASP B 151 -10.29 -17.96 -2.71
C ASP B 151 -11.54 -17.78 -1.86
N ARG B 152 -12.38 -18.81 -1.78
CA ARG B 152 -13.58 -18.71 -0.98
C ARG B 152 -13.53 -19.67 0.20
N ASP B 153 -12.31 -20.06 0.57
CA ASP B 153 -12.13 -21.00 1.66
C ASP B 153 -11.59 -20.37 2.94
N TRP B 154 -10.79 -19.32 2.83
CA TRP B 154 -10.22 -18.67 4.00
C TRP B 154 -10.13 -17.16 3.91
N LEU B 155 -10.15 -16.53 5.08
CA LEU B 155 -9.99 -15.09 5.17
C LEU B 155 -8.91 -14.84 6.20
N TYR B 156 -7.83 -14.21 5.79
CA TYR B 156 -6.78 -13.83 6.72
C TYR B 156 -6.80 -12.32 6.65
N TYR B 157 -6.66 -11.66 7.79
CA TYR B 157 -6.64 -10.21 7.78
C TYR B 157 -5.72 -9.80 8.91
N THR B 158 -5.07 -8.65 8.74
CA THR B 158 -4.14 -8.18 9.74
C THR B 158 -4.54 -6.83 10.29
N VAL B 159 -4.11 -6.58 11.52
CA VAL B 159 -4.39 -5.31 12.18
C VAL B 159 -3.18 -5.02 13.06
N ARG B 160 -3.12 -3.80 13.58
CA ARG B 160 -2.02 -3.39 14.44
C ARG B 160 -2.57 -2.96 15.80
N VAL B 161 -1.89 -3.33 16.87
CA VAL B 161 -2.31 -2.93 18.21
C VAL B 161 -1.15 -2.21 18.90
N PRO B 162 -1.47 -1.32 19.87
CA PRO B 162 -0.41 -0.60 20.59
C PRO B 162 0.54 -1.62 21.21
N ALA B 163 1.84 -1.37 21.11
CA ALA B 163 2.84 -2.30 21.62
C ALA B 163 3.08 -2.23 23.14
N GLY B 164 2.96 -1.03 23.71
CA GLY B 164 3.17 -0.91 25.15
C GLY B 164 3.89 0.37 25.53
N PRO B 165 4.11 0.61 26.83
CA PRO B 165 4.80 1.82 27.30
C PRO B 165 6.17 2.04 26.63
N VAL B 166 6.44 3.29 26.29
CA VAL B 166 7.70 3.63 25.63
C VAL B 166 8.61 4.49 26.49
N GLY B 167 9.85 4.06 26.66
CA GLY B 167 10.81 4.81 27.43
C GLY B 167 11.58 5.64 26.41
N ILE B 168 11.44 6.96 26.49
CA ILE B 168 12.08 7.84 25.53
C ILE B 168 13.28 8.57 26.14
N ILE B 169 14.46 8.28 25.60
CA ILE B 169 15.71 8.88 26.08
C ILE B 169 16.23 9.81 24.99
N THR B 170 16.24 11.10 25.28
CA THR B 170 16.64 12.10 24.30
C THR B 170 17.96 12.85 24.55
N PRO B 171 18.51 13.46 23.49
CA PRO B 171 19.77 14.22 23.50
C PRO B 171 19.60 15.65 23.95
N TRP B 172 20.74 16.30 24.19
CA TRP B 172 20.76 17.68 24.65
C TRP B 172 20.79 18.77 23.58
N ASN B 173 21.02 18.40 22.32
CA ASN B 173 21.13 19.43 21.27
C ASN B 173 19.82 20.09 20.83
N ALA B 174 18.74 19.31 20.74
CA ALA B 174 17.43 19.84 20.35
C ALA B 174 16.37 19.15 21.20
N PRO B 175 16.37 19.42 22.52
CA PRO B 175 15.48 18.87 23.54
C PRO B 175 14.00 18.74 23.18
N LEU B 176 13.35 19.85 22.91
CA LEU B 176 11.93 19.84 22.59
C LEU B 176 11.62 19.16 21.25
N MET B 177 12.38 19.51 20.22
CA MET B 177 12.17 18.95 18.90
C MET B 177 12.31 17.43 18.88
N LEU B 178 13.44 16.93 19.36
CA LEU B 178 13.68 15.49 19.34
C LEU B 178 12.90 14.66 20.35
N SER B 179 12.39 15.27 21.41
CA SER B 179 11.60 14.51 22.37
C SER B 179 10.17 14.38 21.85
N THR B 180 9.62 15.48 21.36
CA THR B 180 8.26 15.48 20.81
C THR B 180 8.17 14.60 19.58
N TRP B 181 9.29 14.46 18.88
CA TRP B 181 9.35 13.64 17.67
C TRP B 181 9.01 12.18 17.98
N ARG B 182 9.29 11.75 19.20
CA ARG B 182 9.02 10.38 19.62
C ARG B 182 7.76 10.30 20.48
N ILE B 183 7.52 11.32 21.28
CA ILE B 183 6.34 11.36 22.14
C ILE B 183 5.04 11.39 21.34
N ALA B 184 5.00 12.23 20.32
CA ALA B 184 3.79 12.37 19.51
C ALA B 184 3.32 11.04 18.89
N PRO B 185 4.20 10.34 18.18
CA PRO B 185 3.75 9.07 17.60
C PRO B 185 3.41 8.03 18.67
N ALA B 186 4.20 7.96 19.73
CA ALA B 186 3.93 7.01 20.81
C ALA B 186 2.51 7.19 21.33
N LEU B 187 2.15 8.44 21.67
CA LEU B 187 0.81 8.71 22.17
C LEU B 187 -0.28 8.49 21.14
N ALA B 188 -0.04 8.98 19.92
CA ALA B 188 -1.01 8.85 18.84
C ALA B 188 -1.38 7.38 18.60
N PHE B 189 -0.38 6.50 18.70
CA PHE B 189 -0.61 5.08 18.45
C PHE B 189 -1.10 4.28 19.66
N GLY B 190 -1.45 4.96 20.74
CA GLY B 190 -1.99 4.28 21.90
C GLY B 190 -1.07 3.82 23.01
N ASN B 191 0.19 4.22 22.98
CA ASN B 191 1.13 3.83 24.03
C ASN B 191 1.28 4.92 25.08
N THR B 192 1.76 4.55 26.26
CA THR B 192 1.99 5.51 27.34
C THR B 192 3.49 5.83 27.28
N VAL B 193 3.92 6.83 28.03
CA VAL B 193 5.31 7.27 27.95
C VAL B 193 6.04 7.62 29.25
N VAL B 194 7.34 7.38 29.24
CA VAL B 194 8.22 7.76 30.34
C VAL B 194 9.39 8.42 29.60
N LEU B 195 9.56 9.71 29.84
CA LEU B 195 10.62 10.47 29.18
C LEU B 195 11.78 10.75 30.14
N LYS B 196 13.00 10.56 29.65
CA LYS B 196 14.19 10.84 30.44
C LYS B 196 15.05 11.76 29.58
N PRO B 197 14.90 13.08 29.77
CA PRO B 197 15.63 14.12 29.04
C PRO B 197 17.11 14.19 29.37
N ALA B 198 17.89 14.72 28.43
CA ALA B 198 19.31 14.87 28.63
C ALA B 198 19.52 15.79 29.83
N GLU B 199 20.42 15.42 30.73
CA GLU B 199 20.68 16.23 31.91
C GLU B 199 21.27 17.62 31.61
N TRP B 200 21.88 17.78 30.44
CA TRP B 200 22.46 19.07 30.07
C TRP B 200 21.45 20.11 29.56
N SER B 201 20.21 19.69 29.32
CA SER B 201 19.15 20.60 28.86
C SER B 201 17.80 20.05 29.29
N PRO B 202 17.56 19.97 30.61
CA PRO B 202 16.34 19.45 31.23
C PRO B 202 15.08 20.32 31.24
N PHE B 203 15.26 21.64 31.16
CA PHE B 203 14.13 22.56 31.26
C PHE B 203 12.95 22.51 30.28
N THR B 204 13.18 22.43 28.98
CA THR B 204 12.01 22.39 28.09
C THR B 204 11.16 21.15 28.34
N ALA B 205 11.77 20.09 28.86
CA ALA B 205 11.04 18.86 29.13
C ALA B 205 10.02 19.07 30.24
N THR B 206 10.41 19.76 31.30
CA THR B 206 9.48 20.02 32.40
C THR B 206 8.38 20.95 31.91
N LYS B 207 8.73 21.89 31.04
CA LYS B 207 7.75 22.83 30.50
C LYS B 207 6.76 22.06 29.60
N LEU B 208 7.27 21.08 28.86
CA LEU B 208 6.43 20.27 27.99
C LEU B 208 5.45 19.49 28.87
N ALA B 209 5.93 19.02 30.02
CA ALA B 209 5.08 18.27 30.94
C ALA B 209 3.97 19.18 31.46
N GLU B 210 4.31 20.44 31.71
CA GLU B 210 3.31 21.38 32.20
C GLU B 210 2.22 21.56 31.14
N ILE B 211 2.64 21.57 29.89
CA ILE B 211 1.72 21.74 28.77
C ILE B 211 0.78 20.55 28.59
N LEU B 212 1.30 19.33 28.72
CA LEU B 212 0.48 18.14 28.56
C LEU B 212 -0.55 18.07 29.68
N LYS B 213 -0.18 18.59 30.84
CA LYS B 213 -1.09 18.60 31.97
C LYS B 213 -2.16 19.66 31.69
N GLU B 214 -1.74 20.77 31.10
CA GLU B 214 -2.65 21.85 30.76
C GLU B 214 -3.61 21.31 29.68
N ALA B 215 -3.11 20.36 28.88
CA ALA B 215 -3.92 19.74 27.85
C ALA B 215 -4.85 18.71 28.50
N ASP B 216 -4.67 18.52 29.80
CA ASP B 216 -5.46 17.60 30.60
C ASP B 216 -5.39 16.15 30.13
N LEU B 217 -4.17 15.72 29.80
CA LEU B 217 -3.94 14.35 29.37
C LEU B 217 -4.20 13.50 30.60
N PRO B 218 -4.78 12.30 30.43
CA PRO B 218 -5.05 11.48 31.62
C PRO B 218 -3.79 11.18 32.44
N PRO B 219 -3.93 11.04 33.76
CA PRO B 219 -2.80 10.74 34.65
C PRO B 219 -2.12 9.43 34.27
N GLY B 220 -0.79 9.43 34.29
CA GLY B 220 -0.05 8.22 33.96
C GLY B 220 0.30 8.02 32.50
N VAL B 221 -0.41 8.70 31.60
CA VAL B 221 -0.17 8.56 30.17
C VAL B 221 1.22 9.08 29.78
N PHE B 222 1.61 10.22 30.34
CA PHE B 222 2.92 10.80 30.06
C PHE B 222 3.67 11.06 31.36
N ASN B 223 4.86 10.47 31.49
CA ASN B 223 5.65 10.64 32.70
C ASN B 223 7.03 11.17 32.36
N LEU B 224 7.63 11.90 33.29
CA LEU B 224 8.94 12.49 33.09
C LEU B 224 9.82 12.32 34.33
N VAL B 225 11.03 11.80 34.12
CA VAL B 225 11.99 11.63 35.21
C VAL B 225 13.29 12.30 34.78
N GLN B 226 13.65 13.38 35.48
CA GLN B 226 14.88 14.11 35.22
C GLN B 226 16.00 13.35 35.90
N GLY B 227 17.22 13.50 35.39
CA GLY B 227 18.33 12.80 36.00
C GLY B 227 19.44 12.43 35.04
N PHE B 228 20.52 11.88 35.57
CA PHE B 228 21.67 11.49 34.76
C PHE B 228 21.40 10.19 34.02
N GLY B 229 22.10 10.01 32.90
CA GLY B 229 21.94 8.81 32.10
C GLY B 229 22.29 7.54 32.85
N GLU B 230 23.37 7.58 33.63
CA GLU B 230 23.80 6.41 34.38
C GLU B 230 22.88 6.07 35.55
N GLU B 231 21.99 7.00 35.91
CA GLU B 231 21.06 6.75 37.01
C GLU B 231 19.64 6.53 36.51
N ALA B 232 18.93 7.63 36.22
CA ALA B 232 17.56 7.51 35.72
C ALA B 232 17.53 6.80 34.37
N GLY B 233 18.47 7.17 33.49
CA GLY B 233 18.53 6.55 32.19
C GLY B 233 18.66 5.05 32.23
N ALA B 234 19.70 4.56 32.90
CA ALA B 234 19.93 3.13 33.00
C ALA B 234 18.75 2.39 33.64
N ALA B 235 18.14 2.98 34.66
CA ALA B 235 17.01 2.34 35.32
C ALA B 235 15.80 2.21 34.40
N LEU B 236 15.62 3.19 33.51
CA LEU B 236 14.49 3.15 32.58
C LEU B 236 14.72 2.02 31.57
N VAL B 237 15.95 1.92 31.07
CA VAL B 237 16.30 0.88 30.10
C VAL B 237 16.13 -0.49 30.73
N ALA B 238 16.45 -0.61 32.01
CA ALA B 238 16.35 -1.88 32.70
C ALA B 238 14.98 -2.23 33.26
N HIS B 239 14.07 -1.25 33.33
CA HIS B 239 12.76 -1.54 33.89
C HIS B 239 11.89 -2.52 33.10
N PRO B 240 11.35 -3.54 33.79
CA PRO B 240 10.51 -4.60 33.27
C PRO B 240 9.19 -4.18 32.61
N LEU B 241 8.64 -3.06 33.06
CA LEU B 241 7.36 -2.59 32.54
C LEU B 241 7.40 -1.64 31.34
N VAL B 242 8.60 -1.35 30.84
CA VAL B 242 8.75 -0.45 29.69
C VAL B 242 9.40 -1.25 28.56
N PRO B 243 8.57 -1.95 27.77
CA PRO B 243 9.02 -2.78 26.64
C PRO B 243 9.68 -2.10 25.44
N LEU B 244 9.28 -0.87 25.14
CA LEU B 244 9.85 -0.15 24.01
C LEU B 244 10.79 0.97 24.46
N LEU B 245 11.84 1.19 23.70
CA LEU B 245 12.82 2.24 24.02
C LEU B 245 13.28 2.97 22.78
N THR B 246 13.25 4.29 22.83
CA THR B 246 13.74 5.08 21.72
C THR B 246 14.98 5.78 22.24
N LEU B 247 15.98 5.90 21.38
CA LEU B 247 17.21 6.54 21.78
C LEU B 247 17.81 7.37 20.68
N THR B 248 18.22 8.58 21.04
CA THR B 248 18.87 9.48 20.11
C THR B 248 20.11 9.96 20.84
N GLY B 249 21.27 9.50 20.38
CA GLY B 249 22.54 9.88 20.99
C GLY B 249 23.74 9.27 20.29
N GLU B 250 24.77 8.93 21.06
CA GLU B 250 26.00 8.36 20.51
C GLU B 250 25.86 6.88 20.17
N THR B 251 26.72 6.43 19.27
CA THR B 251 26.72 5.03 18.84
C THR B 251 27.10 4.09 19.99
N GLU B 252 28.09 4.47 20.78
CA GLU B 252 28.53 3.64 21.90
C GLU B 252 27.40 3.53 22.91
N THR B 253 26.69 4.64 23.10
CA THR B 253 25.57 4.65 24.04
C THR B 253 24.57 3.63 23.55
N GLY B 254 24.37 3.59 22.22
CA GLY B 254 23.44 2.64 21.63
C GLY B 254 23.80 1.23 22.04
N LYS B 255 25.10 0.93 22.08
CA LYS B 255 25.58 -0.40 22.45
C LYS B 255 25.27 -0.72 23.91
N ILE B 256 25.53 0.24 24.79
CA ILE B 256 25.28 0.07 26.22
C ILE B 256 23.80 -0.17 26.45
N VAL B 257 22.97 0.67 25.83
CA VAL B 257 21.53 0.55 25.99
C VAL B 257 21.00 -0.77 25.44
N MET B 258 21.49 -1.18 24.27
CA MET B 258 21.03 -2.44 23.69
C MET B 258 21.42 -3.62 24.58
N ARG B 259 22.64 -3.58 25.09
CA ARG B 259 23.15 -4.65 25.94
C ARG B 259 22.28 -4.85 27.18
N ASN B 260 21.92 -3.75 27.84
CA ASN B 260 21.10 -3.83 29.03
C ASN B 260 19.62 -4.08 28.73
N ALA B 261 19.20 -3.69 27.53
CA ALA B 261 17.81 -3.88 27.12
C ALA B 261 17.55 -5.37 26.85
N ALA B 262 18.62 -6.10 26.57
CA ALA B 262 18.53 -7.54 26.28
C ALA B 262 17.89 -8.34 27.42
N ASP B 263 18.08 -7.88 28.65
CA ASP B 263 17.52 -8.58 29.81
C ASP B 263 16.01 -8.77 29.75
N HIS B 264 15.33 -7.88 29.03
CA HIS B 264 13.88 -7.98 28.90
C HIS B 264 13.45 -8.00 27.44
N LEU B 265 14.38 -8.36 26.56
CA LEU B 265 14.11 -8.42 25.12
C LEU B 265 13.36 -7.19 24.63
N LYS B 266 13.76 -6.02 25.10
CA LYS B 266 13.11 -4.78 24.72
C LYS B 266 13.32 -4.41 23.25
N ARG B 267 12.34 -3.71 22.69
CA ARG B 267 12.44 -3.26 21.31
C ARG B 267 13.13 -1.90 21.36
N LEU B 268 14.09 -1.68 20.48
CA LEU B 268 14.83 -0.43 20.47
C LEU B 268 14.77 0.29 19.12
N SER B 269 14.61 1.61 19.17
CA SER B 269 14.55 2.45 17.97
C SER B 269 15.61 3.53 18.15
N PRO B 270 16.87 3.20 17.81
CA PRO B 270 17.96 4.16 17.95
C PRO B 270 18.29 4.99 16.73
N GLU B 271 18.48 6.28 16.96
CA GLU B 271 18.85 7.24 15.94
C GLU B 271 20.17 7.74 16.53
N LEU B 272 21.28 7.19 16.04
CA LEU B 272 22.59 7.53 16.56
C LEU B 272 23.38 8.58 15.78
N GLY B 273 24.69 8.63 16.00
CA GLY B 273 25.51 9.62 15.34
C GLY B 273 25.71 9.47 13.83
N GLY B 274 26.49 10.39 13.27
CA GLY B 274 26.77 10.35 11.85
C GLY B 274 28.01 11.15 11.49
N LYS B 275 28.48 10.94 10.27
CA LYS B 275 29.63 11.67 9.74
C LYS B 275 29.22 11.90 8.29
N SER B 276 28.05 12.51 8.13
CA SER B 276 27.45 12.77 6.82
C SER B 276 28.27 13.61 5.85
N PRO B 277 28.52 13.06 4.65
CA PRO B 277 29.30 13.78 3.66
C PRO B 277 28.46 14.62 2.69
N ALA B 278 29.07 15.69 2.19
CA ALA B 278 28.45 16.55 1.20
C ALA B 278 29.40 16.42 0.01
N LEU B 279 28.89 15.91 -1.11
CA LEU B 279 29.70 15.74 -2.31
C LEU B 279 29.37 16.86 -3.29
N VAL B 280 30.36 17.68 -3.60
CA VAL B 280 30.15 18.79 -4.52
C VAL B 280 30.94 18.58 -5.81
N PHE B 281 30.21 18.47 -6.92
CA PHE B 281 30.80 18.27 -8.23
C PHE B 281 30.97 19.62 -8.94
N ALA B 282 31.93 19.70 -9.85
CA ALA B 282 32.19 20.93 -10.58
C ALA B 282 31.01 21.44 -11.40
N ASP B 283 30.08 20.54 -11.76
CA ASP B 283 28.94 20.93 -12.59
C ASP B 283 27.72 21.45 -11.83
N ALA B 284 27.71 21.33 -10.51
CA ALA B 284 26.57 21.78 -9.70
C ALA B 284 26.39 23.29 -9.68
N ASP B 285 25.28 23.73 -9.10
CA ASP B 285 25.03 25.15 -8.93
C ASP B 285 25.86 25.40 -7.68
N LEU B 286 27.06 25.94 -7.85
CA LEU B 286 27.99 26.17 -6.75
C LEU B 286 27.56 27.24 -5.75
N GLU B 287 26.75 28.19 -6.20
CA GLU B 287 26.27 29.22 -5.29
C GLU B 287 25.31 28.57 -4.30
N ARG B 288 24.43 27.71 -4.81
CA ARG B 288 23.47 27.04 -3.94
C ARG B 288 24.22 26.06 -3.03
N ALA B 289 25.14 25.32 -3.61
CA ALA B 289 25.93 24.36 -2.86
C ALA B 289 26.71 25.03 -1.72
N LEU B 290 27.24 26.22 -2.00
CA LEU B 290 28.01 26.95 -0.99
C LEU B 290 27.12 27.29 0.19
N ASP B 291 25.94 27.83 -0.10
CA ASP B 291 24.98 28.20 0.93
C ASP B 291 24.58 26.97 1.74
N ALA B 292 24.26 25.89 1.02
CA ALA B 292 23.81 24.64 1.63
C ALA B 292 24.85 23.98 2.55
N VAL B 293 26.08 23.89 2.09
CA VAL B 293 27.13 23.27 2.88
C VAL B 293 27.47 24.09 4.11
N VAL B 294 27.51 25.42 3.97
CA VAL B 294 27.80 26.27 5.11
C VAL B 294 26.72 26.08 6.18
N PHE B 295 25.46 26.13 5.77
CA PHE B 295 24.37 25.95 6.74
C PHE B 295 24.31 24.56 7.36
N GLN B 296 24.43 23.53 6.53
CA GLN B 296 24.33 22.16 7.02
C GLN B 296 25.42 21.72 8.02
N ILE B 297 26.55 22.44 8.08
CA ILE B 297 27.56 22.07 9.05
C ILE B 297 27.58 23.02 10.26
N PHE B 298 27.30 24.30 10.03
CA PHE B 298 27.34 25.26 11.13
C PHE B 298 26.02 25.52 11.86
N SER B 299 24.89 25.16 11.26
CA SER B 299 23.59 25.34 11.92
C SER B 299 23.55 24.42 13.15
N PHE B 300 22.76 24.77 14.16
CA PHE B 300 22.68 23.97 15.38
C PHE B 300 24.06 23.95 16.06
N ASN B 301 24.90 24.92 15.69
CA ASN B 301 26.25 25.01 16.24
C ASN B 301 27.03 23.76 15.86
N GLY B 302 26.61 23.11 14.77
CA GLY B 302 27.27 21.89 14.32
C GLY B 302 26.90 20.71 15.22
N GLU B 303 26.05 20.97 16.21
CA GLU B 303 25.63 19.95 17.15
C GLU B 303 24.36 19.23 16.72
N ARG B 304 24.48 18.39 15.69
CA ARG B 304 23.34 17.60 15.23
C ARG B 304 23.81 16.45 14.36
N CYS B 305 23.10 15.33 14.49
CA CYS B 305 23.41 14.09 13.79
C CYS B 305 23.60 14.17 12.28
N THR B 306 22.78 14.95 11.60
CA THR B 306 22.82 15.08 10.15
C THR B 306 23.81 16.14 9.61
N ALA B 307 24.59 16.74 10.49
CA ALA B 307 25.55 17.77 10.07
C ALA B 307 26.49 17.24 8.99
N SER B 308 26.69 18.03 7.93
CA SER B 308 27.60 17.62 6.86
C SER B 308 29.02 17.97 7.31
N SER B 309 29.59 17.08 8.13
CA SER B 309 30.92 17.25 8.68
C SER B 309 32.08 16.95 7.73
N ARG B 310 31.81 16.20 6.67
CA ARG B 310 32.85 15.92 5.69
C ARG B 310 32.42 16.57 4.38
N LEU B 311 33.32 17.35 3.78
CA LEU B 311 33.02 18.02 2.51
C LEU B 311 33.91 17.48 1.41
N LEU B 312 33.33 16.69 0.52
CA LEU B 312 34.05 16.10 -0.60
C LEU B 312 33.84 16.98 -1.83
N VAL B 313 34.94 17.54 -2.34
CA VAL B 313 34.86 18.44 -3.48
C VAL B 313 35.74 17.96 -4.63
N GLU B 314 35.21 18.04 -5.85
CA GLU B 314 35.95 17.61 -7.03
C GLU B 314 37.23 18.43 -7.11
N GLU B 315 38.34 17.76 -7.38
CA GLU B 315 39.63 18.42 -7.45
C GLU B 315 39.71 19.70 -8.30
N LYS B 316 39.11 19.68 -9.49
CA LYS B 316 39.19 20.86 -10.36
C LYS B 316 38.61 22.14 -9.77
N ILE B 317 37.76 22.02 -8.75
CA ILE B 317 37.17 23.22 -8.13
C ILE B 317 37.47 23.27 -6.65
N PHE B 318 38.23 22.30 -6.15
CA PHE B 318 38.55 22.23 -4.73
C PHE B 318 39.11 23.52 -4.12
N GLU B 319 40.20 24.02 -4.68
CA GLU B 319 40.82 25.23 -4.17
C GLU B 319 39.87 26.43 -4.13
N ASP B 320 39.13 26.65 -5.22
CA ASP B 320 38.22 27.78 -5.23
C ASP B 320 37.01 27.60 -4.33
N PHE B 321 36.35 26.44 -4.41
CA PHE B 321 35.16 26.21 -3.60
C PHE B 321 35.45 26.20 -2.10
N VAL B 322 36.43 25.41 -1.69
CA VAL B 322 36.79 25.35 -0.28
C VAL B 322 37.19 26.73 0.22
N GLY B 323 37.86 27.50 -0.65
CA GLY B 323 38.26 28.85 -0.27
C GLY B 323 37.07 29.71 0.09
N LYS B 324 35.97 29.54 -0.65
CA LYS B 324 34.76 30.32 -0.39
C LYS B 324 34.08 29.84 0.88
N VAL B 325 34.17 28.54 1.14
CA VAL B 325 33.58 27.98 2.35
C VAL B 325 34.31 28.60 3.55
N VAL B 326 35.62 28.71 3.44
CA VAL B 326 36.41 29.29 4.53
C VAL B 326 36.01 30.74 4.83
N GLU B 327 35.85 31.55 3.79
CA GLU B 327 35.47 32.94 4.02
C GLU B 327 34.06 33.05 4.59
N ARG B 328 33.17 32.15 4.19
CA ARG B 328 31.82 32.18 4.71
C ARG B 328 31.87 31.83 6.20
N ALA B 329 32.67 30.82 6.54
CA ALA B 329 32.82 30.40 7.93
C ALA B 329 33.44 31.53 8.76
N ARG B 330 34.34 32.29 8.14
CA ARG B 330 35.01 33.40 8.80
C ARG B 330 34.00 34.51 9.13
N ALA B 331 33.01 34.68 8.25
CA ALA B 331 32.01 35.73 8.44
C ALA B 331 30.79 35.31 9.26
N ILE B 332 30.74 34.06 9.72
CA ILE B 332 29.62 33.58 10.52
C ILE B 332 29.45 34.47 11.75
N ARG B 333 28.21 34.85 12.06
CA ARG B 333 27.96 35.69 13.23
C ARG B 333 27.90 34.84 14.50
N VAL B 334 28.95 34.94 15.32
CA VAL B 334 29.02 34.20 16.58
C VAL B 334 28.58 35.13 17.70
N GLY B 335 27.63 34.68 18.52
CA GLY B 335 27.17 35.53 19.60
C GLY B 335 26.11 34.86 20.46
N HIS B 336 25.42 35.69 21.25
CA HIS B 336 24.40 35.21 22.16
C HIS B 336 23.18 34.59 21.47
N PRO B 337 22.73 33.43 21.96
CA PRO B 337 21.58 32.69 21.43
C PRO B 337 20.30 33.50 21.25
N LEU B 338 20.00 34.37 22.22
CA LEU B 338 18.79 35.18 22.17
C LEU B 338 18.82 36.30 21.13
N ASP B 339 20.01 36.65 20.68
CA ASP B 339 20.15 37.68 19.66
C ASP B 339 19.57 37.07 18.39
N PRO B 340 18.53 37.69 17.82
CA PRO B 340 17.88 37.19 16.60
C PRO B 340 18.77 37.12 15.36
N GLU B 341 19.94 37.76 15.40
CA GLU B 341 20.85 37.72 14.26
C GLU B 341 22.02 36.76 14.42
N THR B 342 22.18 36.20 15.61
CA THR B 342 23.27 35.25 15.87
C THR B 342 23.06 34.01 15.00
N GLU B 343 24.15 33.50 14.43
CA GLU B 343 24.10 32.31 13.57
C GLU B 343 24.66 31.08 14.26
N VAL B 344 25.69 31.30 15.10
CA VAL B 344 26.32 30.23 15.85
C VAL B 344 26.50 30.69 17.30
N GLY B 345 25.96 29.89 18.22
CA GLY B 345 26.07 30.22 19.63
C GLY B 345 27.11 29.34 20.32
N PRO B 346 27.07 29.26 21.66
CA PRO B 346 28.01 28.47 22.43
C PRO B 346 27.66 26.98 22.45
N LEU B 347 28.65 26.14 22.70
CA LEU B 347 28.42 24.71 22.77
C LEU B 347 27.72 24.42 24.10
N ILE B 348 27.05 23.27 24.14
CA ILE B 348 26.26 22.86 25.30
C ILE B 348 26.86 22.91 26.70
N HIS B 349 28.09 22.45 26.84
CA HIS B 349 28.70 22.38 28.17
C HIS B 349 30.22 22.48 28.05
N PRO B 350 30.90 23.00 29.09
CA PRO B 350 32.36 23.08 28.98
C PRO B 350 33.01 21.73 28.69
N GLU B 351 32.42 20.65 29.19
CA GLU B 351 32.96 19.33 28.93
C GLU B 351 32.89 19.00 27.45
N HIS B 352 31.81 19.40 26.77
CA HIS B 352 31.70 19.12 25.36
C HIS B 352 32.66 20.00 24.57
N LEU B 353 32.88 21.23 25.03
CA LEU B 353 33.81 22.13 24.35
C LEU B 353 35.21 21.54 24.39
N GLN B 354 35.56 20.95 25.53
CA GLN B 354 36.88 20.35 25.68
C GLN B 354 37.01 19.16 24.72
N ARG B 355 35.94 18.39 24.59
CA ARG B 355 35.95 17.23 23.70
C ARG B 355 36.09 17.65 22.24
N VAL B 356 35.34 18.67 21.83
CA VAL B 356 35.42 19.14 20.45
C VAL B 356 36.82 19.69 20.18
N LEU B 357 37.33 20.52 21.09
CA LEU B 357 38.67 21.08 20.94
C LEU B 357 39.68 19.96 20.93
N GLY B 358 39.34 18.85 21.59
CA GLY B 358 40.22 17.70 21.60
C GLY B 358 40.39 17.16 20.18
N TYR B 359 39.31 17.17 19.40
CA TYR B 359 39.38 16.69 18.03
C TYR B 359 40.11 17.69 17.14
N VAL B 360 39.93 18.98 17.43
CA VAL B 360 40.60 20.01 16.67
C VAL B 360 42.10 19.77 16.82
N GLU B 361 42.52 19.46 18.04
CA GLU B 361 43.93 19.19 18.30
C GLU B 361 44.38 17.92 17.58
N ALA B 362 43.52 16.91 17.54
CA ALA B 362 43.87 15.67 16.87
C ALA B 362 44.10 15.95 15.39
N GLY B 363 43.24 16.78 14.82
CA GLY B 363 43.37 17.12 13.41
C GLY B 363 44.70 17.77 13.11
N LYS B 364 45.03 18.82 13.86
CA LYS B 364 46.29 19.53 13.66
C LYS B 364 47.46 18.56 13.78
N ARG B 365 47.39 17.70 14.81
CA ARG B 365 48.45 16.74 15.06
C ARG B 365 48.60 15.68 13.96
N GLU B 366 47.49 15.29 13.33
CA GLU B 366 47.57 14.27 12.29
C GLU B 366 47.84 14.80 10.88
N GLY B 367 48.16 16.09 10.77
CA GLY B 367 48.47 16.65 9.47
C GLY B 367 47.42 17.45 8.73
N ALA B 368 46.23 17.58 9.31
CA ALA B 368 45.17 18.35 8.65
C ALA B 368 45.52 19.84 8.68
N ARG B 369 45.28 20.53 7.57
CA ARG B 369 45.55 21.97 7.51
C ARG B 369 44.37 22.77 8.04
N LEU B 370 44.60 23.51 9.12
CA LEU B 370 43.57 24.33 9.71
C LEU B 370 43.51 25.60 8.88
N LEU B 371 42.35 25.89 8.31
CA LEU B 371 42.20 27.08 7.45
C LEU B 371 41.54 28.26 8.15
N VAL B 372 40.79 27.97 9.21
CA VAL B 372 40.11 29.01 9.98
C VAL B 372 39.49 28.39 11.23
N GLY B 373 39.37 29.18 12.29
CA GLY B 373 38.80 28.68 13.53
C GLY B 373 39.80 27.83 14.29
N GLY B 374 39.32 26.79 14.97
CA GLY B 374 40.21 25.93 15.70
C GLY B 374 40.53 26.35 17.13
N GLU B 375 39.78 27.32 17.63
CA GLU B 375 39.99 27.80 18.99
C GLU B 375 38.78 28.59 19.48
N ARG B 376 38.72 28.81 20.79
CA ARG B 376 37.63 29.55 21.42
C ARG B 376 37.42 30.91 20.78
N ALA B 377 36.17 31.33 20.69
CA ALA B 377 35.84 32.63 20.12
C ALA B 377 36.12 33.68 21.19
N LYS B 378 36.64 34.83 20.78
CA LYS B 378 36.96 35.90 21.73
C LYS B 378 35.89 36.98 21.77
N THR B 379 35.47 37.44 20.59
CA THR B 379 34.50 38.52 20.49
C THR B 379 33.36 38.17 19.53
N SER B 380 32.15 38.57 19.90
CA SER B 380 30.98 38.30 19.06
C SER B 380 30.93 39.29 17.92
N PHE B 381 29.98 39.09 17.01
CA PHE B 381 29.82 39.98 15.86
C PHE B 381 29.24 41.32 16.31
N ARG B 382 28.96 41.46 17.60
CA ARG B 382 28.43 42.71 18.16
C ARG B 382 29.51 43.44 18.94
N GLY B 383 30.62 42.74 19.18
CA GLY B 383 31.72 43.32 19.92
C GLY B 383 31.71 42.90 21.38
N GLU B 384 30.83 41.95 21.72
CA GLU B 384 30.72 41.47 23.09
C GLU B 384 31.80 40.43 23.40
N ASP B 385 32.28 40.46 24.65
CA ASP B 385 33.30 39.52 25.09
C ASP B 385 32.60 38.18 25.30
N LEU B 386 33.14 37.12 24.70
CA LEU B 386 32.55 35.79 24.80
C LEU B 386 33.38 34.81 25.62
N SER B 387 34.46 35.30 26.22
CA SER B 387 35.36 34.45 26.99
C SER B 387 34.71 33.64 28.12
N ARG B 388 33.53 34.03 28.58
CA ARG B 388 32.88 33.29 29.67
C ARG B 388 31.91 32.21 29.23
N GLY B 389 31.71 32.07 27.92
CA GLY B 389 30.82 31.04 27.43
C GLY B 389 31.60 29.98 26.66
N ASN B 390 30.92 28.88 26.31
CA ASN B 390 31.58 27.79 25.58
C ASN B 390 31.56 28.05 24.08
N TYR B 391 32.05 29.22 23.69
CA TYR B 391 32.06 29.61 22.28
C TYR B 391 33.26 29.12 21.48
N LEU B 392 32.97 28.35 20.44
CA LEU B 392 33.99 27.83 19.53
C LEU B 392 33.77 28.45 18.16
N LEU B 393 34.85 28.91 17.55
CA LEU B 393 34.78 29.52 16.23
C LEU B 393 34.53 28.47 15.14
N PRO B 394 33.71 28.82 14.13
CA PRO B 394 33.45 27.86 13.07
C PRO B 394 34.83 27.43 12.56
N THR B 395 35.04 26.12 12.42
CA THR B 395 36.33 25.58 12.04
C THR B 395 36.34 24.77 10.75
N VAL B 396 37.34 25.01 9.91
CA VAL B 396 37.48 24.29 8.65
C VAL B 396 38.89 23.76 8.45
N PHE B 397 38.99 22.47 8.15
CA PHE B 397 40.26 21.80 7.90
C PHE B 397 40.27 21.23 6.49
N VAL B 398 41.46 21.02 5.94
CA VAL B 398 41.59 20.35 4.66
C VAL B 398 42.31 19.10 5.11
N GLY B 399 41.77 17.93 4.79
CA GLY B 399 42.41 16.71 5.24
C GLY B 399 42.20 15.53 4.34
N GLU B 400 42.35 14.34 4.90
CA GLU B 400 42.18 13.10 4.17
C GLU B 400 41.09 12.30 4.86
N ASN B 401 40.38 11.50 4.10
CA ASN B 401 39.28 10.71 4.62
C ASN B 401 39.64 9.72 5.73
N HIS B 402 40.88 9.28 5.78
CA HIS B 402 41.27 8.33 6.81
C HIS B 402 41.72 8.96 8.13
N MET B 403 41.69 10.29 8.21
CA MET B 403 42.07 10.98 9.43
C MET B 403 41.00 10.79 10.51
N LYS B 404 41.43 10.85 11.76
CA LYS B 404 40.52 10.69 12.88
C LYS B 404 39.40 11.74 12.84
N ILE B 405 39.73 12.97 12.44
CA ILE B 405 38.73 14.03 12.37
C ILE B 405 37.73 13.79 11.23
N ALA B 406 38.07 12.88 10.33
CA ALA B 406 37.19 12.58 9.21
C ALA B 406 36.39 11.31 9.50
N GLN B 407 36.89 10.47 10.38
CA GLN B 407 36.25 9.20 10.71
C GLN B 407 35.37 9.20 11.95
N GLU B 408 35.60 10.14 12.86
CA GLU B 408 34.83 10.17 14.10
C GLU B 408 33.92 11.39 14.20
N GLU B 409 32.74 11.20 14.78
CA GLU B 409 31.80 12.30 14.94
C GLU B 409 32.32 13.27 15.98
N ILE B 410 32.36 14.54 15.63
CA ILE B 410 32.85 15.58 16.53
C ILE B 410 31.67 16.28 17.21
N PHE B 411 30.56 16.40 16.48
CA PHE B 411 29.36 17.04 17.00
C PHE B 411 29.63 18.48 17.44
N GLY B 412 30.29 19.23 16.56
CA GLY B 412 30.61 20.62 16.80
C GLY B 412 30.79 21.33 15.47
N PRO B 413 30.97 22.67 15.47
CA PRO B 413 31.14 23.44 14.23
C PRO B 413 32.53 23.23 13.62
N VAL B 414 32.83 21.99 13.27
CA VAL B 414 34.13 21.65 12.69
C VAL B 414 33.92 20.88 11.40
N LEU B 415 34.48 21.40 10.32
CA LEU B 415 34.36 20.80 9.00
C LEU B 415 35.71 20.38 8.42
N VAL B 416 35.72 19.24 7.72
CA VAL B 416 36.94 18.79 7.07
C VAL B 416 36.69 18.63 5.58
N ALA B 417 37.48 19.33 4.78
CA ALA B 417 37.37 19.28 3.32
C ALA B 417 38.33 18.25 2.76
N ILE B 418 37.82 17.39 1.89
CA ILE B 418 38.60 16.31 1.28
C ILE B 418 38.35 16.30 -0.22
N PRO B 419 39.41 16.19 -1.04
CA PRO B 419 39.22 16.17 -2.49
C PRO B 419 38.93 14.79 -3.08
N PHE B 420 38.31 14.77 -4.25
CA PHE B 420 38.07 13.51 -4.94
C PHE B 420 38.36 13.72 -6.43
N LYS B 421 38.89 12.68 -7.04
CA LYS B 421 39.27 12.69 -8.45
C LYS B 421 38.09 12.56 -9.40
N ASP B 422 37.16 11.67 -9.08
CA ASP B 422 36.00 11.44 -9.91
C ASP B 422 34.85 10.81 -9.14
N GLU B 423 33.72 10.64 -9.80
CA GLU B 423 32.53 10.06 -9.15
C GLU B 423 32.84 8.81 -8.35
N GLU B 424 33.56 7.87 -8.98
CA GLU B 424 33.92 6.62 -8.30
C GLU B 424 34.61 6.88 -6.97
N GLU B 425 35.62 7.76 -6.99
CA GLU B 425 36.36 8.08 -5.77
C GLU B 425 35.50 8.84 -4.76
N ALA B 426 34.68 9.76 -5.24
CA ALA B 426 33.81 10.51 -4.35
C ALA B 426 32.91 9.53 -3.60
N LEU B 427 32.40 8.53 -4.32
CA LEU B 427 31.52 7.52 -3.73
C LEU B 427 32.23 6.64 -2.70
N ARG B 428 33.42 6.16 -3.05
CA ARG B 428 34.20 5.31 -2.16
C ARG B 428 34.48 6.05 -0.85
N LYS B 429 35.01 7.26 -0.93
CA LYS B 429 35.31 8.03 0.27
C LYS B 429 34.07 8.33 1.09
N ALA B 430 32.97 8.65 0.42
CA ALA B 430 31.73 8.97 1.12
C ALA B 430 31.25 7.80 1.96
N ASN B 431 31.24 6.60 1.38
CA ASN B 431 30.78 5.41 2.09
C ASN B 431 31.79 4.84 3.07
N ASP B 432 33.02 5.34 3.03
CA ASP B 432 34.06 4.83 3.88
C ASP B 432 34.16 5.39 5.31
N THR B 433 33.13 5.10 6.12
CA THR B 433 33.10 5.48 7.54
C THR B 433 32.18 4.46 8.17
N LYS B 434 32.15 4.42 9.50
CA LYS B 434 31.29 3.47 10.19
C LYS B 434 29.86 3.97 10.29
N TYR B 435 29.63 5.20 9.85
CA TYR B 435 28.31 5.79 9.92
C TYR B 435 27.51 5.69 8.61
N GLY B 436 26.24 6.07 8.67
CA GLY B 436 25.38 6.03 7.51
C GLY B 436 24.04 6.68 7.74
N LEU B 437 24.06 7.93 8.21
CA LEU B 437 22.82 8.64 8.47
C LEU B 437 22.33 9.40 7.24
N ALA B 438 23.08 10.44 6.85
CA ALA B 438 22.70 11.24 5.69
C ALA B 438 23.88 11.49 4.77
N ALA B 439 23.57 11.97 3.57
CA ALA B 439 24.57 12.29 2.56
C ALA B 439 23.96 13.38 1.68
N TYR B 440 24.78 14.29 1.19
CA TYR B 440 24.31 15.37 0.35
C TYR B 440 25.09 15.39 -0.97
N VAL B 441 24.37 15.47 -2.08
CA VAL B 441 25.01 15.46 -3.38
C VAL B 441 24.65 16.69 -4.20
N PHE B 442 25.67 17.45 -4.59
CA PHE B 442 25.44 18.63 -5.39
C PHE B 442 26.02 18.40 -6.78
N THR B 443 25.12 18.22 -7.74
CA THR B 443 25.47 18.00 -9.13
C THR B 443 24.23 18.21 -9.98
N ARG B 444 24.41 18.72 -11.20
CA ARG B 444 23.28 18.96 -12.10
C ARG B 444 23.02 17.76 -13.01
N ASP B 445 23.97 16.82 -13.06
CA ASP B 445 23.81 15.64 -13.93
C ASP B 445 22.76 14.68 -13.39
N LEU B 446 21.69 14.52 -14.17
CA LEU B 446 20.57 13.65 -13.83
C LEU B 446 20.97 12.22 -13.43
N GLU B 447 21.59 11.51 -14.35
CA GLU B 447 21.98 10.13 -14.08
C GLU B 447 23.00 9.98 -12.96
N ARG B 448 23.95 10.91 -12.87
CA ARG B 448 24.94 10.84 -11.80
C ARG B 448 24.24 10.95 -10.44
N ALA B 449 23.34 11.91 -10.33
CA ALA B 449 22.61 12.15 -9.09
C ALA B 449 21.88 10.90 -8.59
N HIS B 450 21.02 10.33 -9.42
CA HIS B 450 20.25 9.16 -9.03
C HIS B 450 21.11 7.94 -8.80
N ARG B 451 22.23 7.87 -9.52
CA ARG B 451 23.16 6.77 -9.38
C ARG B 451 23.86 6.83 -8.02
N LEU B 452 24.35 8.01 -7.67
CA LEU B 452 25.02 8.18 -6.38
C LEU B 452 24.02 7.96 -5.26
N ALA B 453 22.81 8.50 -5.43
CA ALA B 453 21.76 8.36 -4.42
C ALA B 453 21.51 6.88 -4.11
N LEU B 454 21.50 6.05 -5.14
CA LEU B 454 21.29 4.62 -4.94
C LEU B 454 22.47 3.94 -4.25
N GLU B 455 23.69 4.37 -4.58
CA GLU B 455 24.91 3.77 -4.02
C GLU B 455 25.38 4.30 -2.66
N LEU B 456 25.00 5.52 -2.31
CA LEU B 456 25.40 6.08 -1.03
C LEU B 456 24.72 5.37 0.13
N GLU B 457 25.53 4.85 1.04
CA GLU B 457 25.02 4.13 2.20
C GLU B 457 24.61 5.11 3.29
N ALA B 458 23.34 5.49 3.26
CA ALA B 458 22.78 6.44 4.22
C ALA B 458 21.28 6.23 4.22
N GLY B 459 20.63 6.64 5.30
CA GLY B 459 19.20 6.48 5.36
C GLY B 459 18.52 7.58 4.57
N MET B 460 19.23 8.70 4.41
CA MET B 460 18.69 9.85 3.68
C MET B 460 19.72 10.48 2.77
N VAL B 461 19.31 10.75 1.53
CA VAL B 461 20.18 11.40 0.57
C VAL B 461 19.45 12.65 0.07
N TYR B 462 20.14 13.78 0.14
CA TYR B 462 19.58 15.03 -0.31
C TYR B 462 20.33 15.48 -1.54
N LEU B 463 19.60 15.61 -2.65
CA LEU B 463 20.20 16.05 -3.89
C LEU B 463 19.99 17.55 -4.04
N ASN B 464 21.10 18.28 -4.19
CA ASN B 464 21.09 19.72 -4.38
C ASN B 464 20.43 20.61 -3.33
N SER B 465 20.59 20.23 -2.07
CA SER B 465 20.03 21.05 -1.00
C SER B 465 20.55 20.58 0.35
N HIS B 466 20.23 21.37 1.37
CA HIS B 466 20.57 21.02 2.71
C HIS B 466 19.49 20.09 3.21
N ASN B 467 19.52 19.74 4.49
CA ASN B 467 18.54 18.82 5.05
C ASN B 467 17.17 19.49 5.16
N VAL B 468 16.29 19.18 4.22
CA VAL B 468 14.92 19.71 4.19
C VAL B 468 13.99 18.53 4.38
N ARG B 469 13.27 18.50 5.48
CA ARG B 469 12.40 17.37 5.76
C ARG B 469 10.92 17.41 5.42
N HIS B 470 10.41 16.24 5.07
CA HIS B 470 9.03 16.03 4.74
C HIS B 470 8.70 14.90 5.71
N LEU B 471 7.93 15.22 6.74
CA LEU B 471 7.61 14.28 7.80
C LEU B 471 7.14 12.86 7.49
N PRO B 472 6.34 12.67 6.42
CA PRO B 472 5.86 11.32 6.09
C PRO B 472 6.93 10.31 5.67
N THR B 473 8.12 10.77 5.29
CA THR B 473 9.18 9.87 4.84
C THR B 473 9.90 9.12 5.94
N PRO B 474 10.42 7.91 5.63
CA PRO B 474 11.14 7.14 6.66
C PRO B 474 12.46 7.81 7.02
N PHE B 475 12.62 8.14 8.30
CA PHE B 475 13.82 8.79 8.80
C PHE B 475 14.59 7.86 9.74
N GLY B 476 15.88 7.72 9.49
CA GLY B 476 16.73 6.87 10.31
C GLY B 476 18.04 6.60 9.60
N GLY B 477 18.92 5.82 10.21
CA GLY B 477 20.20 5.54 9.57
C GLY B 477 20.50 4.08 9.34
N VAL B 478 21.70 3.82 8.81
CA VAL B 478 22.16 2.46 8.56
C VAL B 478 23.53 2.37 9.23
N LYS B 479 24.14 1.18 9.17
CA LYS B 479 25.45 0.98 9.80
C LYS B 479 25.45 1.44 11.25
N GLY B 480 26.43 2.26 11.61
CA GLY B 480 26.56 2.76 12.96
C GLY B 480 25.65 3.91 13.36
N SER B 481 24.75 4.33 12.47
CA SER B 481 23.86 5.43 12.76
C SER B 481 22.50 5.01 13.34
N GLY B 482 22.37 3.73 13.67
CA GLY B 482 21.12 3.25 14.25
C GLY B 482 20.35 2.26 13.40
N ASP B 483 19.05 2.13 13.69
CA ASP B 483 18.20 1.20 12.97
C ASP B 483 16.74 1.63 13.20
N ARG B 484 15.82 1.03 12.44
CA ARG B 484 14.40 1.36 12.53
C ARG B 484 14.16 2.73 11.88
N ARG B 485 12.90 3.09 11.73
CA ARG B 485 12.55 4.36 11.12
C ARG B 485 11.44 5.11 11.86
N GLU B 486 11.45 6.43 11.75
CA GLU B 486 10.43 7.29 12.36
C GLU B 486 9.80 7.99 11.16
N GLY B 487 8.63 8.60 11.36
CA GLY B 487 7.99 9.30 10.27
C GLY B 487 6.75 8.60 9.73
N GLY B 488 5.61 9.26 9.90
CA GLY B 488 4.35 8.72 9.42
C GLY B 488 4.10 7.25 9.71
N THR B 489 3.73 6.52 8.66
CA THR B 489 3.44 5.09 8.76
C THR B 489 4.63 4.23 9.16
N TYR B 490 5.84 4.69 8.87
CA TYR B 490 7.02 3.91 9.23
C TYR B 490 7.19 3.83 10.74
N ALA B 491 6.71 4.86 11.44
CA ALA B 491 6.79 4.88 12.88
C ALA B 491 5.94 3.73 13.42
N LEU B 492 4.85 3.42 12.72
CA LEU B 492 3.93 2.35 13.12
C LEU B 492 4.60 0.99 13.33
N ASP B 493 5.57 0.66 12.49
CA ASP B 493 6.25 -0.62 12.61
C ASP B 493 6.97 -0.78 13.95
N PHE B 494 7.27 0.34 14.60
CA PHE B 494 7.94 0.27 15.89
C PHE B 494 7.01 0.41 17.09
N TYR B 495 6.09 1.36 17.02
CA TYR B 495 5.16 1.58 18.13
C TYR B 495 3.98 0.62 18.22
N THR B 496 3.77 -0.19 17.20
CA THR B 496 2.65 -1.14 17.21
C THR B 496 3.08 -2.57 16.88
N ASP B 497 2.20 -3.52 17.18
CA ASP B 497 2.44 -4.92 16.89
C ASP B 497 1.47 -5.40 15.82
N LEU B 498 1.96 -6.16 14.85
CA LEU B 498 1.09 -6.69 13.81
C LEU B 498 0.40 -7.94 14.35
N LYS B 499 -0.78 -8.24 13.83
CA LYS B 499 -1.51 -9.43 14.23
C LYS B 499 -2.21 -10.01 13.01
N THR B 500 -2.04 -11.31 12.79
CA THR B 500 -2.70 -11.99 11.68
C THR B 500 -3.84 -12.83 12.23
N ILE B 501 -5.04 -12.57 11.76
CA ILE B 501 -6.22 -13.31 12.21
C ILE B 501 -6.75 -14.15 11.07
N ALA B 502 -6.92 -15.45 11.32
CA ALA B 502 -7.39 -16.37 10.30
C ALA B 502 -8.70 -17.03 10.68
N LEU B 503 -9.50 -17.34 9.67
CA LEU B 503 -10.78 -17.98 9.89
C LEU B 503 -11.27 -18.61 8.59
N PRO B 504 -11.66 -19.89 8.64
CA PRO B 504 -12.15 -20.57 7.44
C PRO B 504 -13.56 -20.11 7.13
N LEU B 505 -13.96 -20.16 5.86
CA LEU B 505 -15.30 -19.74 5.47
C LEU B 505 -16.26 -20.92 5.37
N ARG B 506 -15.69 -22.13 5.46
CA ARG B 506 -16.45 -23.37 5.40
C ARG B 506 -15.61 -24.43 6.10
N PRO B 507 -16.21 -25.57 6.48
CA PRO B 507 -15.48 -26.65 7.16
C PRO B 507 -14.17 -27.02 6.47
N PRO B 508 -13.03 -26.67 7.10
CA PRO B 508 -11.71 -26.97 6.52
C PRO B 508 -11.26 -28.39 6.83
N HIS B 509 -10.17 -28.80 6.19
CA HIS B 509 -9.62 -30.12 6.42
C HIS B 509 -8.72 -30.06 7.65
N VAL B 510 -9.02 -30.90 8.63
CA VAL B 510 -8.21 -30.97 9.85
C VAL B 510 -7.65 -32.38 9.92
N PRO B 511 -6.32 -32.53 9.98
CA PRO B 511 -5.71 -33.85 10.06
C PRO B 511 -6.24 -34.61 11.26
N LYS B 512 -6.53 -35.89 11.08
CA LYS B 512 -7.05 -36.72 12.17
C LYS B 512 -5.94 -37.44 12.92
N PHE B 513 -5.88 -37.21 14.23
CA PHE B 513 -4.90 -37.83 15.10
C PHE B 513 -5.66 -38.60 16.17
N GLY B 514 -5.25 -39.83 16.43
CA GLY B 514 -5.90 -40.63 17.46
C GLY B 514 -7.31 -41.07 17.11
N LYS B 515 -7.57 -41.30 15.83
CA LYS B 515 -8.89 -41.76 15.39
C LYS B 515 -8.92 -43.28 15.25
N MET C 1 -47.59 26.04 12.73
CA MET C 1 -47.65 25.50 14.11
C MET C 1 -46.26 25.48 14.74
N ARG C 2 -46.07 26.29 15.78
CA ARG C 2 -44.80 26.34 16.48
C ARG C 2 -44.84 25.15 17.43
N TYR C 3 -44.17 24.06 17.08
CA TYR C 3 -44.20 22.88 17.94
C TYR C 3 -43.40 23.06 19.21
N ALA C 4 -42.35 23.88 19.17
CA ALA C 4 -41.51 24.10 20.35
C ALA C 4 -40.62 25.32 20.16
N ASP C 5 -40.06 25.84 21.26
CA ASP C 5 -39.18 27.01 21.17
C ASP C 5 -37.93 26.69 20.35
N ARG C 6 -37.43 25.47 20.48
CA ARG C 6 -36.25 25.04 19.76
C ARG C 6 -36.46 23.62 19.25
N VAL C 7 -35.96 23.35 18.05
CA VAL C 7 -36.07 22.02 17.45
C VAL C 7 -34.68 21.71 16.91
N ALA C 8 -34.12 20.58 17.34
CA ALA C 8 -32.79 20.16 16.92
C ALA C 8 -31.78 21.24 17.34
N GLY C 9 -32.06 21.91 18.44
CA GLY C 9 -31.18 22.96 18.93
C GLY C 9 -31.30 24.26 18.18
N ILE C 10 -32.28 24.35 17.27
CA ILE C 10 -32.49 25.56 16.48
C ILE C 10 -33.71 26.33 16.99
N SER C 11 -33.55 27.63 17.19
CA SER C 11 -34.63 28.46 17.69
C SER C 11 -35.73 28.60 16.64
N TRP C 12 -36.97 28.68 17.09
CA TRP C 12 -38.07 28.82 16.15
C TRP C 12 -37.93 30.12 15.37
N GLU C 13 -37.33 31.13 15.99
CA GLU C 13 -37.13 32.42 15.35
C GLU C 13 -36.26 32.26 14.10
N THR C 14 -35.20 31.46 14.22
CA THR C 14 -34.31 31.18 13.10
C THR C 14 -35.08 30.52 11.97
N ILE C 15 -35.88 29.52 12.32
CA ILE C 15 -36.68 28.77 11.34
C ILE C 15 -37.53 29.72 10.49
N GLU C 16 -38.23 30.65 11.13
CA GLU C 16 -39.07 31.59 10.42
C GLU C 16 -38.25 32.57 9.60
N GLU C 17 -37.06 32.92 10.07
CA GLU C 17 -36.18 33.83 9.35
C GLU C 17 -35.73 33.20 8.04
N VAL C 18 -35.29 31.94 8.12
CA VAL C 18 -34.83 31.20 6.95
C VAL C 18 -35.96 31.10 5.93
N ARG C 19 -37.13 30.70 6.41
CA ARG C 19 -38.29 30.55 5.53
C ARG C 19 -38.55 31.85 4.77
N ARG C 20 -38.42 32.96 5.47
CA ARG C 20 -38.66 34.26 4.88
C ARG C 20 -37.61 34.67 3.84
N ARG C 21 -36.34 34.36 4.10
CA ARG C 21 -35.29 34.70 3.14
C ARG C 21 -35.42 33.89 1.85
N LEU C 22 -35.94 32.67 1.95
CA LEU C 22 -36.12 31.82 0.78
C LEU C 22 -37.16 32.39 -0.16
N LYS C 23 -38.21 32.97 0.40
CA LYS C 23 -39.27 33.55 -0.40
C LYS C 23 -38.86 34.90 -0.98
N GLU C 24 -37.97 35.58 -0.26
CA GLU C 24 -37.50 36.89 -0.68
C GLU C 24 -36.37 36.87 -1.70
N ARG C 25 -35.43 35.94 -1.51
CA ARG C 25 -34.27 35.86 -2.39
C ARG C 25 -34.19 34.68 -3.37
N PRO C 26 -34.21 34.98 -4.67
CA PRO C 26 -34.13 33.91 -5.68
C PRO C 26 -32.77 33.23 -5.54
N ALA C 27 -32.72 31.91 -5.72
CA ALA C 27 -31.47 31.17 -5.61
C ALA C 27 -30.73 31.34 -6.94
N LEU C 28 -29.61 32.06 -6.92
CA LEU C 28 -28.85 32.32 -8.15
C LEU C 28 -27.67 31.38 -8.40
N HIS C 29 -27.16 31.45 -9.62
CA HIS C 29 -25.99 30.65 -10.00
C HIS C 29 -24.79 31.36 -9.39
N PHE C 30 -23.67 30.66 -9.31
CA PHE C 30 -22.45 31.26 -8.84
C PHE C 30 -21.45 30.93 -9.94
N ILE C 31 -21.08 31.95 -10.71
CA ILE C 31 -20.18 31.76 -11.83
C ILE C 31 -19.03 32.76 -11.80
N ALA C 32 -17.82 32.27 -12.05
CA ALA C 32 -16.63 33.11 -12.06
C ALA C 32 -16.59 34.06 -10.85
N GLY C 33 -16.87 33.52 -9.67
CA GLY C 33 -16.81 34.31 -8.45
C GLY C 33 -17.95 35.27 -8.10
N GLU C 34 -19.09 35.15 -8.76
CA GLU C 34 -20.22 36.04 -8.47
C GLU C 34 -21.57 35.33 -8.61
N PHE C 35 -22.55 35.79 -7.84
CA PHE C 35 -23.90 35.24 -7.95
C PHE C 35 -24.58 35.96 -9.11
N VAL C 36 -25.13 35.19 -10.03
CA VAL C 36 -25.80 35.78 -11.19
C VAL C 36 -27.02 34.98 -11.60
N PRO C 37 -27.99 35.64 -12.25
CA PRO C 37 -29.22 34.99 -12.70
C PRO C 37 -28.93 34.43 -14.08
N SER C 38 -29.90 33.75 -14.68
CA SER C 38 -29.72 33.23 -16.02
C SER C 38 -29.82 34.44 -16.94
N GLU C 39 -29.19 34.39 -18.10
CA GLU C 39 -29.25 35.52 -19.03
C GLU C 39 -30.69 35.78 -19.48
N SER C 40 -31.50 34.72 -19.51
CA SER C 40 -32.89 34.84 -19.93
C SER C 40 -33.76 35.43 -18.81
N GLY C 41 -33.24 35.47 -17.60
CA GLY C 41 -33.99 36.00 -16.48
C GLY C 41 -35.00 34.99 -15.93
N GLU C 42 -35.11 33.87 -16.62
CA GLU C 42 -36.04 32.81 -16.22
C GLU C 42 -35.69 32.15 -14.89
N THR C 43 -36.72 31.70 -14.18
CA THR C 43 -36.54 31.02 -12.91
C THR C 43 -37.56 29.88 -12.84
N PHE C 44 -37.39 29.00 -11.85
CA PHE C 44 -38.31 27.89 -11.65
C PHE C 44 -38.55 27.79 -10.16
N PRO C 45 -39.77 27.42 -9.76
CA PRO C 45 -40.07 27.31 -8.33
C PRO C 45 -39.71 25.97 -7.70
N SER C 46 -39.57 25.98 -6.37
CA SER C 46 -39.31 24.78 -5.60
C SER C 46 -40.35 24.77 -4.49
N LEU C 47 -41.04 23.65 -4.35
CA LEU C 47 -42.09 23.49 -3.37
C LEU C 47 -41.62 23.02 -1.99
N ASP C 48 -42.45 23.26 -0.98
CA ASP C 48 -42.20 22.82 0.38
C ASP C 48 -43.03 21.54 0.42
N PRO C 49 -42.37 20.37 0.42
CA PRO C 49 -43.05 19.08 0.43
C PRO C 49 -44.08 18.86 1.53
N ALA C 50 -44.05 19.68 2.57
CA ALA C 50 -45.00 19.57 3.67
C ALA C 50 -46.34 20.23 3.34
N THR C 51 -46.34 21.19 2.41
CA THR C 51 -47.57 21.89 2.07
C THR C 51 -47.77 22.09 0.56
N ASN C 52 -46.73 21.80 -0.21
CA ASN C 52 -46.76 21.97 -1.65
C ASN C 52 -46.94 23.43 -2.04
N GLU C 53 -46.56 24.32 -1.13
CA GLU C 53 -46.62 25.76 -1.38
C GLU C 53 -45.24 26.11 -1.93
N VAL C 54 -45.16 27.19 -2.70
CA VAL C 54 -43.87 27.60 -3.24
C VAL C 54 -43.00 28.21 -2.13
N LEU C 55 -41.77 27.68 -2.00
CA LEU C 55 -40.83 28.16 -1.00
C LEU C 55 -40.06 29.36 -1.53
N GLY C 56 -39.77 29.30 -2.82
CA GLY C 56 -39.02 30.35 -3.47
C GLY C 56 -38.70 29.92 -4.88
N VAL C 57 -37.80 30.65 -5.54
CA VAL C 57 -37.44 30.32 -6.91
C VAL C 57 -35.92 30.27 -7.09
N ALA C 58 -35.49 29.55 -8.12
CA ALA C 58 -34.07 29.42 -8.43
C ALA C 58 -33.88 29.73 -9.91
N ALA C 59 -32.75 30.34 -10.25
CA ALA C 59 -32.43 30.67 -11.64
C ALA C 59 -32.46 29.42 -12.52
N ARG C 60 -33.10 29.53 -13.69
CA ARG C 60 -33.19 28.41 -14.61
C ARG C 60 -32.02 28.44 -15.58
N GLY C 61 -30.93 27.77 -15.22
CA GLY C 61 -29.75 27.74 -16.04
C GLY C 61 -29.82 26.87 -17.28
N GLY C 62 -29.12 27.30 -18.33
CA GLY C 62 -29.10 26.55 -19.57
C GLY C 62 -27.70 26.47 -20.14
N GLU C 63 -27.60 26.14 -21.43
CA GLU C 63 -26.30 26.01 -22.11
C GLU C 63 -25.38 27.19 -21.88
N ARG C 64 -25.92 28.40 -21.91
CA ARG C 64 -25.12 29.61 -21.74
C ARG C 64 -24.52 29.76 -20.35
N GLU C 65 -25.31 29.46 -19.32
CA GLU C 65 -24.80 29.57 -17.96
C GLU C 65 -23.77 28.47 -17.73
N VAL C 66 -24.06 27.28 -18.27
CA VAL C 66 -23.15 26.17 -18.13
C VAL C 66 -21.83 26.47 -18.84
N ASP C 67 -21.92 27.06 -20.03
CA ASP C 67 -20.70 27.40 -20.78
C ASP C 67 -19.82 28.36 -19.98
N ARG C 68 -20.43 29.38 -19.38
CA ARG C 68 -19.68 30.34 -18.59
C ARG C 68 -19.05 29.68 -17.36
N ALA C 69 -19.80 28.76 -16.71
CA ALA C 69 -19.29 28.07 -15.53
C ALA C 69 -18.12 27.17 -15.89
N ALA C 70 -18.24 26.43 -16.98
CA ALA C 70 -17.19 25.52 -17.42
C ALA C 70 -15.91 26.30 -17.78
N LYS C 71 -16.09 27.42 -18.48
CA LYS C 71 -14.94 28.25 -18.84
C LYS C 71 -14.26 28.76 -17.59
N ALA C 72 -15.05 29.11 -16.59
CA ALA C 72 -14.50 29.61 -15.33
C ALA C 72 -13.70 28.52 -14.62
N ALA C 73 -14.27 27.33 -14.53
CA ALA C 73 -13.60 26.21 -13.87
C ALA C 73 -12.32 25.88 -14.62
N HIS C 74 -12.40 25.88 -15.95
CA HIS C 74 -11.24 25.57 -16.78
C HIS C 74 -10.13 26.60 -16.60
N GLU C 75 -10.49 27.87 -16.72
CA GLU C 75 -9.52 28.95 -16.57
C GLU C 75 -8.83 28.93 -15.22
N ALA C 76 -9.60 28.63 -14.17
CA ALA C 76 -9.05 28.58 -12.81
C ALA C 76 -8.28 27.30 -12.47
N PHE C 77 -8.49 26.24 -13.24
CA PHE C 77 -7.81 24.97 -12.99
C PHE C 77 -6.29 25.12 -13.03
N GLN C 78 -5.81 25.92 -13.97
CA GLN C 78 -4.38 26.15 -14.13
C GLN C 78 -3.72 26.55 -12.81
N ARG C 79 -4.27 27.56 -12.13
CA ARG C 79 -3.72 28.04 -10.87
C ARG C 79 -4.10 27.20 -9.66
N TRP C 80 -5.35 26.74 -9.61
CA TRP C 80 -5.81 25.94 -8.47
C TRP C 80 -5.06 24.62 -8.33
N SER C 81 -4.86 23.93 -9.46
CA SER C 81 -4.16 22.65 -9.44
C SER C 81 -2.68 22.79 -9.11
N ARG C 82 -2.20 24.02 -8.97
CA ARG C 82 -0.80 24.24 -8.64
C ARG C 82 -0.63 24.88 -7.27
N THR C 83 -1.73 25.17 -6.60
CA THR C 83 -1.68 25.76 -5.28
C THR C 83 -1.05 24.72 -4.36
N LYS C 84 -0.43 25.17 -3.27
CA LYS C 84 0.18 24.23 -2.35
C LYS C 84 -0.91 23.44 -1.62
N ALA C 85 -0.72 22.12 -1.54
CA ALA C 85 -1.69 21.26 -0.88
C ALA C 85 -2.02 21.78 0.51
N LYS C 86 -1.01 22.31 1.20
CA LYS C 86 -1.20 22.85 2.53
C LYS C 86 -2.21 24.00 2.50
N GLU C 87 -2.18 24.78 1.42
CA GLU C 87 -3.09 25.90 1.28
C GLU C 87 -4.51 25.43 0.95
N ARG C 88 -4.63 24.38 0.14
CA ARG C 88 -5.96 23.86 -0.20
C ARG C 88 -6.53 23.25 1.07
N LYS C 89 -5.66 22.65 1.88
CA LYS C 89 -6.08 22.05 3.13
C LYS C 89 -6.66 23.15 4.03
N ARG C 90 -6.01 24.31 4.03
CA ARG C 90 -6.48 25.44 4.83
C ARG C 90 -7.89 25.84 4.40
N TYR C 91 -8.10 25.91 3.09
CA TYR C 91 -9.42 26.27 2.57
C TYR C 91 -10.50 25.27 2.97
N LEU C 92 -10.23 23.97 2.80
CA LEU C 92 -11.23 22.96 3.17
C LEU C 92 -11.60 23.08 4.64
N LEU C 93 -10.60 23.30 5.49
CA LEU C 93 -10.84 23.44 6.93
C LEU C 93 -11.67 24.70 7.22
N ARG C 94 -11.47 25.74 6.41
CA ARG C 94 -12.20 26.98 6.57
C ARG C 94 -13.66 26.76 6.17
N ILE C 95 -13.85 26.01 5.09
CA ILE C 95 -15.17 25.69 4.59
C ILE C 95 -15.92 24.87 5.65
N ALA C 96 -15.24 23.89 6.23
CA ALA C 96 -15.84 23.04 7.26
C ALA C 96 -16.22 23.91 8.45
N GLU C 97 -15.35 24.86 8.79
CA GLU C 97 -15.59 25.77 9.90
C GLU C 97 -16.83 26.62 9.64
N LEU C 98 -16.94 27.16 8.42
CA LEU C 98 -18.07 28.00 8.05
C LEU C 98 -19.39 27.24 7.92
N ILE C 99 -19.32 25.98 7.51
CA ILE C 99 -20.53 25.16 7.40
C ILE C 99 -21.07 25.01 8.84
N GLU C 100 -20.17 24.79 9.78
CA GLU C 100 -20.56 24.65 11.18
C GLU C 100 -21.19 25.94 11.71
N LYS C 101 -20.64 27.08 11.30
CA LYS C 101 -21.14 28.36 11.76
C LYS C 101 -22.53 28.67 11.21
N HIS C 102 -22.81 28.17 10.01
CA HIS C 102 -24.12 28.38 9.39
C HIS C 102 -24.97 27.12 9.46
N ALA C 103 -24.59 26.20 10.34
CA ALA C 103 -25.29 24.92 10.49
C ALA C 103 -26.81 25.02 10.64
N ASP C 104 -27.28 25.88 11.53
CA ASP C 104 -28.71 26.04 11.75
C ASP C 104 -29.45 26.45 10.48
N GLU C 105 -28.91 27.44 9.77
CA GLU C 105 -29.52 27.92 8.54
C GLU C 105 -29.59 26.80 7.49
N LEU C 106 -28.47 26.09 7.30
CA LEU C 106 -28.39 24.99 6.34
C LEU C 106 -29.40 23.89 6.65
N ALA C 107 -29.50 23.52 7.92
CA ALA C 107 -30.44 22.48 8.33
C ALA C 107 -31.86 22.89 8.02
N VAL C 108 -32.25 24.09 8.45
CA VAL C 108 -33.60 24.57 8.21
C VAL C 108 -33.90 24.66 6.72
N MET C 109 -32.97 25.23 5.98
CA MET C 109 -33.15 25.39 4.54
C MET C 109 -33.43 24.06 3.85
N GLU C 110 -32.54 23.09 4.06
CA GLU C 110 -32.71 21.78 3.43
C GLU C 110 -33.94 21.06 3.95
N CYS C 111 -34.27 21.27 5.22
CA CYS C 111 -35.44 20.65 5.82
C CYS C 111 -36.70 21.14 5.09
N LEU C 112 -36.83 22.46 4.98
CA LEU C 112 -37.97 23.07 4.32
C LEU C 112 -38.10 22.65 2.85
N ASP C 113 -36.95 22.59 2.18
CA ASP C 113 -36.84 22.28 0.76
C ASP C 113 -37.00 20.80 0.38
N ALA C 114 -36.46 19.90 1.20
CA ALA C 114 -36.51 18.48 0.89
C ALA C 114 -37.36 17.57 1.77
N GLY C 115 -38.00 18.14 2.80
CA GLY C 115 -38.89 17.35 3.64
C GLY C 115 -38.39 16.38 4.70
N GLN C 116 -37.09 16.33 4.98
CA GLN C 116 -36.61 15.40 6.00
C GLN C 116 -36.77 16.05 7.38
N VAL C 117 -36.89 15.24 8.42
CA VAL C 117 -37.04 15.79 9.77
C VAL C 117 -35.83 16.63 10.14
N LEU C 118 -36.07 17.80 10.71
CA LEU C 118 -35.00 18.73 11.05
C LEU C 118 -33.78 18.15 11.76
N ARG C 119 -33.98 17.38 12.81
CA ARG C 119 -32.82 16.82 13.52
C ARG C 119 -31.93 15.95 12.63
N ILE C 120 -32.55 15.19 11.73
CA ILE C 120 -31.78 14.35 10.83
C ILE C 120 -30.99 15.22 9.86
N VAL C 121 -31.63 16.29 9.36
CA VAL C 121 -30.95 17.18 8.44
C VAL C 121 -29.81 17.89 9.17
N ARG C 122 -30.01 18.18 10.46
CA ARG C 122 -28.98 18.86 11.22
C ARG C 122 -27.76 17.96 11.34
N ALA C 123 -27.98 16.68 11.58
CA ALA C 123 -26.89 15.72 11.70
C ALA C 123 -26.17 15.60 10.36
N GLN C 124 -26.93 15.77 9.27
CA GLN C 124 -26.36 15.70 7.92
C GLN C 124 -25.44 16.89 7.66
N VAL C 125 -25.75 18.03 8.27
CA VAL C 125 -24.91 19.21 8.10
C VAL C 125 -23.57 18.90 8.75
N ALA C 126 -23.61 18.23 9.89
CA ALA C 126 -22.37 17.87 10.57
C ALA C 126 -21.54 16.93 9.67
N ARG C 127 -22.21 15.99 8.99
CA ARG C 127 -21.51 15.07 8.10
C ARG C 127 -20.92 15.84 6.92
N ALA C 128 -21.63 16.85 6.46
CA ALA C 128 -21.16 17.68 5.35
C ALA C 128 -19.88 18.39 5.77
N ALA C 129 -19.88 18.95 6.96
CA ALA C 129 -18.70 19.64 7.47
C ALA C 129 -17.57 18.60 7.56
N GLU C 130 -17.89 17.42 8.07
CA GLU C 130 -16.92 16.34 8.21
C GLU C 130 -16.32 15.93 6.86
N ASN C 131 -17.11 16.02 5.80
CA ASN C 131 -16.63 15.68 4.48
C ASN C 131 -15.42 16.55 4.13
N PHE C 132 -15.50 17.84 4.43
CA PHE C 132 -14.40 18.75 4.16
C PHE C 132 -13.24 18.57 5.13
N ALA C 133 -13.55 18.39 6.41
CA ALA C 133 -12.51 18.20 7.41
C ALA C 133 -11.73 16.92 7.11
N PHE C 134 -12.46 15.92 6.63
CA PHE C 134 -11.88 14.62 6.29
C PHE C 134 -10.90 14.70 5.12
N TYR C 135 -11.38 15.15 3.96
CA TYR C 135 -10.52 15.24 2.79
C TYR C 135 -9.42 16.30 2.90
N ALA C 136 -9.57 17.23 3.83
CA ALA C 136 -8.57 18.26 4.04
C ALA C 136 -7.25 17.58 4.36
N GLU C 137 -7.33 16.45 5.06
CA GLU C 137 -6.14 15.71 5.46
C GLU C 137 -5.53 14.82 4.36
N TYR C 138 -6.21 14.69 3.22
CA TYR C 138 -5.69 13.88 2.11
C TYR C 138 -5.02 14.75 1.03
N ALA C 139 -5.30 16.04 1.06
CA ALA C 139 -4.75 16.97 0.08
C ALA C 139 -3.23 16.87 -0.05
N GLU C 140 -2.54 16.82 1.09
CA GLU C 140 -1.08 16.74 1.09
C GLU C 140 -0.50 15.37 0.72
N HIS C 141 -1.36 14.40 0.45
CA HIS C 141 -0.91 13.05 0.09
C HIS C 141 -1.43 12.71 -1.30
N ALA C 142 -2.11 13.66 -1.93
CA ALA C 142 -2.73 13.45 -3.23
C ALA C 142 -1.83 13.12 -4.42
N MET C 143 -0.53 13.34 -4.31
CA MET C 143 0.38 13.06 -5.41
C MET C 143 1.13 11.75 -5.20
N GLU C 144 1.03 11.23 -3.98
CA GLU C 144 1.75 10.02 -3.60
C GLU C 144 1.38 8.68 -4.25
N ASP C 145 2.42 7.91 -4.56
CA ASP C 145 2.24 6.57 -5.08
C ASP C 145 3.44 5.69 -4.82
N ARG C 146 4.02 5.10 -5.87
CA ARG C 146 5.09 4.13 -5.67
C ARG C 146 6.40 4.27 -6.47
N THR C 147 7.39 3.46 -6.09
CA THR C 147 8.66 3.41 -6.81
C THR C 147 8.86 1.97 -7.26
N PHE C 148 9.37 1.80 -8.47
CA PHE C 148 9.62 0.48 -9.02
C PHE C 148 11.03 0.43 -9.58
N PRO C 149 12.04 0.44 -8.69
CA PRO C 149 13.43 0.39 -9.15
C PRO C 149 13.73 -0.96 -9.79
N VAL C 150 14.61 -0.96 -10.78
CA VAL C 150 14.99 -2.21 -11.43
C VAL C 150 16.50 -2.36 -11.28
N ASP C 151 16.91 -3.09 -10.25
CA ASP C 151 18.32 -3.31 -9.97
C ASP C 151 19.05 -1.96 -9.92
N ARG C 152 20.20 -1.88 -10.58
CA ARG C 152 20.99 -0.65 -10.59
C ARG C 152 20.91 0.04 -11.96
N ASP C 153 20.02 -0.46 -12.81
CA ASP C 153 19.88 0.08 -14.16
C ASP C 153 18.79 1.11 -14.40
N TRP C 154 17.64 0.92 -13.77
CA TRP C 154 16.53 1.84 -13.97
C TRP C 154 15.81 2.23 -12.70
N LEU C 155 15.16 3.39 -12.76
CA LEU C 155 14.33 3.88 -11.67
C LEU C 155 13.01 4.28 -12.32
N TYR C 156 11.93 3.64 -11.90
CA TYR C 156 10.60 4.00 -12.37
C TYR C 156 9.90 4.44 -11.11
N TYR C 157 9.19 5.55 -11.19
CA TYR C 157 8.45 6.01 -10.02
C TYR C 157 7.14 6.56 -10.55
N THR C 158 6.11 6.51 -9.71
CA THR C 158 4.81 7.00 -10.11
C THR C 158 4.31 8.11 -9.20
N VAL C 159 3.55 9.03 -9.78
CA VAL C 159 2.97 10.12 -9.04
C VAL C 159 1.55 10.32 -9.58
N ARG C 160 0.75 11.11 -8.89
CA ARG C 160 -0.61 11.40 -9.31
C ARG C 160 -0.73 12.92 -9.47
N VAL C 161 -1.52 13.34 -10.46
CA VAL C 161 -1.74 14.76 -10.70
C VAL C 161 -3.24 15.03 -10.86
N PRO C 162 -3.70 16.24 -10.52
CA PRO C 162 -5.11 16.61 -10.64
C PRO C 162 -5.62 16.27 -12.05
N ALA C 163 -6.76 15.59 -12.15
CA ALA C 163 -7.29 15.19 -13.45
C ALA C 163 -7.97 16.30 -14.27
N GLY C 164 -8.59 17.27 -13.59
CA GLY C 164 -9.25 18.35 -14.31
C GLY C 164 -10.60 18.75 -13.72
N PRO C 165 -11.23 19.83 -14.23
CA PRO C 165 -12.53 20.29 -13.73
C PRO C 165 -13.54 19.15 -13.60
N VAL C 166 -14.34 19.19 -12.53
CA VAL C 166 -15.33 18.16 -12.28
C VAL C 166 -16.76 18.68 -12.29
N GLY C 167 -17.61 18.06 -13.11
CA GLY C 167 -19.00 18.44 -13.17
C GLY C 167 -19.69 17.53 -12.17
N ILE C 168 -20.26 18.12 -11.13
CA ILE C 168 -20.92 17.36 -10.07
C ILE C 168 -22.44 17.50 -10.15
N ILE C 169 -23.12 16.41 -10.50
CA ILE C 169 -24.58 16.38 -10.65
C ILE C 169 -25.19 15.54 -9.52
N THR C 170 -25.97 16.19 -8.67
CA THR C 170 -26.55 15.53 -7.49
C THR C 170 -28.07 15.39 -7.42
N PRO C 171 -28.57 14.49 -6.55
CA PRO C 171 -29.99 14.19 -6.34
C PRO C 171 -30.69 15.11 -5.35
N TRP C 172 -32.02 15.04 -5.33
CA TRP C 172 -32.82 15.90 -4.46
C TRP C 172 -33.03 15.51 -3.00
N ASN C 173 -32.71 14.27 -2.63
CA ASN C 173 -32.98 13.84 -1.25
C ASN C 173 -32.06 14.40 -0.16
N ALA C 174 -30.75 14.48 -0.42
CA ALA C 174 -29.81 15.00 0.56
C ALA C 174 -28.80 15.93 -0.10
N PRO C 175 -29.25 17.11 -0.54
CA PRO C 175 -28.46 18.15 -1.23
C PRO C 175 -27.09 18.47 -0.66
N LEU C 176 -27.03 18.88 0.60
CA LEU C 176 -25.75 19.25 1.20
C LEU C 176 -24.78 18.08 1.36
N MET C 177 -25.24 17.01 1.99
CA MET C 177 -24.39 15.84 2.21
C MET C 177 -23.87 15.18 0.93
N LEU C 178 -24.75 14.99 -0.04
CA LEU C 178 -24.35 14.34 -1.27
C LEU C 178 -23.53 15.21 -2.23
N SER C 179 -23.66 16.52 -2.14
CA SER C 179 -22.87 17.38 -3.03
C SER C 179 -21.49 17.59 -2.43
N THR C 180 -21.41 17.81 -1.12
CA THR C 180 -20.12 18.00 -0.46
C THR C 180 -19.30 16.72 -0.49
N TRP C 181 -19.98 15.58 -0.62
CA TRP C 181 -19.32 14.28 -0.69
C TRP C 181 -18.38 14.23 -1.91
N ARG C 182 -18.74 14.97 -2.95
CA ARG C 182 -17.94 15.01 -4.18
C ARG C 182 -17.08 16.27 -4.29
N ILE C 183 -17.63 17.39 -3.83
CA ILE C 183 -16.92 18.66 -3.87
C ILE C 183 -15.65 18.64 -3.04
N ALA C 184 -15.74 18.12 -1.83
CA ALA C 184 -14.60 18.07 -0.93
C ALA C 184 -13.40 17.34 -1.54
N PRO C 185 -13.60 16.09 -2.03
CA PRO C 185 -12.42 15.44 -2.61
C PRO C 185 -11.93 16.14 -3.88
N ALA C 186 -12.87 16.59 -4.71
CA ALA C 186 -12.51 17.28 -5.95
C ALA C 186 -11.57 18.45 -5.66
N LEU C 187 -11.94 19.29 -4.70
CA LEU C 187 -11.12 20.44 -4.33
C LEU C 187 -9.82 20.05 -3.65
N ALA C 188 -9.90 19.10 -2.72
CA ALA C 188 -8.70 18.66 -2.01
C ALA C 188 -7.65 18.14 -2.98
N PHE C 189 -8.10 17.47 -4.02
CA PHE C 189 -7.19 16.88 -4.99
C PHE C 189 -6.74 17.81 -6.11
N GLY C 190 -7.07 19.10 -5.97
CA GLY C 190 -6.62 20.07 -6.95
C GLY C 190 -7.47 20.33 -8.17
N ASN C 191 -8.73 19.92 -8.15
CA ASN C 191 -9.61 20.14 -9.29
C ASN C 191 -10.59 21.28 -9.04
N THR C 192 -11.10 21.88 -10.12
CA THR C 192 -12.08 22.96 -9.99
C THR C 192 -13.45 22.30 -10.13
N VAL C 193 -14.50 23.02 -9.78
CA VAL C 193 -15.83 22.44 -9.79
C VAL C 193 -16.99 23.24 -10.37
N VAL C 194 -17.95 22.51 -10.94
CA VAL C 194 -19.18 23.09 -11.46
C VAL C 194 -20.28 22.16 -10.94
N LEU C 195 -21.04 22.64 -9.96
CA LEU C 195 -22.12 21.87 -9.38
C LEU C 195 -23.47 22.13 -10.04
N LYS C 196 -24.22 21.06 -10.31
CA LYS C 196 -25.56 21.16 -10.91
C LYS C 196 -26.45 20.30 -10.01
N PRO C 197 -27.08 20.93 -9.00
CA PRO C 197 -27.95 20.24 -8.04
C PRO C 197 -29.35 19.92 -8.52
N ALA C 198 -29.96 18.92 -7.90
CA ALA C 198 -31.33 18.50 -8.24
C ALA C 198 -32.26 19.70 -8.19
N GLU C 199 -33.15 19.81 -9.18
CA GLU C 199 -34.07 20.94 -9.25
C GLU C 199 -35.17 20.94 -8.18
N TRP C 200 -35.47 19.80 -7.58
CA TRP C 200 -36.51 19.74 -6.56
C TRP C 200 -36.11 20.25 -5.17
N SER C 201 -34.84 20.62 -4.98
CA SER C 201 -34.34 21.14 -3.70
C SER C 201 -33.03 21.91 -3.95
N PRO C 202 -33.10 22.98 -4.74
CA PRO C 202 -31.99 23.85 -5.14
C PRO C 202 -31.38 24.81 -4.13
N PHE C 203 -32.18 25.25 -3.16
CA PHE C 203 -31.74 26.25 -2.19
C PHE C 203 -30.43 26.03 -1.43
N THR C 204 -30.27 24.86 -0.83
CA THR C 204 -29.06 24.56 -0.07
C THR C 204 -27.76 24.76 -0.87
N ALA C 205 -27.79 24.47 -2.18
CA ALA C 205 -26.60 24.62 -3.01
C ALA C 205 -26.20 26.09 -3.15
N THR C 206 -27.17 26.97 -3.36
CA THR C 206 -26.87 28.39 -3.48
C THR C 206 -26.29 28.87 -2.15
N LYS C 207 -26.80 28.33 -1.05
CA LYS C 207 -26.31 28.70 0.28
C LYS C 207 -24.86 28.23 0.44
N LEU C 208 -24.58 27.02 -0.03
CA LEU C 208 -23.26 26.44 0.04
C LEU C 208 -22.29 27.35 -0.74
N ALA C 209 -22.72 27.83 -1.90
CA ALA C 209 -21.88 28.71 -2.69
C ALA C 209 -21.56 29.97 -1.88
N GLU C 210 -22.54 30.47 -1.14
CA GLU C 210 -22.32 31.66 -0.32
C GLU C 210 -21.20 31.39 0.66
N ILE C 211 -21.26 30.23 1.29
CA ILE C 211 -20.25 29.83 2.26
C ILE C 211 -18.87 29.68 1.62
N LEU C 212 -18.79 29.02 0.47
CA LEU C 212 -17.49 28.88 -0.18
C LEU C 212 -16.94 30.24 -0.54
N LYS C 213 -17.82 31.20 -0.82
CA LYS C 213 -17.37 32.55 -1.14
C LYS C 213 -16.91 33.22 0.14
N GLU C 214 -17.56 32.90 1.26
CA GLU C 214 -17.18 33.46 2.54
C GLU C 214 -15.82 32.90 2.95
N ALA C 215 -15.49 31.71 2.44
CA ALA C 215 -14.23 31.07 2.74
C ALA C 215 -13.16 31.67 1.84
N ASP C 216 -13.62 32.51 0.90
CA ASP C 216 -12.76 33.21 -0.05
C ASP C 216 -12.01 32.34 -1.06
N LEU C 217 -12.66 31.29 -1.55
CA LEU C 217 -12.02 30.44 -2.56
C LEU C 217 -11.73 31.33 -3.76
N PRO C 218 -10.65 31.06 -4.49
CA PRO C 218 -10.35 31.89 -5.66
C PRO C 218 -11.51 31.82 -6.67
N PRO C 219 -11.72 32.89 -7.44
CA PRO C 219 -12.79 32.96 -8.44
C PRO C 219 -12.66 31.85 -9.47
N GLY C 220 -13.76 31.17 -9.77
CA GLY C 220 -13.72 30.12 -10.77
C GLY C 220 -13.48 28.72 -10.23
N VAL C 221 -12.90 28.62 -9.03
CA VAL C 221 -12.62 27.32 -8.45
C VAL C 221 -13.92 26.54 -8.22
N PHE C 222 -14.93 27.21 -7.70
CA PHE C 222 -16.23 26.56 -7.48
C PHE C 222 -17.35 27.34 -8.16
N ASN C 223 -18.10 26.65 -9.01
CA ASN C 223 -19.20 27.27 -9.74
C ASN C 223 -20.48 26.49 -9.56
N LEU C 224 -21.60 27.21 -9.61
CA LEU C 224 -22.90 26.60 -9.43
C LEU C 224 -23.88 27.04 -10.51
N VAL C 225 -24.59 26.07 -11.07
CA VAL C 225 -25.59 26.36 -12.09
C VAL C 225 -26.88 25.61 -11.72
N GLN C 226 -27.92 26.36 -11.40
CA GLN C 226 -29.20 25.78 -11.03
C GLN C 226 -29.97 25.48 -12.32
N GLY C 227 -30.81 24.46 -12.28
CA GLY C 227 -31.57 24.13 -13.49
C GLY C 227 -31.99 22.69 -13.62
N PHE C 228 -32.81 22.42 -14.63
CA PHE C 228 -33.32 21.09 -14.90
C PHE C 228 -32.27 20.15 -15.46
N GLY C 229 -32.45 18.85 -15.22
CA GLY C 229 -31.50 17.86 -15.69
C GLY C 229 -31.30 17.87 -17.20
N GLU C 230 -32.41 17.93 -17.94
CA GLU C 230 -32.35 17.94 -19.39
C GLU C 230 -31.79 19.24 -19.97
N GLU C 231 -31.74 20.28 -19.14
CA GLU C 231 -31.22 21.56 -19.61
C GLU C 231 -29.81 21.81 -19.09
N ALA C 232 -29.70 22.33 -17.87
CA ALA C 232 -28.39 22.60 -17.29
C ALA C 232 -27.58 21.31 -17.11
N GLY C 233 -28.24 20.24 -16.67
CA GLY C 233 -27.55 18.98 -16.49
C GLY C 233 -26.90 18.43 -17.74
N ALA C 234 -27.70 18.23 -18.78
CA ALA C 234 -27.18 17.71 -20.04
C ALA C 234 -26.14 18.63 -20.66
N ALA C 235 -26.27 19.94 -20.44
CA ALA C 235 -25.30 20.87 -21.00
C ALA C 235 -23.94 20.70 -20.32
N LEU C 236 -23.97 20.42 -19.02
CA LEU C 236 -22.73 20.22 -18.27
C LEU C 236 -22.05 18.92 -18.73
N VAL C 237 -22.84 17.87 -18.91
CA VAL C 237 -22.31 16.60 -19.35
C VAL C 237 -21.68 16.71 -20.73
N ALA C 238 -22.28 17.54 -21.59
CA ALA C 238 -21.78 17.72 -22.94
C ALA C 238 -20.63 18.68 -23.10
N HIS C 239 -20.37 19.53 -22.11
CA HIS C 239 -19.31 20.53 -22.25
C HIS C 239 -17.89 19.96 -22.31
N PRO C 240 -17.15 20.32 -23.37
CA PRO C 240 -15.77 19.89 -23.62
C PRO C 240 -14.71 20.34 -22.62
N LEU C 241 -15.03 21.29 -21.76
CA LEU C 241 -14.04 21.75 -20.80
C LEU C 241 -14.17 21.08 -19.42
N VAL C 242 -15.13 20.17 -19.27
CA VAL C 242 -15.32 19.47 -18.00
C VAL C 242 -15.12 17.98 -18.24
N PRO C 243 -13.85 17.53 -18.21
CA PRO C 243 -13.47 16.13 -18.45
C PRO C 243 -13.98 15.09 -17.44
N LEU C 244 -14.23 15.51 -16.21
CA LEU C 244 -14.71 14.60 -15.18
C LEU C 244 -16.16 14.88 -14.76
N LEU C 245 -16.91 13.82 -14.53
CA LEU C 245 -18.31 13.95 -14.13
C LEU C 245 -18.68 12.99 -13.02
N THR C 246 -19.28 13.49 -11.94
CA THR C 246 -19.74 12.60 -10.88
C THR C 246 -21.25 12.66 -11.00
N LEU C 247 -21.89 11.51 -10.82
CA LEU C 247 -23.34 11.47 -10.89
C LEU C 247 -23.90 10.63 -9.76
N THR C 248 -24.86 11.21 -9.06
CA THR C 248 -25.52 10.53 -7.98
C THR C 248 -27.00 10.66 -8.33
N GLY C 249 -27.59 9.55 -8.77
CA GLY C 249 -28.98 9.58 -9.18
C GLY C 249 -29.46 8.21 -9.65
N GLU C 250 -30.52 8.21 -10.46
CA GLU C 250 -31.11 6.97 -10.96
C GLU C 250 -30.23 6.29 -11.99
N THR C 251 -30.34 4.97 -12.03
CA THR C 251 -29.58 4.16 -12.96
C THR C 251 -29.84 4.57 -14.41
N GLU C 252 -31.11 4.86 -14.72
CA GLU C 252 -31.48 5.24 -16.08
C GLU C 252 -30.81 6.56 -16.43
N THR C 253 -30.65 7.43 -15.44
CA THR C 253 -29.99 8.70 -15.67
C THR C 253 -28.52 8.42 -15.96
N GLY C 254 -28.00 7.36 -15.35
CA GLY C 254 -26.62 6.99 -15.58
C GLY C 254 -26.41 6.66 -17.05
N LYS C 255 -27.37 5.92 -17.62
CA LYS C 255 -27.28 5.53 -19.03
C LYS C 255 -27.32 6.74 -19.97
N ILE C 256 -28.23 7.66 -19.69
CA ILE C 256 -28.37 8.87 -20.49
C ILE C 256 -27.10 9.72 -20.40
N VAL C 257 -26.58 9.85 -19.20
CA VAL C 257 -25.37 10.66 -19.00
C VAL C 257 -24.14 10.03 -19.65
N MET C 258 -24.00 8.73 -19.52
CA MET C 258 -22.84 8.05 -20.10
C MET C 258 -22.87 8.18 -21.62
N ARG C 259 -24.06 8.01 -22.19
CA ARG C 259 -24.24 8.10 -23.64
C ARG C 259 -23.81 9.47 -24.14
N ASN C 260 -24.23 10.51 -23.42
CA ASN C 260 -23.91 11.90 -23.76
C ASN C 260 -22.43 12.19 -23.51
N ALA C 261 -21.88 11.58 -22.48
CA ALA C 261 -20.47 11.78 -22.12
C ALA C 261 -19.49 11.17 -23.11
N ALA C 262 -19.96 10.20 -23.89
CA ALA C 262 -19.11 9.52 -24.85
C ALA C 262 -18.47 10.43 -25.91
N ASP C 263 -19.15 11.52 -26.26
CA ASP C 263 -18.63 12.43 -27.28
C ASP C 263 -17.28 13.04 -26.92
N HIS C 264 -16.99 13.14 -25.63
CA HIS C 264 -15.74 13.72 -25.18
C HIS C 264 -14.96 12.73 -24.30
N LEU C 265 -15.37 11.46 -24.36
CA LEU C 265 -14.73 10.41 -23.57
C LEU C 265 -14.50 10.87 -22.13
N LYS C 266 -15.55 11.40 -21.51
CA LYS C 266 -15.43 11.88 -20.14
C LYS C 266 -15.33 10.74 -19.14
N ARG C 267 -14.63 10.99 -18.03
CA ARG C 267 -14.48 10.02 -16.97
C ARG C 267 -15.69 10.20 -16.05
N LEU C 268 -16.39 9.10 -15.76
CA LEU C 268 -17.58 9.15 -14.92
C LEU C 268 -17.47 8.33 -13.64
N SER C 269 -18.02 8.87 -12.56
CA SER C 269 -18.04 8.22 -11.25
C SER C 269 -19.48 8.19 -10.77
N PRO C 270 -20.27 7.24 -11.30
CA PRO C 270 -21.68 7.12 -10.92
C PRO C 270 -22.05 6.29 -9.70
N GLU C 271 -22.90 6.88 -8.87
CA GLU C 271 -23.45 6.25 -7.67
C GLU C 271 -24.93 6.27 -8.03
N LEU C 272 -25.43 5.13 -8.48
CA LEU C 272 -26.80 5.03 -8.96
C LEU C 272 -27.79 4.34 -8.02
N GLY C 273 -28.86 3.80 -8.60
CA GLY C 273 -29.91 3.16 -7.83
C GLY C 273 -29.56 1.95 -6.98
N GLY C 274 -30.54 1.50 -6.19
CA GLY C 274 -30.31 0.34 -5.35
C GLY C 274 -31.61 -0.32 -4.95
N LYS C 275 -31.50 -1.58 -4.52
CA LYS C 275 -32.62 -2.37 -4.05
C LYS C 275 -31.96 -3.33 -3.08
N SER C 276 -31.22 -2.75 -2.15
CA SER C 276 -30.45 -3.49 -1.15
C SER C 276 -31.28 -4.41 -0.27
N PRO C 277 -30.83 -5.66 -0.09
CA PRO C 277 -31.58 -6.60 0.74
C PRO C 277 -31.06 -6.73 2.17
N ALA C 278 -31.97 -7.13 3.06
CA ALA C 278 -31.62 -7.38 4.45
C ALA C 278 -31.99 -8.84 4.66
N LEU C 279 -31.02 -9.68 5.02
CA LEU C 279 -31.30 -11.09 5.24
C LEU C 279 -31.28 -11.39 6.74
N VAL C 280 -32.39 -11.88 7.27
CA VAL C 280 -32.48 -12.18 8.68
C VAL C 280 -32.62 -13.67 8.89
N PHE C 281 -31.63 -14.25 9.56
CA PHE C 281 -31.64 -15.68 9.85
C PHE C 281 -32.19 -15.95 11.24
N ALA C 282 -32.79 -17.12 11.41
CA ALA C 282 -33.39 -17.51 12.68
C ALA C 282 -32.45 -17.48 13.88
N ASP C 283 -31.14 -17.56 13.63
CA ASP C 283 -30.17 -17.59 14.74
C ASP C 283 -29.59 -16.23 15.14
N ALA C 284 -30.06 -15.16 14.52
CA ALA C 284 -29.53 -13.84 14.82
C ALA C 284 -30.20 -13.19 16.03
N ASP C 285 -29.63 -12.08 16.46
CA ASP C 285 -30.20 -11.31 17.56
C ASP C 285 -31.40 -10.65 16.89
N LEU C 286 -32.59 -11.24 17.06
CA LEU C 286 -33.79 -10.72 16.42
C LEU C 286 -34.27 -9.36 16.94
N GLU C 287 -33.88 -9.01 18.15
CA GLU C 287 -34.28 -7.72 18.70
C GLU C 287 -33.51 -6.62 17.96
N ARG C 288 -32.21 -6.82 17.78
CA ARG C 288 -31.37 -5.86 17.08
C ARG C 288 -31.74 -5.86 15.59
N ALA C 289 -31.96 -7.07 15.05
CA ALA C 289 -32.33 -7.20 13.65
C ALA C 289 -33.61 -6.42 13.36
N LEU C 290 -34.58 -6.52 14.27
CA LEU C 290 -35.85 -5.81 14.11
C LEU C 290 -35.60 -4.29 14.10
N ASP C 291 -34.85 -3.80 15.08
CA ASP C 291 -34.56 -2.37 15.13
C ASP C 291 -33.88 -1.92 13.85
N ALA C 292 -32.89 -2.69 13.42
CA ALA C 292 -32.13 -2.36 12.22
C ALA C 292 -32.93 -2.32 10.93
N VAL C 293 -33.67 -3.38 10.62
CA VAL C 293 -34.44 -3.40 9.37
C VAL C 293 -35.55 -2.36 9.36
N VAL C 294 -36.17 -2.10 10.51
CA VAL C 294 -37.22 -1.09 10.54
C VAL C 294 -36.60 0.27 10.23
N PHE C 295 -35.47 0.57 10.87
CA PHE C 295 -34.79 1.83 10.65
C PHE C 295 -34.22 1.97 9.25
N GLN C 296 -33.57 0.91 8.77
CA GLN C 296 -32.93 0.94 7.45
C GLN C 296 -33.86 1.15 6.25
N ILE C 297 -35.16 0.92 6.41
CA ILE C 297 -36.06 1.14 5.29
C ILE C 297 -36.93 2.38 5.51
N PHE C 298 -37.37 2.61 6.74
CA PHE C 298 -38.24 3.75 7.02
C PHE C 298 -37.59 5.08 7.38
N SER C 299 -36.34 5.06 7.83
CA SER C 299 -35.68 6.31 8.17
C SER C 299 -35.49 7.12 6.89
N PHE C 300 -35.26 8.43 7.03
CA PHE C 300 -35.05 9.32 5.90
C PHE C 300 -36.24 9.25 4.93
N ASN C 301 -37.44 9.07 5.50
CA ASN C 301 -38.69 8.98 4.75
C ASN C 301 -38.62 7.95 3.62
N GLY C 302 -37.80 6.93 3.80
CA GLY C 302 -37.67 5.90 2.77
C GLY C 302 -36.95 6.36 1.51
N GLU C 303 -36.48 7.60 1.51
CA GLU C 303 -35.78 8.15 0.34
C GLU C 303 -34.26 8.09 0.51
N ARG C 304 -33.78 6.89 0.82
CA ARG C 304 -32.36 6.63 1.03
C ARG C 304 -31.92 5.57 0.01
N CYS C 305 -30.83 5.85 -0.69
CA CYS C 305 -30.33 4.92 -1.71
C CYS C 305 -29.94 3.56 -1.15
N THR C 306 -29.41 3.56 0.06
CA THR C 306 -28.96 2.33 0.72
C THR C 306 -30.06 1.66 1.55
N ALA C 307 -31.29 2.11 1.36
CA ALA C 307 -32.40 1.54 2.11
C ALA C 307 -32.57 0.04 1.83
N SER C 308 -32.88 -0.73 2.87
CA SER C 308 -33.09 -2.17 2.70
C SER C 308 -34.56 -2.37 2.34
N SER C 309 -34.89 -2.12 1.08
CA SER C 309 -36.24 -2.21 0.56
C SER C 309 -36.74 -3.66 0.39
N ARG C 310 -35.83 -4.61 0.49
CA ARG C 310 -36.20 -6.01 0.39
C ARG C 310 -35.78 -6.67 1.69
N LEU C 311 -36.73 -7.33 2.35
CA LEU C 311 -36.46 -8.01 3.61
C LEU C 311 -36.60 -9.52 3.41
N LEU C 312 -35.48 -10.22 3.43
CA LEU C 312 -35.48 -11.67 3.26
C LEU C 312 -35.40 -12.32 4.64
N VAL C 313 -36.44 -13.07 5.00
CA VAL C 313 -36.49 -13.70 6.31
C VAL C 313 -36.64 -15.21 6.20
N GLU C 314 -35.81 -15.93 6.96
CA GLU C 314 -35.85 -17.38 6.95
C GLU C 314 -37.28 -17.82 7.31
N GLU C 315 -37.81 -18.77 6.54
CA GLU C 315 -39.17 -19.25 6.72
C GLU C 315 -39.66 -19.56 8.13
N LYS C 316 -38.86 -20.31 8.90
CA LYS C 316 -39.26 -20.70 10.25
C LYS C 316 -39.57 -19.54 11.20
N ILE C 317 -39.19 -18.32 10.83
CA ILE C 317 -39.46 -17.17 11.68
C ILE C 317 -40.15 -16.05 10.92
N PHE C 318 -40.48 -16.31 9.66
CA PHE C 318 -41.11 -15.31 8.82
C PHE C 318 -42.36 -14.68 9.42
N GLU C 319 -43.32 -15.51 9.80
CA GLU C 319 -44.58 -15.03 10.38
C GLU C 319 -44.38 -14.13 11.59
N ASP C 320 -43.61 -14.60 12.56
CA ASP C 320 -43.38 -13.81 13.77
C ASP C 320 -42.57 -12.54 13.55
N PHE C 321 -41.43 -12.67 12.88
CA PHE C 321 -40.56 -11.51 12.66
C PHE C 321 -41.23 -10.45 11.80
N VAL C 322 -41.77 -10.86 10.66
CA VAL C 322 -42.43 -9.92 9.76
C VAL C 322 -43.62 -9.29 10.47
N GLY C 323 -44.30 -10.07 11.31
CA GLY C 323 -45.42 -9.55 12.06
C GLY C 323 -44.92 -8.42 12.95
N LYS C 324 -43.74 -8.60 13.52
CA LYS C 324 -43.17 -7.56 14.38
C LYS C 324 -42.74 -6.33 13.59
N VAL C 325 -42.32 -6.53 12.34
CA VAL C 325 -41.92 -5.42 11.51
C VAL C 325 -43.16 -4.57 11.22
N VAL C 326 -44.26 -5.24 10.92
CA VAL C 326 -45.53 -4.59 10.63
C VAL C 326 -46.02 -3.71 11.77
N GLU C 327 -46.00 -4.22 12.99
CA GLU C 327 -46.46 -3.43 14.14
C GLU C 327 -45.56 -2.23 14.39
N ARG C 328 -44.26 -2.38 14.17
CA ARG C 328 -43.35 -1.26 14.35
C ARG C 328 -43.66 -0.19 13.30
N ALA C 329 -43.87 -0.61 12.06
CA ALA C 329 -44.18 0.33 10.98
C ALA C 329 -45.50 1.05 11.27
N ARG C 330 -46.44 0.32 11.86
CA ARG C 330 -47.75 0.87 12.19
C ARG C 330 -47.60 1.97 13.25
N ALA C 331 -46.66 1.76 14.17
CA ALA C 331 -46.40 2.72 15.25
C ALA C 331 -45.61 3.96 14.84
N ILE C 332 -44.96 3.92 13.67
CA ILE C 332 -44.17 5.06 13.20
C ILE C 332 -44.99 6.35 13.18
N ARG C 333 -44.49 7.40 13.84
CA ARG C 333 -45.18 8.68 13.88
C ARG C 333 -44.94 9.49 12.61
N VAL C 334 -46.01 9.79 11.89
CA VAL C 334 -45.94 10.55 10.64
C VAL C 334 -46.38 11.98 10.92
N GLY C 335 -45.58 12.94 10.50
CA GLY C 335 -45.92 14.33 10.74
C GLY C 335 -45.00 15.33 10.08
N HIS C 336 -45.15 16.59 10.46
CA HIS C 336 -44.37 17.69 9.90
C HIS C 336 -42.87 17.59 10.21
N PRO C 337 -42.02 17.94 9.24
CA PRO C 337 -40.56 17.90 9.40
C PRO C 337 -40.05 18.71 10.59
N LEU C 338 -40.72 19.81 10.89
CA LEU C 338 -40.31 20.68 11.99
C LEU C 338 -40.86 20.27 13.36
N ASP C 339 -41.61 19.18 13.41
CA ASP C 339 -42.17 18.65 14.66
C ASP C 339 -41.21 17.63 15.25
N PRO C 340 -40.60 17.93 16.42
CA PRO C 340 -39.67 16.98 17.04
C PRO C 340 -40.21 15.55 17.27
N GLU C 341 -41.52 15.40 17.23
CA GLU C 341 -42.13 14.08 17.43
C GLU C 341 -42.21 13.25 16.16
N THR C 342 -42.05 13.90 15.01
CA THR C 342 -42.13 13.23 13.71
C THR C 342 -40.99 12.24 13.46
N GLU C 343 -41.32 11.09 12.87
CA GLU C 343 -40.31 10.09 12.54
C GLU C 343 -40.26 9.97 11.02
N VAL C 344 -41.42 10.07 10.39
CA VAL C 344 -41.51 10.01 8.93
C VAL C 344 -42.24 11.26 8.42
N GLY C 345 -41.56 11.99 7.54
CA GLY C 345 -42.14 13.19 6.97
C GLY C 345 -42.71 12.94 5.59
N PRO C 346 -42.96 13.99 4.81
CA PRO C 346 -43.52 13.89 3.47
C PRO C 346 -42.46 13.63 2.39
N LEU C 347 -42.91 13.08 1.26
CA LEU C 347 -42.02 12.81 0.16
C LEU C 347 -41.73 14.13 -0.54
N ILE C 348 -40.65 14.14 -1.31
CA ILE C 348 -40.16 15.32 -1.99
C ILE C 348 -41.10 16.15 -2.88
N HIS C 349 -41.92 15.48 -3.68
CA HIS C 349 -42.78 16.20 -4.61
C HIS C 349 -44.01 15.36 -4.92
N PRO C 350 -45.14 16.02 -5.24
CA PRO C 350 -46.36 15.24 -5.55
C PRO C 350 -46.14 14.25 -6.69
N GLU C 351 -45.28 14.61 -7.64
CA GLU C 351 -45.00 13.71 -8.75
C GLU C 351 -44.31 12.46 -8.24
N HIS C 352 -43.48 12.61 -7.21
CA HIS C 352 -42.78 11.48 -6.66
C HIS C 352 -43.73 10.61 -5.84
N LEU C 353 -44.73 11.25 -5.22
CA LEU C 353 -45.72 10.50 -4.45
C LEU C 353 -46.56 9.68 -5.42
N GLN C 354 -46.89 10.27 -6.56
CA GLN C 354 -47.68 9.55 -7.57
C GLN C 354 -46.87 8.35 -8.07
N ARG C 355 -45.56 8.51 -8.22
CA ARG C 355 -44.74 7.41 -8.71
C ARG C 355 -44.67 6.29 -7.68
N VAL C 356 -44.43 6.65 -6.43
CA VAL C 356 -44.35 5.65 -5.36
C VAL C 356 -45.70 4.94 -5.22
N LEU C 357 -46.79 5.69 -5.24
CA LEU C 357 -48.13 5.09 -5.13
C LEU C 357 -48.39 4.20 -6.33
N GLY C 358 -47.75 4.53 -7.46
CA GLY C 358 -47.92 3.73 -8.65
C GLY C 358 -47.34 2.35 -8.43
N TYR C 359 -46.21 2.28 -7.70
CA TYR C 359 -45.58 1.01 -7.40
C TYR C 359 -46.42 0.26 -6.37
N VAL C 360 -46.99 0.98 -5.42
CA VAL C 360 -47.83 0.35 -4.42
C VAL C 360 -48.97 -0.35 -5.19
N GLU C 361 -49.56 0.34 -6.15
CA GLU C 361 -50.65 -0.25 -6.93
C GLU C 361 -50.13 -1.44 -7.73
N ALA C 362 -48.95 -1.31 -8.32
CA ALA C 362 -48.37 -2.42 -9.08
C ALA C 362 -48.26 -3.66 -8.19
N GLY C 363 -47.82 -3.45 -6.96
CA GLY C 363 -47.68 -4.56 -6.03
C GLY C 363 -48.99 -5.26 -5.72
N LYS C 364 -50.03 -4.47 -5.47
CA LYS C 364 -51.34 -5.02 -5.14
C LYS C 364 -51.86 -5.85 -6.32
N ARG C 365 -51.74 -5.31 -7.53
CA ARG C 365 -52.21 -6.01 -8.72
C ARG C 365 -51.44 -7.28 -9.05
N GLU C 366 -50.17 -7.35 -8.67
CA GLU C 366 -49.38 -8.54 -8.99
C GLU C 366 -49.45 -9.64 -7.93
N GLY C 367 -50.30 -9.47 -6.93
CA GLY C 367 -50.44 -10.50 -5.92
C GLY C 367 -49.72 -10.30 -4.58
N ALA C 368 -49.07 -9.16 -4.40
CA ALA C 368 -48.38 -8.91 -3.14
C ALA C 368 -49.41 -8.64 -2.06
N ARG C 369 -49.16 -9.15 -0.86
CA ARG C 369 -50.08 -8.97 0.27
C ARG C 369 -49.74 -7.69 1.04
N LEU C 370 -50.64 -6.72 0.99
CA LEU C 370 -50.44 -5.46 1.70
C LEU C 370 -50.83 -5.65 3.15
N LEU C 371 -49.83 -5.55 4.05
CA LEU C 371 -50.08 -5.73 5.47
C LEU C 371 -50.31 -4.43 6.24
N VAL C 372 -49.82 -3.32 5.70
CA VAL C 372 -50.01 -2.03 6.35
C VAL C 372 -49.62 -0.88 5.43
N GLY C 373 -50.25 0.28 5.62
CA GLY C 373 -49.97 1.43 4.79
C GLY C 373 -50.57 1.30 3.39
N GLY C 374 -49.78 1.62 2.38
CA GLY C 374 -50.27 1.51 1.00
C GLY C 374 -51.13 2.65 0.50
N GLU C 375 -51.08 3.79 1.17
CA GLU C 375 -51.87 4.94 0.76
C GLU C 375 -51.40 6.20 1.50
N ARG C 376 -51.89 7.35 1.07
CA ARG C 376 -51.53 8.61 1.69
C ARG C 376 -51.85 8.62 3.18
N ALA C 377 -51.08 9.38 3.92
CA ALA C 377 -51.32 9.54 5.35
C ALA C 377 -52.31 10.69 5.40
N LYS C 378 -53.46 10.47 6.03
CA LYS C 378 -54.48 11.50 6.12
C LYS C 378 -54.26 12.43 7.30
N THR C 379 -53.94 11.83 8.44
CA THR C 379 -53.75 12.56 9.68
C THR C 379 -52.37 12.33 10.30
N SER C 380 -51.80 13.39 10.87
CA SER C 380 -50.50 13.30 11.49
C SER C 380 -50.66 12.64 12.85
N PHE C 381 -49.55 12.33 13.49
CA PHE C 381 -49.54 11.73 14.81
C PHE C 381 -50.28 12.64 15.80
N ARG C 382 -50.23 13.94 15.54
CA ARG C 382 -50.89 14.90 16.42
C ARG C 382 -52.33 15.22 16.01
N GLY C 383 -52.84 14.49 15.03
CA GLY C 383 -54.20 14.71 14.58
C GLY C 383 -54.37 15.82 13.56
N GLU C 384 -53.25 16.31 13.01
CA GLU C 384 -53.29 17.37 12.01
C GLU C 384 -53.66 16.80 10.65
N ASP C 385 -54.25 17.64 9.80
CA ASP C 385 -54.62 17.23 8.46
C ASP C 385 -53.37 17.33 7.59
N LEU C 386 -53.00 16.23 6.93
CA LEU C 386 -51.80 16.19 6.09
C LEU C 386 -52.06 16.13 4.59
N SER C 387 -53.32 16.28 4.20
CA SER C 387 -53.69 16.21 2.79
C SER C 387 -52.97 17.20 1.88
N ARG C 388 -52.46 18.28 2.45
CA ARG C 388 -51.76 19.30 1.65
C ARG C 388 -50.32 18.93 1.33
N GLY C 389 -49.75 17.98 2.09
CA GLY C 389 -48.38 17.57 1.86
C GLY C 389 -48.30 16.24 1.12
N ASN C 390 -47.08 15.80 0.82
CA ASN C 390 -46.89 14.53 0.11
C ASN C 390 -46.58 13.39 1.08
N TYR C 391 -47.47 13.18 2.05
CA TYR C 391 -47.27 12.15 3.06
C TYR C 391 -47.77 10.75 2.69
N LEU C 392 -46.89 9.78 2.82
CA LEU C 392 -47.23 8.39 2.53
C LEU C 392 -47.06 7.59 3.81
N LEU C 393 -48.00 6.70 4.08
CA LEU C 393 -47.90 5.87 5.27
C LEU C 393 -46.81 4.82 5.08
N PRO C 394 -46.04 4.54 6.14
CA PRO C 394 -45.00 3.51 5.99
C PRO C 394 -45.75 2.27 5.49
N THR C 395 -45.21 1.63 4.46
CA THR C 395 -45.86 0.48 3.83
C THR C 395 -45.07 -0.83 3.83
N VAL C 396 -45.75 -1.93 4.09
CA VAL C 396 -45.12 -3.25 4.11
C VAL C 396 -45.94 -4.26 3.32
N PHE C 397 -45.27 -4.95 2.41
CA PHE C 397 -45.89 -5.99 1.57
C PHE C 397 -45.19 -7.31 1.85
N VAL C 398 -45.87 -8.40 1.53
CA VAL C 398 -45.27 -9.72 1.63
C VAL C 398 -45.38 -10.16 0.18
N GLY C 399 -44.25 -10.48 -0.45
CA GLY C 399 -44.30 -10.87 -1.84
C GLY C 399 -43.23 -11.84 -2.26
N GLU C 400 -42.89 -11.80 -3.55
CA GLU C 400 -41.88 -12.68 -4.11
C GLU C 400 -40.84 -11.83 -4.80
N ASN C 401 -39.61 -12.32 -4.81
CA ASN C 401 -38.49 -11.60 -5.39
C ASN C 401 -38.59 -11.27 -6.87
N HIS C 402 -39.43 -11.98 -7.61
CA HIS C 402 -39.60 -11.75 -9.03
C HIS C 402 -40.61 -10.63 -9.30
N MET C 403 -41.33 -10.22 -8.26
CA MET C 403 -42.31 -9.15 -8.42
C MET C 403 -41.67 -7.82 -8.77
N LYS C 404 -42.43 -6.97 -9.43
CA LYS C 404 -41.95 -5.66 -9.84
C LYS C 404 -41.58 -4.80 -8.63
N ILE C 405 -42.34 -4.90 -7.54
CA ILE C 405 -42.02 -4.10 -6.35
C ILE C 405 -40.77 -4.60 -5.66
N ALA C 406 -40.32 -5.79 -6.05
CA ALA C 406 -39.12 -6.36 -5.47
C ALA C 406 -37.92 -6.07 -6.37
N GLN C 407 -38.19 -5.97 -7.67
CA GLN C 407 -37.14 -5.73 -8.67
C GLN C 407 -36.82 -4.27 -8.96
N GLU C 408 -37.81 -3.39 -8.80
CA GLU C 408 -37.59 -1.99 -9.10
C GLU C 408 -37.51 -1.10 -7.89
N GLU C 409 -36.63 -0.10 -7.96
CA GLU C 409 -36.46 0.84 -6.86
C GLU C 409 -37.66 1.76 -6.75
N ILE C 410 -38.27 1.79 -5.57
CA ILE C 410 -39.42 2.63 -5.33
C ILE C 410 -38.99 3.98 -4.74
N PHE C 411 -37.96 3.95 -3.90
CA PHE C 411 -37.42 5.16 -3.27
C PHE C 411 -38.47 5.88 -2.42
N GLY C 412 -39.12 5.10 -1.58
CA GLY C 412 -40.13 5.62 -0.69
C GLY C 412 -40.21 4.69 0.50
N PRO C 413 -41.00 5.02 1.52
CA PRO C 413 -41.10 4.14 2.69
C PRO C 413 -41.95 2.90 2.40
N VAL C 414 -41.47 2.07 1.48
CA VAL C 414 -42.18 0.86 1.07
C VAL C 414 -41.25 -0.35 1.17
N LEU C 415 -41.67 -1.35 1.94
CA LEU C 415 -40.88 -2.55 2.13
C LEU C 415 -41.58 -3.79 1.60
N VAL C 416 -40.80 -4.73 1.07
CA VAL C 416 -41.34 -5.98 0.59
C VAL C 416 -40.58 -7.11 1.29
N ALA C 417 -41.33 -7.93 2.03
CA ALA C 417 -40.78 -9.05 2.79
C ALA C 417 -40.88 -10.33 1.93
N ILE C 418 -39.77 -11.06 1.84
CA ILE C 418 -39.70 -12.28 1.04
C ILE C 418 -39.07 -13.40 1.85
N PRO C 419 -39.69 -14.59 1.87
CA PRO C 419 -39.16 -15.74 2.62
C PRO C 419 -38.07 -16.52 1.89
N PHE C 420 -37.26 -17.22 2.66
CA PHE C 420 -36.23 -18.09 2.07
C PHE C 420 -36.13 -19.30 2.97
N LYS C 421 -35.88 -20.47 2.38
CA LYS C 421 -35.82 -21.70 3.17
C LYS C 421 -34.43 -22.03 3.70
N ASP C 422 -33.39 -21.50 3.06
CA ASP C 422 -32.03 -21.77 3.50
C ASP C 422 -31.02 -20.75 2.98
N GLU C 423 -29.79 -20.84 3.47
CA GLU C 423 -28.74 -19.91 3.08
C GLU C 423 -28.59 -19.77 1.56
N GLU C 424 -28.51 -20.89 0.87
CA GLU C 424 -28.38 -20.91 -0.58
C GLU C 424 -29.48 -20.08 -1.26
N GLU C 425 -30.72 -20.26 -0.83
CA GLU C 425 -31.84 -19.53 -1.41
C GLU C 425 -31.83 -18.06 -0.98
N ALA C 426 -31.40 -17.79 0.25
CA ALA C 426 -31.33 -16.40 0.70
C ALA C 426 -30.35 -15.62 -0.18
N LEU C 427 -29.21 -16.26 -0.50
CA LEU C 427 -28.19 -15.65 -1.33
C LEU C 427 -28.64 -15.46 -2.78
N ARG C 428 -29.27 -16.49 -3.33
CA ARG C 428 -29.76 -16.45 -4.71
C ARG C 428 -30.73 -15.29 -4.90
N LYS C 429 -31.71 -15.19 -4.02
CA LYS C 429 -32.71 -14.11 -4.10
C LYS C 429 -32.08 -12.75 -3.83
N ALA C 430 -31.14 -12.70 -2.89
CA ALA C 430 -30.48 -11.43 -2.57
C ALA C 430 -29.78 -10.87 -3.82
N ASN C 431 -29.06 -11.73 -4.53
CA ASN C 431 -28.34 -11.30 -5.73
C ASN C 431 -29.18 -11.20 -6.98
N ASP C 432 -30.41 -11.67 -6.93
CA ASP C 432 -31.26 -11.64 -8.11
C ASP C 432 -32.01 -10.34 -8.40
N THR C 433 -31.25 -9.27 -8.66
CA THR C 433 -31.81 -7.96 -9.04
C THR C 433 -30.73 -7.33 -9.90
N LYS C 434 -31.08 -6.27 -10.63
CA LYS C 434 -30.11 -5.62 -11.49
C LYS C 434 -29.24 -4.64 -10.68
N TYR C 435 -29.53 -4.53 -9.39
CA TYR C 435 -28.78 -3.61 -8.53
C TYR C 435 -27.72 -4.32 -7.69
N GLY C 436 -26.92 -3.52 -6.99
CA GLY C 436 -25.87 -4.08 -6.15
C GLY C 436 -25.15 -3.00 -5.37
N LEU C 437 -25.90 -2.24 -4.58
CA LEU C 437 -25.31 -1.18 -3.77
C LEU C 437 -24.91 -1.72 -2.38
N ALA C 438 -25.89 -1.99 -1.53
CA ALA C 438 -25.61 -2.53 -0.20
C ALA C 438 -26.35 -3.83 0.09
N ALA C 439 -26.03 -4.45 1.22
CA ALA C 439 -26.66 -5.67 1.66
C ALA C 439 -26.47 -5.73 3.17
N TYR C 440 -27.43 -6.30 3.88
CA TYR C 440 -27.37 -6.40 5.33
C TYR C 440 -27.64 -7.84 5.76
N VAL C 441 -26.74 -8.40 6.56
CA VAL C 441 -26.88 -9.78 7.00
C VAL C 441 -26.97 -9.90 8.51
N PHE C 442 -28.03 -10.55 8.97
CA PHE C 442 -28.24 -10.75 10.40
C PHE C 442 -28.23 -12.23 10.72
N THR C 443 -27.14 -12.67 11.34
CA THR C 443 -26.95 -14.05 11.75
C THR C 443 -25.80 -14.03 12.75
N ARG C 444 -25.80 -14.96 13.70
CA ARG C 444 -24.74 -15.00 14.69
C ARG C 444 -23.62 -15.95 14.26
N ASP C 445 -23.90 -16.81 13.29
CA ASP C 445 -22.91 -17.78 12.83
C ASP C 445 -21.74 -17.14 12.07
N LEU C 446 -20.55 -17.30 12.64
CA LEU C 446 -19.32 -16.74 12.07
C LEU C 446 -19.09 -17.13 10.61
N GLU C 447 -19.00 -18.41 10.32
CA GLU C 447 -18.74 -18.86 8.95
C GLU C 447 -19.82 -18.50 7.92
N ARG C 448 -21.09 -18.52 8.33
CA ARG C 448 -22.15 -18.16 7.39
C ARG C 448 -22.04 -16.66 7.06
N ALA C 449 -21.74 -15.85 8.08
CA ALA C 449 -21.63 -14.41 7.91
C ALA C 449 -20.59 -13.99 6.86
N HIS C 450 -19.34 -14.40 7.06
CA HIS C 450 -18.27 -14.05 6.13
C HIS C 450 -18.48 -14.66 4.75
N ARG C 451 -19.04 -15.86 4.74
CA ARG C 451 -19.33 -16.57 3.50
C ARG C 451 -20.32 -15.76 2.67
N LEU C 452 -21.41 -15.32 3.31
CA LEU C 452 -22.41 -14.51 2.63
C LEU C 452 -21.85 -13.13 2.28
N ALA C 453 -21.00 -12.59 3.14
CA ALA C 453 -20.42 -11.28 2.88
C ALA C 453 -19.63 -11.34 1.57
N LEU C 454 -18.88 -12.43 1.39
CA LEU C 454 -18.08 -12.61 0.18
C LEU C 454 -18.93 -12.90 -1.07
N GLU C 455 -20.05 -13.58 -0.90
CA GLU C 455 -20.91 -13.95 -2.03
C GLU C 455 -21.95 -12.90 -2.44
N LEU C 456 -22.33 -12.00 -1.56
CA LEU C 456 -23.32 -10.98 -1.88
C LEU C 456 -22.77 -9.94 -2.85
N GLU C 457 -23.44 -9.77 -3.98
CA GLU C 457 -23.00 -8.81 -4.99
C GLU C 457 -23.45 -7.41 -4.60
N ALA C 458 -22.57 -6.72 -3.89
CA ALA C 458 -22.84 -5.39 -3.42
C ALA C 458 -21.52 -4.71 -3.11
N GLY C 459 -21.50 -3.38 -3.18
CA GLY C 459 -20.28 -2.67 -2.87
C GLY C 459 -20.05 -2.66 -1.38
N MET C 460 -21.14 -2.71 -0.61
CA MET C 460 -21.06 -2.69 0.86
C MET C 460 -21.94 -3.73 1.54
N VAL C 461 -21.36 -4.45 2.49
CA VAL C 461 -22.11 -5.44 3.25
C VAL C 461 -21.97 -5.11 4.74
N TYR C 462 -23.10 -5.08 5.43
CA TYR C 462 -23.13 -4.80 6.85
C TYR C 462 -23.60 -6.05 7.57
N LEU C 463 -22.80 -6.50 8.53
CA LEU C 463 -23.13 -7.68 9.31
C LEU C 463 -23.67 -7.28 10.66
N ASN C 464 -24.89 -7.72 10.94
CA ASN C 464 -25.54 -7.44 12.22
C ASN C 464 -25.65 -6.00 12.65
N SER C 465 -25.97 -5.12 11.71
CA SER C 465 -26.12 -3.71 12.03
C SER C 465 -26.76 -2.97 10.88
N HIS C 466 -27.12 -1.72 11.15
CA HIS C 466 -27.69 -0.86 10.13
C HIS C 466 -26.50 -0.21 9.41
N ASN C 467 -26.79 0.74 8.53
CA ASN C 467 -25.76 1.42 7.76
C ASN C 467 -24.91 2.37 8.62
N VAL C 468 -23.70 1.95 8.97
CA VAL C 468 -22.79 2.77 9.78
C VAL C 468 -21.51 2.93 8.97
N ARG C 469 -21.26 4.16 8.51
CA ARG C 469 -20.09 4.42 7.67
C ARG C 469 -18.77 4.83 8.32
N HIS C 470 -17.69 4.48 7.63
CA HIS C 470 -16.33 4.81 8.03
C HIS C 470 -15.73 5.36 6.73
N LEU C 471 -15.59 6.67 6.70
CA LEU C 471 -15.12 7.41 5.54
C LEU C 471 -13.93 6.91 4.73
N PRO C 472 -12.92 6.30 5.37
CA PRO C 472 -11.77 5.81 4.60
C PRO C 472 -12.05 4.60 3.70
N THR C 473 -13.13 3.88 3.98
CA THR C 473 -13.44 2.69 3.19
C THR C 473 -13.98 3.03 1.82
N PRO C 474 -13.83 2.11 0.85
CA PRO C 474 -14.34 2.39 -0.49
C PRO C 474 -15.85 2.25 -0.54
N PHE C 475 -16.50 3.30 -1.02
CA PHE C 475 -17.96 3.34 -1.13
C PHE C 475 -18.40 3.42 -2.59
N GLY C 476 -19.38 2.60 -2.94
CA GLY C 476 -19.89 2.57 -4.30
C GLY C 476 -20.67 1.28 -4.51
N GLY C 477 -21.07 1.00 -5.75
CA GLY C 477 -21.81 -0.22 -6.01
C GLY C 477 -21.35 -0.99 -7.22
N VAL C 478 -22.00 -2.11 -7.48
CA VAL C 478 -21.70 -2.94 -8.64
C VAL C 478 -22.97 -3.08 -9.46
N LYS C 479 -22.90 -3.75 -10.61
CA LYS C 479 -24.07 -3.91 -11.46
C LYS C 479 -24.69 -2.56 -11.79
N GLY C 480 -26.02 -2.48 -11.75
CA GLY C 480 -26.72 -1.25 -12.05
C GLY C 480 -26.62 -0.16 -10.97
N SER C 481 -25.84 -0.39 -9.94
CA SER C 481 -25.72 0.61 -8.87
C SER C 481 -24.57 1.58 -9.08
N GLY C 482 -23.86 1.44 -10.20
CA GLY C 482 -22.77 2.36 -10.48
C GLY C 482 -21.42 1.71 -10.65
N ASP C 483 -20.39 2.54 -10.59
CA ASP C 483 -19.03 2.08 -10.75
C ASP C 483 -18.10 3.07 -10.07
N ARG C 484 -16.84 2.69 -9.88
CA ARG C 484 -15.85 3.54 -9.23
C ARG C 484 -16.15 3.60 -7.75
N ARG C 485 -15.24 4.20 -6.99
CA ARG C 485 -15.44 4.31 -5.55
C ARG C 485 -15.06 5.68 -5.03
N GLU C 486 -15.70 6.05 -3.92
CA GLU C 486 -15.43 7.31 -3.24
C GLU C 486 -14.92 6.89 -1.86
N GLY C 487 -14.31 7.82 -1.13
CA GLY C 487 -13.80 7.51 0.19
C GLY C 487 -12.29 7.46 0.30
N GLY C 488 -11.72 8.37 1.08
CA GLY C 488 -10.28 8.43 1.27
C GLY C 488 -9.42 8.30 0.02
N THR C 489 -8.46 7.38 0.05
CA THR C 489 -7.57 7.16 -1.08
C THR C 489 -8.26 6.57 -2.30
N TYR C 490 -9.38 5.89 -2.11
CA TYR C 490 -10.09 5.30 -3.24
C TYR C 490 -10.63 6.36 -4.20
N ALA C 491 -10.96 7.53 -3.66
CA ALA C 491 -11.46 8.63 -4.46
C ALA C 491 -10.36 9.11 -5.41
N LEU C 492 -9.10 8.97 -5.00
CA LEU C 492 -7.96 9.42 -5.81
C LEU C 492 -7.93 8.82 -7.20
N ASP C 493 -8.34 7.57 -7.32
CA ASP C 493 -8.33 6.91 -8.61
C ASP C 493 -9.20 7.57 -9.65
N PHE C 494 -10.18 8.35 -9.20
CA PHE C 494 -11.05 9.05 -10.13
C PHE C 494 -10.64 10.49 -10.33
N TYR C 495 -10.35 11.20 -9.25
CA TYR C 495 -10.00 12.62 -9.32
C TYR C 495 -8.58 12.96 -9.75
N THR C 496 -7.70 11.96 -9.84
CA THR C 496 -6.32 12.21 -10.26
C THR C 496 -5.89 11.25 -11.35
N ASP C 497 -4.77 11.57 -12.00
CA ASP C 497 -4.21 10.73 -13.06
C ASP C 497 -2.87 10.16 -12.62
N LEU C 498 -2.66 8.87 -12.88
CA LEU C 498 -1.40 8.23 -12.53
C LEU C 498 -0.40 8.53 -13.64
N LYS C 499 0.87 8.62 -13.27
CA LYS C 499 1.92 8.89 -14.22
C LYS C 499 3.13 8.06 -13.88
N THR C 500 3.66 7.33 -14.87
CA THR C 500 4.85 6.53 -14.66
C THR C 500 6.04 7.25 -15.27
N ILE C 501 7.03 7.55 -14.44
CA ILE C 501 8.23 8.24 -14.91
C ILE C 501 9.42 7.30 -14.83
N ALA C 502 10.16 7.22 -15.93
CA ALA C 502 11.31 6.34 -16.01
C ALA C 502 12.59 7.08 -16.40
N LEU C 503 13.71 6.60 -15.85
CA LEU C 503 15.00 7.17 -16.15
C LEU C 503 16.06 6.11 -15.89
N PRO C 504 17.03 5.98 -16.82
CA PRO C 504 18.09 4.98 -16.64
C PRO C 504 19.15 5.55 -15.70
N LEU C 505 19.79 4.70 -14.92
CA LEU C 505 20.82 5.15 -13.99
C LEU C 505 22.19 5.16 -14.69
N ARG C 506 22.22 4.54 -15.86
CA ARG C 506 23.44 4.46 -16.66
C ARG C 506 23.00 4.29 -18.11
N PRO C 507 23.88 4.63 -19.08
CA PRO C 507 23.57 4.51 -20.50
C PRO C 507 22.92 3.18 -20.89
N PRO C 508 21.65 3.23 -21.29
CA PRO C 508 20.93 2.01 -21.68
C PRO C 508 21.20 1.69 -23.15
N HIS C 509 20.86 0.47 -23.57
CA HIS C 509 21.07 0.09 -24.95
C HIS C 509 19.90 0.53 -25.82
N VAL C 510 20.18 1.41 -26.78
CA VAL C 510 19.15 1.89 -27.69
C VAL C 510 19.33 1.12 -28.99
N PRO C 511 18.29 0.39 -29.43
CA PRO C 511 18.41 -0.36 -30.69
C PRO C 511 18.84 0.61 -31.79
N LYS C 512 19.81 0.21 -32.59
CA LYS C 512 20.31 1.07 -33.67
C LYS C 512 19.46 0.95 -34.93
N PHE C 513 19.01 2.10 -35.42
CA PHE C 513 18.19 2.16 -36.64
C PHE C 513 18.82 3.13 -37.62
N GLY C 514 18.98 2.68 -38.87
CA GLY C 514 19.56 3.51 -39.90
C GLY C 514 21.00 3.93 -39.62
N LYS C 515 21.72 3.08 -38.90
CA LYS C 515 23.12 3.37 -38.58
C LYS C 515 24.03 2.24 -39.05
N MET D 1 10.82 -14.53 -52.71
CA MET D 1 12.31 -14.47 -52.63
C MET D 1 12.79 -15.12 -51.33
N ARG D 2 13.58 -16.19 -51.47
CA ARG D 2 14.12 -16.89 -50.32
C ARG D 2 15.35 -16.08 -49.90
N TYR D 3 15.22 -15.32 -48.82
CA TYR D 3 16.32 -14.47 -48.36
C TYR D 3 17.46 -15.18 -47.64
N ALA D 4 17.17 -16.27 -46.95
CA ALA D 4 18.20 -17.01 -46.22
C ALA D 4 17.68 -18.36 -45.77
N ASP D 5 18.59 -19.21 -45.27
CA ASP D 5 18.21 -20.53 -44.79
C ASP D 5 17.38 -20.41 -43.52
N ARG D 6 17.72 -19.43 -42.69
CA ARG D 6 17.01 -19.20 -41.44
C ARG D 6 16.90 -17.71 -41.18
N VAL D 7 15.75 -17.29 -40.65
CA VAL D 7 15.51 -15.90 -40.31
C VAL D 7 14.95 -15.88 -38.89
N ALA D 8 15.52 -15.03 -38.05
CA ALA D 8 15.08 -14.94 -36.67
C ALA D 8 15.11 -16.32 -36.01
N GLY D 9 16.08 -17.14 -36.43
CA GLY D 9 16.22 -18.47 -35.88
C GLY D 9 15.17 -19.43 -36.40
N ILE D 10 14.43 -19.02 -37.42
CA ILE D 10 13.39 -19.86 -38.00
C ILE D 10 13.78 -20.32 -39.41
N SER D 11 13.69 -21.62 -39.67
CA SER D 11 14.06 -22.16 -40.97
C SER D 11 13.09 -21.69 -42.05
N TRP D 12 13.62 -21.47 -43.25
CA TRP D 12 12.79 -21.03 -44.36
C TRP D 12 11.70 -22.05 -44.63
N GLU D 13 11.99 -23.32 -44.35
CA GLU D 13 11.03 -24.39 -44.55
C GLU D 13 9.80 -24.18 -43.66
N THR D 14 10.04 -23.78 -42.42
CA THR D 14 8.96 -23.53 -41.48
C THR D 14 8.13 -22.34 -41.96
N ILE D 15 8.81 -21.33 -42.50
CA ILE D 15 8.14 -20.15 -43.00
C ILE D 15 7.18 -20.50 -44.13
N GLU D 16 7.67 -21.29 -45.09
CA GLU D 16 6.87 -21.71 -46.22
C GLU D 16 5.69 -22.57 -45.77
N GLU D 17 5.92 -23.41 -44.76
CA GLU D 17 4.87 -24.28 -44.25
C GLU D 17 3.76 -23.47 -43.57
N VAL D 18 4.12 -22.52 -42.72
CA VAL D 18 3.12 -21.70 -42.06
C VAL D 18 2.31 -20.97 -43.14
N ARG D 19 3.00 -20.45 -44.15
CA ARG D 19 2.34 -19.73 -45.22
C ARG D 19 1.27 -20.54 -45.95
N ARG D 20 1.54 -21.81 -46.23
CA ARG D 20 0.55 -22.63 -46.93
C ARG D 20 -0.58 -23.08 -46.01
N ARG D 21 -0.29 -23.22 -44.72
CA ARG D 21 -1.32 -23.63 -43.77
C ARG D 21 -2.41 -22.55 -43.76
N LEU D 22 -1.98 -21.28 -43.84
CA LEU D 22 -2.90 -20.16 -43.83
C LEU D 22 -3.86 -20.20 -45.01
N LYS D 23 -3.38 -20.60 -46.17
CA LYS D 23 -4.23 -20.68 -47.37
C LYS D 23 -5.21 -21.84 -47.30
N GLU D 24 -4.81 -22.91 -46.65
CA GLU D 24 -5.66 -24.09 -46.54
C GLU D 24 -6.69 -24.04 -45.43
N ARG D 25 -6.29 -23.53 -44.26
CA ARG D 25 -7.18 -23.47 -43.10
C ARG D 25 -7.81 -22.11 -42.78
N PRO D 26 -9.13 -21.99 -42.98
CA PRO D 26 -9.83 -20.74 -42.68
C PRO D 26 -9.76 -20.50 -41.17
N ALA D 27 -9.58 -19.25 -40.75
CA ALA D 27 -9.51 -18.92 -39.33
C ALA D 27 -10.91 -18.91 -38.73
N LEU D 28 -11.21 -19.91 -37.91
CA LEU D 28 -12.54 -20.02 -37.31
C LEU D 28 -12.68 -19.36 -35.94
N HIS D 29 -13.93 -19.24 -35.50
CA HIS D 29 -14.24 -18.67 -34.18
C HIS D 29 -14.00 -19.80 -33.19
N PHE D 30 -13.90 -19.46 -31.91
CA PHE D 30 -13.75 -20.49 -30.90
C PHE D 30 -14.82 -20.17 -29.88
N ILE D 31 -15.90 -20.95 -29.91
CA ILE D 31 -17.03 -20.73 -29.02
C ILE D 31 -17.43 -21.98 -28.24
N ALA D 32 -17.65 -21.80 -26.94
CA ALA D 32 -18.04 -22.90 -26.08
C ALA D 32 -17.11 -24.10 -26.17
N GLY D 33 -15.81 -23.83 -26.34
CA GLY D 33 -14.83 -24.90 -26.40
C GLY D 33 -14.57 -25.60 -27.72
N GLU D 34 -15.12 -25.08 -28.80
CA GLU D 34 -14.93 -25.69 -30.12
C GLU D 34 -14.76 -24.64 -31.20
N PHE D 35 -13.98 -24.98 -32.23
CA PHE D 35 -13.78 -24.07 -33.34
C PHE D 35 -14.99 -24.21 -34.26
N VAL D 36 -15.60 -23.08 -34.60
CA VAL D 36 -16.78 -23.11 -35.45
C VAL D 36 -16.78 -21.93 -36.43
N PRO D 37 -17.43 -22.10 -37.58
CA PRO D 37 -17.52 -21.06 -38.61
C PRO D 37 -18.76 -20.25 -38.28
N SER D 38 -19.02 -19.20 -39.05
CA SER D 38 -20.22 -18.41 -38.83
C SER D 38 -21.41 -19.25 -39.29
N GLU D 39 -22.58 -19.01 -38.71
CA GLU D 39 -23.76 -19.76 -39.10
C GLU D 39 -24.08 -19.53 -40.57
N SER D 40 -23.79 -18.32 -41.05
CA SER D 40 -24.03 -17.96 -42.44
C SER D 40 -23.01 -18.58 -43.38
N GLY D 41 -21.89 -19.04 -42.83
CA GLY D 41 -20.84 -19.63 -43.66
C GLY D 41 -19.94 -18.59 -44.29
N GLU D 42 -20.25 -17.32 -44.10
CA GLU D 42 -19.44 -16.24 -44.66
C GLU D 42 -18.03 -16.17 -44.10
N THR D 43 -17.13 -15.57 -44.88
CA THR D 43 -15.75 -15.40 -44.48
C THR D 43 -15.27 -14.10 -45.11
N PHE D 44 -14.08 -13.66 -44.71
CA PHE D 44 -13.51 -12.46 -45.28
C PHE D 44 -12.01 -12.73 -45.39
N PRO D 45 -11.35 -12.12 -46.38
CA PRO D 45 -9.92 -12.35 -46.54
C PRO D 45 -9.01 -11.40 -45.79
N SER D 46 -7.76 -11.82 -45.63
CA SER D 46 -6.74 -11.02 -44.99
C SER D 46 -5.59 -10.99 -45.99
N LEU D 47 -5.09 -9.78 -46.27
CA LEU D 47 -3.99 -9.60 -47.21
C LEU D 47 -2.61 -9.71 -46.57
N ASP D 48 -1.63 -10.00 -47.41
CA ASP D 48 -0.24 -10.06 -47.01
C ASP D 48 0.23 -8.66 -47.38
N PRO D 49 0.46 -7.80 -46.38
CA PRO D 49 0.90 -6.43 -46.61
C PRO D 49 2.10 -6.26 -47.51
N ALA D 50 2.82 -7.35 -47.78
CA ALA D 50 3.99 -7.28 -48.63
C ALA D 50 3.68 -7.46 -50.12
N THR D 51 2.55 -8.09 -50.42
CA THR D 51 2.16 -8.33 -51.81
C THR D 51 0.69 -8.00 -52.09
N ASN D 52 -0.04 -7.66 -51.03
CA ASN D 52 -1.46 -7.36 -51.14
C ASN D 52 -2.24 -8.50 -51.78
N GLU D 53 -1.77 -9.71 -51.57
CA GLU D 53 -2.43 -10.91 -52.08
C GLU D 53 -3.06 -11.61 -50.88
N VAL D 54 -4.17 -12.30 -51.12
CA VAL D 54 -4.88 -13.00 -50.06
C VAL D 54 -4.05 -14.11 -49.40
N LEU D 55 -3.80 -13.95 -48.11
CA LEU D 55 -3.05 -14.95 -47.33
C LEU D 55 -3.97 -16.08 -46.96
N GLY D 56 -5.23 -15.72 -46.68
CA GLY D 56 -6.23 -16.71 -46.30
C GLY D 56 -7.52 -16.01 -45.91
N VAL D 57 -8.42 -16.73 -45.25
CA VAL D 57 -9.69 -16.15 -44.85
C VAL D 57 -10.06 -16.50 -43.41
N ALA D 58 -10.93 -15.69 -42.83
CA ALA D 58 -11.40 -15.89 -41.46
C ALA D 58 -12.93 -15.80 -41.44
N ALA D 59 -13.55 -16.58 -40.55
CA ALA D 59 -15.01 -16.58 -40.44
C ALA D 59 -15.52 -15.17 -40.13
N ARG D 60 -16.55 -14.74 -40.87
CA ARG D 60 -17.12 -13.42 -40.67
C ARG D 60 -18.23 -13.48 -39.61
N GLY D 61 -17.84 -13.23 -38.36
CA GLY D 61 -18.79 -13.28 -37.25
C GLY D 61 -19.71 -12.08 -37.11
N GLY D 62 -20.94 -12.36 -36.68
CA GLY D 62 -21.92 -11.32 -36.48
C GLY D 62 -22.60 -11.48 -35.14
N GLU D 63 -23.79 -10.92 -34.99
CA GLU D 63 -24.56 -10.97 -33.75
C GLU D 63 -24.79 -12.37 -33.19
N ARG D 64 -25.12 -13.32 -34.05
CA ARG D 64 -25.38 -14.68 -33.62
C ARG D 64 -24.14 -15.35 -33.02
N GLU D 65 -22.99 -15.12 -33.63
CA GLU D 65 -21.75 -15.71 -33.12
C GLU D 65 -21.37 -15.06 -31.79
N VAL D 66 -21.52 -13.74 -31.71
CA VAL D 66 -21.19 -13.02 -30.49
C VAL D 66 -22.14 -13.43 -29.38
N ASP D 67 -23.42 -13.60 -29.71
CA ASP D 67 -24.39 -14.02 -28.72
C ASP D 67 -23.97 -15.36 -28.10
N ARG D 68 -23.61 -16.32 -28.96
CA ARG D 68 -23.19 -17.63 -28.48
C ARG D 68 -21.91 -17.54 -27.64
N ALA D 69 -20.99 -16.66 -28.04
CA ALA D 69 -19.74 -16.50 -27.30
C ALA D 69 -19.99 -15.83 -25.95
N ALA D 70 -20.87 -14.83 -25.94
CA ALA D 70 -21.19 -14.13 -24.70
C ALA D 70 -21.88 -15.07 -23.70
N LYS D 71 -22.78 -15.90 -24.20
CA LYS D 71 -23.49 -16.84 -23.34
C LYS D 71 -22.53 -17.87 -22.78
N ALA D 72 -21.56 -18.28 -23.59
CA ALA D 72 -20.57 -19.25 -23.15
C ALA D 72 -19.70 -18.63 -22.07
N ALA D 73 -19.28 -17.38 -22.28
CA ALA D 73 -18.44 -16.70 -21.30
C ALA D 73 -19.21 -16.50 -20.00
N HIS D 74 -20.48 -16.14 -20.14
CA HIS D 74 -21.32 -15.92 -18.98
C HIS D 74 -21.51 -17.21 -18.19
N GLU D 75 -21.93 -18.26 -18.88
CA GLU D 75 -22.15 -19.56 -18.26
C GLU D 75 -20.90 -20.11 -17.55
N ALA D 76 -19.73 -19.91 -18.15
CA ALA D 76 -18.49 -20.39 -17.58
C ALA D 76 -17.97 -19.53 -16.41
N PHE D 77 -18.39 -18.26 -16.37
CA PHE D 77 -17.94 -17.35 -15.31
C PHE D 77 -18.21 -17.89 -13.92
N GLN D 78 -19.39 -18.48 -13.72
CA GLN D 78 -19.78 -19.02 -12.42
C GLN D 78 -18.69 -19.91 -11.82
N ARG D 79 -18.26 -20.92 -12.58
CA ARG D 79 -17.24 -21.84 -12.10
C ARG D 79 -15.80 -21.31 -12.19
N TRP D 80 -15.50 -20.59 -13.26
CA TRP D 80 -14.14 -20.06 -13.44
C TRP D 80 -13.72 -19.05 -12.37
N SER D 81 -14.64 -18.17 -11.99
CA SER D 81 -14.34 -17.16 -10.97
C SER D 81 -14.25 -17.80 -9.58
N ARG D 82 -14.59 -19.09 -9.49
CA ARG D 82 -14.52 -19.80 -8.21
C ARG D 82 -13.38 -20.79 -8.15
N THR D 83 -12.67 -20.97 -9.25
CA THR D 83 -11.55 -21.89 -9.27
C THR D 83 -10.50 -21.32 -8.31
N LYS D 84 -9.66 -22.18 -7.76
CA LYS D 84 -8.62 -21.72 -6.86
C LYS D 84 -7.57 -20.92 -7.63
N ALA D 85 -7.14 -19.81 -7.05
CA ALA D 85 -6.15 -18.95 -7.69
C ALA D 85 -4.91 -19.73 -8.11
N LYS D 86 -4.50 -20.69 -7.30
CA LYS D 86 -3.33 -21.51 -7.61
C LYS D 86 -3.54 -22.31 -8.90
N GLU D 87 -4.78 -22.72 -9.13
CA GLU D 87 -5.10 -23.49 -10.32
C GLU D 87 -5.13 -22.59 -11.56
N ARG D 88 -5.59 -21.34 -11.40
CA ARG D 88 -5.62 -20.43 -12.55
C ARG D 88 -4.17 -20.08 -12.91
N LYS D 89 -3.34 -19.94 -11.88
CA LYS D 89 -1.93 -19.64 -12.09
C LYS D 89 -1.30 -20.76 -12.91
N ARG D 90 -1.65 -22.00 -12.59
CA ARG D 90 -1.11 -23.14 -13.32
C ARG D 90 -1.49 -23.04 -14.79
N TYR D 91 -2.73 -22.64 -15.06
CA TYR D 91 -3.19 -22.49 -16.42
C TYR D 91 -2.40 -21.43 -17.19
N LEU D 92 -2.22 -20.26 -16.58
CA LEU D 92 -1.49 -19.18 -17.24
C LEU D 92 -0.03 -19.56 -17.52
N LEU D 93 0.58 -20.32 -16.61
CA LEU D 93 1.95 -20.77 -16.78
C LEU D 93 1.99 -21.80 -17.91
N ARG D 94 0.94 -22.60 -18.02
CA ARG D 94 0.85 -23.61 -19.07
C ARG D 94 0.72 -22.92 -20.42
N ILE D 95 -0.11 -21.87 -20.46
CA ILE D 95 -0.30 -21.10 -21.67
C ILE D 95 1.03 -20.45 -22.07
N ALA D 96 1.73 -19.86 -21.09
CA ALA D 96 3.01 -19.21 -21.35
C ALA D 96 3.96 -20.24 -21.96
N GLU D 97 4.02 -21.40 -21.33
CA GLU D 97 4.88 -22.49 -21.78
C GLU D 97 4.55 -22.90 -23.21
N LEU D 98 3.25 -23.06 -23.51
CA LEU D 98 2.82 -23.47 -24.84
C LEU D 98 2.99 -22.37 -25.90
N ILE D 99 3.05 -21.12 -25.46
CA ILE D 99 3.25 -20.03 -26.42
C ILE D 99 4.70 -20.10 -26.88
N GLU D 100 5.60 -20.38 -25.94
CA GLU D 100 7.02 -20.49 -26.27
C GLU D 100 7.22 -21.71 -27.17
N LYS D 101 6.47 -22.78 -26.91
CA LYS D 101 6.57 -24.01 -27.69
C LYS D 101 6.18 -23.77 -29.15
N HIS D 102 5.17 -22.93 -29.37
CA HIS D 102 4.71 -22.61 -30.72
C HIS D 102 5.21 -21.23 -31.15
N ALA D 103 6.26 -20.73 -30.51
CA ALA D 103 6.79 -19.40 -30.82
C ALA D 103 7.12 -19.15 -32.29
N ASP D 104 7.83 -20.07 -32.92
CA ASP D 104 8.19 -19.88 -34.33
C ASP D 104 6.95 -19.71 -35.22
N GLU D 105 5.97 -20.59 -35.05
CA GLU D 105 4.76 -20.51 -35.84
C GLU D 105 4.01 -19.19 -35.62
N LEU D 106 3.91 -18.77 -34.37
CA LEU D 106 3.23 -17.51 -34.05
C LEU D 106 3.97 -16.32 -34.68
N ALA D 107 5.28 -16.34 -34.60
CA ALA D 107 6.09 -15.25 -35.15
C ALA D 107 5.84 -15.11 -36.65
N VAL D 108 5.98 -16.22 -37.39
CA VAL D 108 5.77 -16.21 -38.83
C VAL D 108 4.35 -15.79 -39.20
N MET D 109 3.39 -16.44 -38.56
CA MET D 109 1.98 -16.14 -38.83
C MET D 109 1.67 -14.65 -38.74
N GLU D 110 2.00 -14.03 -37.61
CA GLU D 110 1.75 -12.61 -37.43
C GLU D 110 2.61 -11.75 -38.35
N CYS D 111 3.82 -12.21 -38.64
CA CYS D 111 4.72 -11.48 -39.54
C CYS D 111 4.06 -11.38 -40.91
N LEU D 112 3.62 -12.52 -41.42
CA LEU D 112 2.99 -12.58 -42.74
C LEU D 112 1.71 -11.74 -42.80
N ASP D 113 0.92 -11.83 -41.74
CA ASP D 113 -0.37 -11.15 -41.65
C ASP D 113 -0.31 -9.64 -41.37
N ALA D 114 0.59 -9.22 -40.49
CA ALA D 114 0.65 -7.80 -40.13
C ALA D 114 1.84 -7.01 -40.66
N GLY D 115 2.76 -7.69 -41.35
CA GLY D 115 3.90 -7.00 -41.97
C GLY D 115 5.11 -6.51 -41.18
N GLN D 116 5.25 -6.86 -39.91
CA GLN D 116 6.41 -6.40 -39.15
C GLN D 116 7.60 -7.32 -39.43
N VAL D 117 8.81 -6.82 -39.25
CA VAL D 117 10.01 -7.62 -39.47
C VAL D 117 9.96 -8.85 -38.56
N LEU D 118 10.23 -10.02 -39.13
CA LEU D 118 10.17 -11.28 -38.39
C LEU D 118 10.83 -11.33 -37.01
N ARG D 119 12.06 -10.82 -36.90
CA ARG D 119 12.75 -10.84 -35.61
C ARG D 119 12.01 -10.00 -34.56
N ILE D 120 11.36 -8.93 -34.99
CA ILE D 120 10.62 -8.08 -34.07
C ILE D 120 9.36 -8.82 -33.60
N VAL D 121 8.72 -9.53 -34.52
CA VAL D 121 7.52 -10.28 -34.16
C VAL D 121 7.93 -11.41 -33.21
N ARG D 122 9.07 -12.04 -33.49
CA ARG D 122 9.54 -13.12 -32.63
C ARG D 122 9.77 -12.61 -31.21
N ALA D 123 10.36 -11.41 -31.10
CA ALA D 123 10.62 -10.83 -29.78
C ALA D 123 9.29 -10.55 -29.09
N GLN D 124 8.30 -10.12 -29.89
CA GLN D 124 6.97 -9.83 -29.37
C GLN D 124 6.31 -11.09 -28.83
N VAL D 125 6.59 -12.23 -29.43
CA VAL D 125 5.98 -13.48 -28.96
C VAL D 125 6.50 -13.78 -27.57
N ALA D 126 7.77 -13.48 -27.34
CA ALA D 126 8.37 -13.69 -26.03
C ALA D 126 7.69 -12.78 -25.01
N ARG D 127 7.31 -11.57 -25.45
CA ARG D 127 6.62 -10.63 -24.56
C ARG D 127 5.21 -11.12 -24.26
N ALA D 128 4.59 -11.82 -25.21
CA ALA D 128 3.25 -12.35 -25.03
C ALA D 128 3.29 -13.47 -24.00
N ALA D 129 4.31 -14.32 -24.11
CA ALA D 129 4.46 -15.41 -23.16
C ALA D 129 4.66 -14.78 -21.79
N GLU D 130 5.47 -13.73 -21.74
CA GLU D 130 5.75 -13.04 -20.48
C GLU D 130 4.47 -12.43 -19.88
N ASN D 131 3.55 -11.99 -20.72
CA ASN D 131 2.32 -11.41 -20.19
C ASN D 131 1.60 -12.43 -19.30
N PHE D 132 1.57 -13.68 -19.74
CA PHE D 132 0.92 -14.73 -18.97
C PHE D 132 1.73 -15.14 -17.75
N ALA D 133 3.05 -15.24 -17.91
CA ALA D 133 3.91 -15.63 -16.79
C ALA D 133 3.91 -14.56 -15.71
N PHE D 134 3.77 -13.30 -16.13
CA PHE D 134 3.74 -12.16 -15.22
C PHE D 134 2.46 -12.17 -14.38
N TYR D 135 1.31 -12.13 -15.05
CA TYR D 135 0.05 -12.12 -14.32
C TYR D 135 -0.26 -13.41 -13.57
N ALA D 136 0.45 -14.48 -13.91
CA ALA D 136 0.24 -15.75 -13.24
C ALA D 136 0.57 -15.57 -11.75
N GLU D 137 1.55 -14.73 -11.46
CA GLU D 137 1.96 -14.48 -10.08
C GLU D 137 1.05 -13.54 -9.30
N TYR D 138 0.08 -12.92 -9.99
CA TYR D 138 -0.85 -12.02 -9.32
C TYR D 138 -2.19 -12.68 -9.00
N ALA D 139 -2.46 -13.82 -9.64
CA ALA D 139 -3.71 -14.54 -9.43
C ALA D 139 -4.01 -14.78 -7.95
N GLU D 140 -3.02 -15.24 -7.20
CA GLU D 140 -3.21 -15.52 -5.77
C GLU D 140 -3.31 -14.29 -4.86
N HIS D 141 -3.14 -13.10 -5.42
CA HIS D 141 -3.23 -11.87 -4.65
C HIS D 141 -4.41 -11.02 -5.12
N ALA D 142 -5.21 -11.59 -6.02
CA ALA D 142 -6.33 -10.86 -6.63
C ALA D 142 -7.48 -10.43 -5.73
N MET D 143 -7.61 -11.00 -4.55
CA MET D 143 -8.69 -10.63 -3.65
C MET D 143 -8.22 -9.70 -2.55
N GLU D 144 -6.91 -9.49 -2.47
CA GLU D 144 -6.32 -8.67 -1.41
C GLU D 144 -6.54 -7.18 -1.36
N ASP D 145 -6.85 -6.68 -0.17
CA ASP D 145 -6.96 -5.25 0.02
C ASP D 145 -6.60 -4.83 1.43
N ARG D 146 -7.48 -4.08 2.08
CA ARG D 146 -7.16 -3.53 3.40
C ARG D 146 -8.12 -3.80 4.56
N THR D 147 -7.68 -3.42 5.76
CA THR D 147 -8.51 -3.52 6.96
C THR D 147 -8.60 -2.09 7.49
N PHE D 148 -9.77 -1.74 7.99
CA PHE D 148 -9.97 -0.41 8.56
C PHE D 148 -10.67 -0.57 9.91
N PRO D 149 -9.95 -1.09 10.91
CA PRO D 149 -10.56 -1.27 12.23
C PRO D 149 -10.84 0.09 12.87
N VAL D 150 -11.91 0.16 13.64
CA VAL D 150 -12.27 1.38 14.35
C VAL D 150 -12.24 1.05 15.83
N ASP D 151 -11.13 1.39 16.49
CA ASP D 151 -10.97 1.13 17.91
C ASP D 151 -11.37 -0.32 18.23
N ARG D 152 -12.17 -0.53 19.28
CA ARG D 152 -12.58 -1.88 19.65
C ARG D 152 -14.09 -2.05 19.39
N ASP D 153 -14.64 -1.19 18.55
CA ASP D 153 -16.06 -1.23 18.26
C ASP D 153 -16.45 -1.81 16.90
N TRP D 154 -15.63 -1.57 15.89
CA TRP D 154 -15.92 -2.05 14.54
C TRP D 154 -14.73 -2.57 13.78
N LEU D 155 -15.03 -3.45 12.83
CA LEU D 155 -14.02 -3.97 11.92
C LEU D 155 -14.59 -3.79 10.52
N TYR D 156 -13.87 -3.03 9.71
CA TYR D 156 -14.25 -2.86 8.32
C TYR D 156 -13.06 -3.45 7.61
N TYR D 157 -13.32 -4.27 6.60
CA TYR D 157 -12.24 -4.85 5.82
C TYR D 157 -12.72 -4.89 4.38
N THR D 158 -11.79 -4.86 3.44
CA THR D 158 -12.14 -4.86 2.04
C THR D 158 -11.47 -6.00 1.29
N VAL D 159 -12.19 -6.54 0.30
CA VAL D 159 -11.69 -7.62 -0.53
C VAL D 159 -12.06 -7.26 -1.97
N ARG D 160 -11.54 -8.01 -2.92
CA ARG D 160 -11.84 -7.77 -4.33
C ARG D 160 -12.37 -9.07 -4.91
N VAL D 161 -13.37 -8.98 -5.79
CA VAL D 161 -13.94 -10.16 -6.43
C VAL D 161 -13.95 -9.97 -7.95
N PRO D 162 -13.91 -11.07 -8.72
CA PRO D 162 -13.92 -11.02 -10.19
C PRO D 162 -15.11 -10.19 -10.65
N ALA D 163 -14.89 -9.26 -11.57
CA ALA D 163 -15.97 -8.38 -12.05
C ALA D 163 -16.92 -9.00 -13.06
N GLY D 164 -16.43 -9.94 -13.88
CA GLY D 164 -17.30 -10.56 -14.86
C GLY D 164 -16.68 -10.73 -16.24
N PRO D 165 -17.40 -11.38 -17.18
CA PRO D 165 -16.89 -11.61 -18.54
C PRO D 165 -16.32 -10.33 -19.16
N VAL D 166 -15.18 -10.47 -19.81
CA VAL D 166 -14.52 -9.33 -20.43
C VAL D 166 -14.48 -9.45 -21.95
N GLY D 167 -14.94 -8.41 -22.63
CA GLY D 167 -14.92 -8.37 -24.07
C GLY D 167 -13.66 -7.62 -24.42
N ILE D 168 -12.75 -8.29 -25.13
CA ILE D 168 -11.49 -7.69 -25.49
C ILE D 168 -11.46 -7.42 -27.00
N ILE D 169 -11.32 -6.14 -27.35
CA ILE D 169 -11.31 -5.69 -28.74
C ILE D 169 -9.94 -5.08 -29.01
N THR D 170 -9.20 -5.69 -29.93
CA THR D 170 -7.82 -5.27 -30.22
C THR D 170 -7.49 -4.79 -31.64
N PRO D 171 -6.37 -4.06 -31.80
CA PRO D 171 -5.88 -3.50 -33.07
C PRO D 171 -5.11 -4.46 -33.96
N TRP D 172 -4.83 -4.03 -35.19
CA TRP D 172 -4.13 -4.88 -36.16
C TRP D 172 -2.60 -4.87 -36.16
N ASN D 173 -1.98 -3.90 -35.53
CA ASN D 173 -0.52 -3.83 -35.58
C ASN D 173 0.25 -4.93 -34.86
N ALA D 174 -0.17 -5.28 -33.64
CA ALA D 174 0.49 -6.33 -32.87
C ALA D 174 -0.54 -7.23 -32.18
N PRO D 175 -1.21 -8.10 -32.96
CA PRO D 175 -2.25 -9.04 -32.51
C PRO D 175 -1.98 -9.84 -31.24
N LEU D 176 -0.90 -10.62 -31.24
CA LEU D 176 -0.58 -11.46 -30.09
C LEU D 176 -0.23 -10.67 -28.83
N MET D 177 0.71 -9.73 -28.93
CA MET D 177 1.11 -8.95 -27.77
C MET D 177 -0.02 -8.15 -27.14
N LEU D 178 -0.78 -7.45 -27.97
CA LEU D 178 -1.86 -6.60 -27.45
C LEU D 178 -3.10 -7.33 -26.97
N SER D 179 -3.36 -8.52 -27.51
CA SER D 179 -4.52 -9.27 -27.05
C SER D 179 -4.17 -9.97 -25.74
N THR D 180 -2.99 -10.59 -25.69
CA THR D 180 -2.57 -11.29 -24.46
C THR D 180 -2.38 -10.32 -23.29
N TRP D 181 -2.08 -9.06 -23.62
CA TRP D 181 -1.90 -8.00 -22.61
C TRP D 181 -3.17 -7.85 -21.77
N ARG D 182 -4.32 -8.16 -22.39
CA ARG D 182 -5.62 -8.04 -21.71
C ARG D 182 -6.17 -9.39 -21.25
N ILE D 183 -5.92 -10.42 -22.06
CA ILE D 183 -6.40 -11.75 -21.74
C ILE D 183 -5.77 -12.30 -20.47
N ALA D 184 -4.45 -12.16 -20.38
CA ALA D 184 -3.73 -12.65 -19.21
C ALA D 184 -4.30 -12.12 -17.90
N PRO D 185 -4.38 -10.80 -17.74
CA PRO D 185 -4.94 -10.27 -16.49
C PRO D 185 -6.40 -10.68 -16.29
N ALA D 186 -7.20 -10.62 -17.35
CA ALA D 186 -8.61 -11.00 -17.26
C ALA D 186 -8.76 -12.41 -16.68
N LEU D 187 -8.00 -13.37 -17.19
CA LEU D 187 -8.10 -14.75 -16.71
C LEU D 187 -7.45 -14.93 -15.33
N ALA D 188 -6.32 -14.27 -15.09
CA ALA D 188 -5.64 -14.40 -13.82
C ALA D 188 -6.56 -13.95 -12.69
N PHE D 189 -7.35 -12.91 -12.96
CA PHE D 189 -8.24 -12.36 -11.96
C PHE D 189 -9.63 -12.98 -11.86
N GLY D 190 -9.82 -14.12 -12.54
CA GLY D 190 -11.09 -14.84 -12.45
C GLY D 190 -12.20 -14.51 -13.41
N ASN D 191 -11.89 -13.81 -14.50
CA ASN D 191 -12.92 -13.45 -15.47
C ASN D 191 -12.86 -14.33 -16.73
N THR D 192 -13.98 -14.45 -17.43
CA THR D 192 -14.00 -15.21 -18.68
C THR D 192 -13.77 -14.20 -19.79
N VAL D 193 -13.53 -14.68 -21.00
CA VAL D 193 -13.19 -13.79 -22.09
C VAL D 193 -13.83 -14.05 -23.45
N VAL D 194 -14.05 -12.96 -24.18
CA VAL D 194 -14.55 -13.03 -25.54
C VAL D 194 -13.64 -12.07 -26.29
N LEU D 195 -12.79 -12.60 -27.17
CA LEU D 195 -11.87 -11.79 -27.94
C LEU D 195 -12.39 -11.47 -29.33
N LYS D 196 -12.28 -10.21 -29.73
CA LYS D 196 -12.69 -9.78 -31.07
C LYS D 196 -11.49 -9.02 -31.63
N PRO D 197 -10.61 -9.73 -32.35
CA PRO D 197 -9.40 -9.16 -32.96
C PRO D 197 -9.63 -8.34 -34.21
N ALA D 198 -8.72 -7.42 -34.49
CA ALA D 198 -8.80 -6.56 -35.68
C ALA D 198 -8.91 -7.44 -36.93
N GLU D 199 -9.77 -7.05 -37.86
CA GLU D 199 -9.98 -7.81 -39.09
C GLU D 199 -8.79 -7.84 -40.08
N TRP D 200 -7.91 -6.85 -40.01
CA TRP D 200 -6.76 -6.82 -40.93
C TRP D 200 -5.65 -7.84 -40.63
N SER D 201 -5.72 -8.51 -39.48
CA SER D 201 -4.69 -9.50 -39.11
C SER D 201 -5.30 -10.48 -38.10
N PRO D 202 -6.32 -11.25 -38.54
CA PRO D 202 -7.05 -12.23 -37.73
C PRO D 202 -6.40 -13.57 -37.41
N PHE D 203 -5.50 -14.04 -38.27
CA PHE D 203 -4.89 -15.34 -38.09
C PHE D 203 -4.30 -15.67 -36.72
N THR D 204 -3.39 -14.82 -36.24
CA THR D 204 -2.75 -15.06 -34.95
C THR D 204 -3.73 -15.34 -33.81
N ALA D 205 -4.86 -14.66 -33.81
CA ALA D 205 -5.86 -14.86 -32.77
C ALA D 205 -6.41 -16.29 -32.76
N THR D 206 -6.74 -16.82 -33.92
CA THR D 206 -7.25 -18.19 -33.99
C THR D 206 -6.19 -19.17 -33.51
N LYS D 207 -4.93 -18.87 -33.81
CA LYS D 207 -3.82 -19.72 -33.37
C LYS D 207 -3.71 -19.67 -31.85
N LEU D 208 -3.89 -18.48 -31.27
CA LEU D 208 -3.84 -18.32 -29.82
C LEU D 208 -4.91 -19.19 -29.18
N ALA D 209 -6.08 -19.22 -29.81
CA ALA D 209 -7.19 -20.04 -29.33
C ALA D 209 -6.81 -21.52 -29.35
N GLU D 210 -6.11 -21.94 -30.41
CA GLU D 210 -5.70 -23.34 -30.50
C GLU D 210 -4.80 -23.65 -29.32
N ILE D 211 -3.93 -22.70 -29.00
CA ILE D 211 -3.00 -22.86 -27.89
C ILE D 211 -3.72 -22.95 -26.53
N LEU D 212 -4.71 -22.09 -26.31
CA LEU D 212 -5.43 -22.12 -25.05
C LEU D 212 -6.21 -23.43 -24.90
N LYS D 213 -6.68 -23.98 -26.02
CA LYS D 213 -7.40 -25.24 -26.00
C LYS D 213 -6.39 -26.33 -25.66
N GLU D 214 -5.16 -26.16 -26.13
CA GLU D 214 -4.10 -27.11 -25.85
C GLU D 214 -3.76 -27.06 -24.37
N ALA D 215 -3.87 -25.88 -23.77
CA ALA D 215 -3.60 -25.69 -22.35
C ALA D 215 -4.78 -26.25 -21.56
N ASP D 216 -5.81 -26.67 -22.30
CA ASP D 216 -7.04 -27.26 -21.78
C ASP D 216 -7.86 -26.39 -20.82
N LEU D 217 -8.05 -25.12 -21.18
CA LEU D 217 -8.87 -24.23 -20.36
C LEU D 217 -10.30 -24.76 -20.41
N PRO D 218 -11.05 -24.61 -19.31
CA PRO D 218 -12.42 -25.11 -19.32
C PRO D 218 -13.22 -24.46 -20.45
N PRO D 219 -14.18 -25.21 -21.03
CA PRO D 219 -15.02 -24.71 -22.14
C PRO D 219 -15.73 -23.40 -21.77
N GLY D 220 -15.71 -22.45 -22.69
CA GLY D 220 -16.38 -21.18 -22.43
C GLY D 220 -15.56 -20.11 -21.73
N VAL D 221 -14.45 -20.50 -21.11
CA VAL D 221 -13.61 -19.54 -20.40
C VAL D 221 -13.01 -18.55 -21.38
N PHE D 222 -12.56 -19.05 -22.53
CA PHE D 222 -12.01 -18.17 -23.56
C PHE D 222 -12.70 -18.41 -24.89
N ASN D 223 -13.28 -17.34 -25.43
CA ASN D 223 -13.99 -17.41 -26.68
C ASN D 223 -13.40 -16.40 -27.65
N LEU D 224 -13.53 -16.69 -28.94
CA LEU D 224 -13.01 -15.83 -30.00
C LEU D 224 -14.05 -15.69 -31.10
N VAL D 225 -14.25 -14.47 -31.57
CA VAL D 225 -15.18 -14.22 -32.67
C VAL D 225 -14.48 -13.29 -33.66
N GLN D 226 -14.21 -13.80 -34.85
CA GLN D 226 -13.56 -13.03 -35.91
C GLN D 226 -14.62 -12.18 -36.59
N GLY D 227 -14.22 -11.04 -37.14
CA GLY D 227 -15.19 -10.20 -37.82
C GLY D 227 -14.85 -8.72 -37.83
N PHE D 228 -15.68 -7.95 -38.52
CA PHE D 228 -15.48 -6.50 -38.64
C PHE D 228 -15.92 -5.75 -37.40
N GLY D 229 -15.33 -4.58 -37.20
CA GLY D 229 -15.67 -3.77 -36.04
C GLY D 229 -17.13 -3.45 -35.94
N GLU D 230 -17.73 -2.98 -37.04
CA GLU D 230 -19.14 -2.60 -37.02
C GLU D 230 -20.10 -3.79 -36.94
N GLU D 231 -19.57 -5.00 -37.09
CA GLU D 231 -20.42 -6.19 -37.02
C GLU D 231 -20.17 -6.94 -35.71
N ALA D 232 -19.13 -7.78 -35.68
CA ALA D 232 -18.84 -8.55 -34.47
C ALA D 232 -18.44 -7.63 -33.31
N GLY D 233 -17.61 -6.62 -33.61
CA GLY D 233 -17.17 -5.69 -32.59
C GLY D 233 -18.31 -5.01 -31.87
N ALA D 234 -19.15 -4.32 -32.64
CA ALA D 234 -20.30 -3.61 -32.08
C ALA D 234 -21.25 -4.54 -31.34
N ALA D 235 -21.44 -5.75 -31.87
CA ALA D 235 -22.32 -6.74 -31.24
C ALA D 235 -21.82 -7.10 -29.84
N LEU D 236 -20.49 -7.22 -29.71
CA LEU D 236 -19.88 -7.56 -28.44
C LEU D 236 -20.06 -6.43 -27.43
N VAL D 237 -19.88 -5.19 -27.90
CA VAL D 237 -20.03 -4.03 -27.04
C VAL D 237 -21.47 -3.92 -26.53
N ALA D 238 -22.43 -4.25 -27.40
CA ALA D 238 -23.84 -4.16 -27.03
C ALA D 238 -24.38 -5.33 -26.22
N HIS D 239 -23.69 -6.46 -26.21
CA HIS D 239 -24.21 -7.61 -25.49
C HIS D 239 -24.31 -7.46 -23.97
N PRO D 240 -25.51 -7.70 -23.42
CA PRO D 240 -25.80 -7.59 -21.99
C PRO D 240 -25.03 -8.51 -21.06
N LEU D 241 -24.49 -9.61 -21.57
CA LEU D 241 -23.77 -10.54 -20.71
C LEU D 241 -22.27 -10.28 -20.59
N VAL D 242 -21.78 -9.22 -21.23
CA VAL D 242 -20.35 -8.90 -21.15
C VAL D 242 -20.21 -7.50 -20.53
N PRO D 243 -20.22 -7.42 -19.18
CA PRO D 243 -20.10 -6.19 -18.39
C PRO D 243 -18.83 -5.34 -18.53
N LEU D 244 -17.68 -5.99 -18.79
CA LEU D 244 -16.43 -5.26 -18.94
C LEU D 244 -15.95 -5.27 -20.38
N LEU D 245 -15.30 -4.20 -20.79
CA LEU D 245 -14.79 -4.09 -22.15
C LEU D 245 -13.41 -3.43 -22.22
N THR D 246 -12.46 -4.07 -22.91
CA THR D 246 -11.16 -3.44 -23.06
C THR D 246 -11.08 -3.05 -24.53
N LEU D 247 -10.62 -1.83 -24.79
CA LEU D 247 -10.49 -1.41 -26.17
C LEU D 247 -9.12 -0.87 -26.40
N THR D 248 -8.47 -1.35 -27.45
CA THR D 248 -7.17 -0.86 -27.82
C THR D 248 -7.33 -0.47 -29.28
N GLY D 249 -7.40 0.84 -29.53
CA GLY D 249 -7.58 1.32 -30.89
C GLY D 249 -7.61 2.83 -30.98
N GLU D 250 -8.25 3.36 -32.03
CA GLU D 250 -8.30 4.80 -32.25
C GLU D 250 -9.26 5.47 -31.29
N THR D 251 -8.97 6.74 -31.02
CA THR D 251 -9.79 7.53 -30.12
C THR D 251 -11.23 7.64 -30.61
N GLU D 252 -11.41 7.78 -31.91
CA GLU D 252 -12.75 7.89 -32.49
C GLU D 252 -13.53 6.61 -32.20
N THR D 253 -12.84 5.46 -32.29
CA THR D 253 -13.51 4.20 -32.01
C THR D 253 -13.92 4.16 -30.55
N GLY D 254 -13.09 4.76 -29.68
CA GLY D 254 -13.39 4.80 -28.27
C GLY D 254 -14.69 5.53 -28.00
N LYS D 255 -14.92 6.61 -28.74
CA LYS D 255 -16.15 7.38 -28.57
C LYS D 255 -17.35 6.54 -28.99
N ILE D 256 -17.24 5.89 -30.14
CA ILE D 256 -18.32 5.06 -30.65
C ILE D 256 -18.64 3.93 -29.67
N VAL D 257 -17.59 3.29 -29.16
CA VAL D 257 -17.76 2.19 -28.22
C VAL D 257 -18.37 2.62 -26.89
N MET D 258 -17.91 3.74 -26.36
CA MET D 258 -18.45 4.21 -25.09
C MET D 258 -19.93 4.52 -25.26
N ARG D 259 -20.28 5.14 -26.37
CA ARG D 259 -21.67 5.48 -26.64
C ARG D 259 -22.53 4.22 -26.65
N ASN D 260 -22.03 3.18 -27.31
CA ASN D 260 -22.76 1.91 -27.41
C ASN D 260 -22.79 1.19 -26.05
N ALA D 261 -21.70 1.32 -25.30
CA ALA D 261 -21.59 0.68 -23.99
C ALA D 261 -22.54 1.30 -22.97
N ALA D 262 -22.96 2.53 -23.23
CA ALA D 262 -23.86 3.25 -22.32
C ALA D 262 -25.15 2.49 -22.05
N ASP D 263 -25.65 1.76 -23.04
CA ASP D 263 -26.90 1.00 -22.88
C ASP D 263 -26.91 0.04 -21.70
N HIS D 264 -25.76 -0.55 -21.37
CA HIS D 264 -25.70 -1.46 -20.24
C HIS D 264 -24.69 -1.01 -19.20
N LEU D 265 -24.41 0.29 -19.19
CA LEU D 265 -23.46 0.86 -18.24
C LEU D 265 -22.21 0.00 -18.07
N LYS D 266 -21.59 -0.38 -19.18
CA LYS D 266 -20.41 -1.21 -19.14
C LYS D 266 -19.17 -0.46 -18.67
N ARG D 267 -18.22 -1.20 -18.08
CA ARG D 267 -16.97 -0.64 -17.61
C ARG D 267 -15.97 -0.76 -18.75
N LEU D 268 -15.34 0.36 -19.10
CA LEU D 268 -14.40 0.37 -20.20
C LEU D 268 -12.96 0.70 -19.79
N SER D 269 -12.01 0.00 -20.40
CA SER D 269 -10.59 0.22 -20.14
C SER D 269 -9.97 0.50 -21.50
N PRO D 270 -10.09 1.75 -21.97
CA PRO D 270 -9.54 2.13 -23.27
C PRO D 270 -8.10 2.62 -23.33
N GLU D 271 -7.37 2.09 -24.30
CA GLU D 271 -6.00 2.49 -24.58
C GLU D 271 -6.16 2.97 -26.02
N LEU D 272 -6.22 4.29 -26.20
CA LEU D 272 -6.47 4.87 -27.51
C LEU D 272 -5.26 5.44 -28.25
N GLY D 273 -5.52 6.41 -29.12
CA GLY D 273 -4.46 7.00 -29.92
C GLY D 273 -3.45 7.86 -29.19
N GLY D 274 -2.45 8.34 -29.92
CA GLY D 274 -1.43 9.18 -29.32
C GLY D 274 -0.66 10.01 -30.33
N LYS D 275 -0.02 11.06 -29.82
CA LYS D 275 0.81 11.94 -30.64
C LYS D 275 1.92 12.36 -29.70
N SER D 276 2.57 11.34 -29.14
CA SER D 276 3.64 11.51 -28.17
C SER D 276 4.83 12.30 -28.67
N PRO D 277 5.24 13.32 -27.89
CA PRO D 277 6.37 14.15 -28.26
C PRO D 277 7.70 13.74 -27.64
N ALA D 278 8.78 14.04 -28.34
CA ALA D 278 10.13 13.79 -27.84
C ALA D 278 10.74 15.18 -27.75
N LEU D 279 11.18 15.57 -26.56
CA LEU D 279 11.77 16.88 -26.34
C LEU D 279 13.29 16.73 -26.22
N VAL D 280 14.02 17.37 -27.13
CA VAL D 280 15.47 17.29 -27.11
C VAL D 280 16.08 18.65 -26.79
N PHE D 281 16.83 18.70 -25.69
CA PHE D 281 17.47 19.93 -25.25
C PHE D 281 18.95 19.94 -25.63
N ALA D 282 19.47 21.15 -25.85
CA ALA D 282 20.86 21.34 -26.25
C ALA D 282 21.89 20.72 -25.31
N ASP D 283 21.50 20.50 -24.06
CA ASP D 283 22.44 19.94 -23.08
C ASP D 283 22.41 18.42 -22.93
N ALA D 284 21.57 17.75 -23.71
CA ALA D 284 21.46 16.29 -23.59
C ALA D 284 22.57 15.53 -24.31
N ASP D 285 22.63 14.23 -24.04
CA ASP D 285 23.59 13.38 -24.73
C ASP D 285 22.94 13.26 -26.10
N LEU D 286 23.38 14.09 -27.05
CA LEU D 286 22.78 14.11 -28.37
C LEU D 286 22.96 12.85 -29.20
N GLU D 287 23.97 12.04 -28.88
CA GLU D 287 24.16 10.82 -29.63
C GLU D 287 23.10 9.80 -29.21
N ARG D 288 22.84 9.73 -27.90
CA ARG D 288 21.82 8.81 -27.42
C ARG D 288 20.45 9.31 -27.88
N ALA D 289 20.26 10.63 -27.81
CA ALA D 289 19.00 11.24 -28.21
C ALA D 289 18.68 10.92 -29.67
N LEU D 290 19.69 11.02 -30.53
CA LEU D 290 19.51 10.75 -31.95
C LEU D 290 19.08 9.30 -32.18
N ASP D 291 19.76 8.37 -31.52
CA ASP D 291 19.42 6.95 -31.65
C ASP D 291 18.00 6.71 -31.14
N ALA D 292 17.69 7.33 -30.01
CA ALA D 292 16.39 7.18 -29.38
C ALA D 292 15.22 7.70 -30.21
N VAL D 293 15.33 8.93 -30.71
CA VAL D 293 14.24 9.48 -31.49
C VAL D 293 14.08 8.79 -32.85
N VAL D 294 15.18 8.40 -33.46
CA VAL D 294 15.08 7.71 -34.73
C VAL D 294 14.34 6.40 -34.53
N PHE D 295 14.73 5.66 -33.50
CA PHE D 295 14.09 4.39 -33.20
C PHE D 295 12.64 4.55 -32.78
N GLN D 296 12.39 5.49 -31.87
CA GLN D 296 11.04 5.69 -31.34
C GLN D 296 9.97 6.05 -32.36
N ILE D 297 10.36 6.56 -33.53
CA ILE D 297 9.37 6.89 -34.55
C ILE D 297 9.36 5.92 -35.72
N PHE D 298 10.53 5.44 -36.14
CA PHE D 298 10.58 4.55 -37.30
C PHE D 298 10.53 3.04 -37.07
N SER D 299 10.74 2.60 -35.83
CA SER D 299 10.68 1.17 -35.56
C SER D 299 9.23 0.70 -35.69
N PHE D 300 9.03 -0.60 -35.82
CA PHE D 300 7.69 -1.17 -35.92
C PHE D 300 6.93 -0.56 -37.11
N ASN D 301 7.67 -0.19 -38.15
CA ASN D 301 7.10 0.42 -39.35
C ASN D 301 6.33 1.70 -39.01
N GLY D 302 6.69 2.34 -37.91
CA GLY D 302 6.00 3.56 -37.52
C GLY D 302 4.57 3.31 -37.05
N GLU D 303 4.18 2.05 -36.92
CA GLU D 303 2.82 1.71 -36.49
C GLU D 303 2.81 1.29 -35.02
N ARG D 304 3.30 2.18 -34.17
CA ARG D 304 3.36 1.94 -32.73
C ARG D 304 2.64 3.11 -32.06
N CYS D 305 1.72 2.79 -31.17
CA CYS D 305 0.94 3.83 -30.48
C CYS D 305 1.78 4.82 -29.68
N THR D 306 2.87 4.35 -29.09
CA THR D 306 3.75 5.19 -28.30
C THR D 306 4.84 5.87 -29.10
N ALA D 307 4.77 5.77 -30.42
CA ALA D 307 5.77 6.39 -31.28
C ALA D 307 5.87 7.88 -31.02
N SER D 308 7.08 8.42 -31.02
CA SER D 308 7.27 9.85 -30.81
C SER D 308 7.13 10.55 -32.17
N SER D 309 5.87 10.78 -32.56
CA SER D 309 5.53 11.41 -33.83
C SER D 309 5.85 12.91 -33.94
N ARG D 310 6.12 13.53 -32.80
CA ARG D 310 6.47 14.94 -32.80
C ARG D 310 7.84 15.07 -32.15
N LEU D 311 8.75 15.75 -32.84
CA LEU D 311 10.10 15.97 -32.33
C LEU D 311 10.28 17.46 -32.01
N LEU D 312 10.35 17.78 -30.73
CA LEU D 312 10.55 19.15 -30.29
C LEU D 312 12.04 19.32 -30.00
N VAL D 313 12.70 20.20 -30.75
CA VAL D 313 14.13 20.43 -30.57
C VAL D 313 14.44 21.89 -30.28
N GLU D 314 15.29 22.12 -29.28
CA GLU D 314 15.69 23.47 -28.89
C GLU D 314 16.31 24.21 -30.08
N GLU D 315 15.85 25.43 -30.30
CA GLU D 315 16.31 26.26 -31.41
C GLU D 315 17.79 26.22 -31.78
N LYS D 316 18.67 26.55 -30.85
CA LYS D 316 20.09 26.58 -31.16
C LYS D 316 20.73 25.28 -31.66
N ILE D 317 19.97 24.19 -31.68
CA ILE D 317 20.52 22.92 -32.18
C ILE D 317 19.57 22.30 -33.20
N PHE D 318 18.47 22.97 -33.48
CA PHE D 318 17.48 22.46 -34.42
C PHE D 318 18.07 22.02 -35.75
N GLU D 319 18.77 22.93 -36.42
CA GLU D 319 19.39 22.64 -37.72
C GLU D 319 20.31 21.43 -37.73
N ASP D 320 21.23 21.37 -36.78
CA ASP D 320 22.17 20.26 -36.72
C ASP D 320 21.51 18.94 -36.36
N PHE D 321 20.72 18.94 -35.29
CA PHE D 321 20.07 17.71 -34.85
C PHE D 321 19.04 17.14 -35.83
N VAL D 322 18.12 17.97 -36.29
CA VAL D 322 17.10 17.50 -37.22
C VAL D 322 17.75 17.07 -38.53
N GLY D 323 18.90 17.66 -38.84
CA GLY D 323 19.62 17.30 -40.04
C GLY D 323 20.13 15.88 -39.93
N LYS D 324 20.62 15.54 -38.74
CA LYS D 324 21.12 14.20 -38.50
C LYS D 324 19.98 13.19 -38.50
N VAL D 325 18.84 13.57 -37.94
CA VAL D 325 17.69 12.69 -37.91
C VAL D 325 17.34 12.35 -39.36
N VAL D 326 17.35 13.37 -40.21
CA VAL D 326 17.05 13.19 -41.62
C VAL D 326 17.99 12.20 -42.31
N GLU D 327 19.30 12.35 -42.12
CA GLU D 327 20.22 11.42 -42.76
C GLU D 327 20.02 10.00 -42.26
N ARG D 328 19.75 9.83 -40.96
CA ARG D 328 19.52 8.51 -40.41
C ARG D 328 18.28 7.90 -41.07
N ALA D 329 17.23 8.70 -41.20
CA ALA D 329 15.99 8.24 -41.83
C ALA D 329 16.27 7.81 -43.28
N ARG D 330 17.09 8.59 -43.96
CA ARG D 330 17.43 8.32 -45.35
C ARG D 330 18.19 6.99 -45.47
N ALA D 331 18.94 6.64 -44.44
CA ALA D 331 19.72 5.41 -44.44
C ALA D 331 18.93 4.16 -44.05
N ILE D 332 17.73 4.33 -43.52
CA ILE D 332 16.92 3.18 -43.11
C ILE D 332 16.62 2.24 -44.29
N ARG D 333 16.88 0.95 -44.08
CA ARG D 333 16.64 -0.05 -45.11
C ARG D 333 15.17 -0.48 -45.16
N VAL D 334 14.53 -0.23 -46.29
CA VAL D 334 13.14 -0.59 -46.49
C VAL D 334 13.09 -1.87 -47.31
N GLY D 335 12.36 -2.86 -46.81
CA GLY D 335 12.27 -4.13 -47.51
C GLY D 335 11.26 -5.10 -46.95
N HIS D 336 11.29 -6.31 -47.50
CA HIS D 336 10.38 -7.38 -47.10
C HIS D 336 10.54 -7.79 -45.64
N PRO D 337 9.42 -8.14 -44.98
CA PRO D 337 9.43 -8.55 -43.57
C PRO D 337 10.25 -9.80 -43.27
N LEU D 338 10.45 -10.64 -44.27
CA LEU D 338 11.21 -11.88 -44.08
C LEU D 338 12.70 -11.76 -44.43
N ASP D 339 13.12 -10.57 -44.86
CA ASP D 339 14.50 -10.31 -45.20
C ASP D 339 15.19 -9.83 -43.91
N PRO D 340 16.17 -10.59 -43.42
CA PRO D 340 16.88 -10.25 -42.19
C PRO D 340 17.51 -8.85 -42.11
N GLU D 341 17.75 -8.24 -43.27
CA GLU D 341 18.36 -6.91 -43.28
C GLU D 341 17.34 -5.77 -43.28
N THR D 342 16.07 -6.10 -43.49
CA THR D 342 15.01 -5.10 -43.51
C THR D 342 14.85 -4.39 -42.16
N GLU D 343 14.73 -3.06 -42.19
CA GLU D 343 14.54 -2.29 -40.96
C GLU D 343 13.10 -1.80 -40.90
N VAL D 344 12.56 -1.45 -42.07
CA VAL D 344 11.19 -0.96 -42.17
C VAL D 344 10.43 -1.75 -43.24
N GLY D 345 9.36 -2.41 -42.80
CA GLY D 345 8.55 -3.19 -43.71
C GLY D 345 7.35 -2.42 -44.25
N PRO D 346 6.37 -3.10 -44.87
CA PRO D 346 5.18 -2.46 -45.43
C PRO D 346 4.10 -2.20 -44.39
N LEU D 347 3.25 -1.22 -44.67
CA LEU D 347 2.15 -0.91 -43.76
C LEU D 347 1.13 -2.02 -43.93
N ILE D 348 0.24 -2.13 -42.97
CA ILE D 348 -0.78 -3.18 -42.89
C ILE D 348 -1.74 -3.41 -44.05
N HIS D 349 -2.14 -2.36 -44.74
CA HIS D 349 -3.13 -2.50 -45.80
C HIS D 349 -3.04 -1.32 -46.76
N PRO D 350 -3.38 -1.51 -48.04
CA PRO D 350 -3.30 -0.39 -48.98
C PRO D 350 -4.18 0.78 -48.54
N GLU D 351 -5.27 0.50 -47.83
CA GLU D 351 -6.14 1.59 -47.37
C GLU D 351 -5.42 2.42 -46.33
N HIS D 352 -4.61 1.76 -45.50
CA HIS D 352 -3.87 2.48 -44.48
C HIS D 352 -2.75 3.31 -45.12
N LEU D 353 -2.04 2.73 -46.08
CA LEU D 353 -0.96 3.44 -46.76
C LEU D 353 -1.49 4.72 -47.37
N GLN D 354 -2.68 4.61 -47.97
CA GLN D 354 -3.31 5.77 -48.60
C GLN D 354 -3.74 6.78 -47.53
N ARG D 355 -4.19 6.27 -46.39
CA ARG D 355 -4.59 7.15 -45.30
C ARG D 355 -3.37 7.94 -44.84
N VAL D 356 -2.24 7.26 -44.72
CA VAL D 356 -1.01 7.92 -44.32
C VAL D 356 -0.57 8.92 -45.40
N LEU D 357 -0.59 8.49 -46.66
CA LEU D 357 -0.20 9.39 -47.75
C LEU D 357 -1.12 10.62 -47.72
N GLY D 358 -2.37 10.41 -47.30
CA GLY D 358 -3.30 11.51 -47.21
C GLY D 358 -2.79 12.59 -46.25
N TYR D 359 -2.23 12.17 -45.13
CA TYR D 359 -1.70 13.12 -44.16
C TYR D 359 -0.44 13.77 -44.71
N VAL D 360 0.37 12.99 -45.42
CA VAL D 360 1.60 13.54 -45.99
C VAL D 360 1.22 14.67 -46.94
N GLU D 361 0.20 14.43 -47.76
CA GLU D 361 -0.25 15.42 -48.72
C GLU D 361 -0.82 16.64 -48.00
N ALA D 362 -1.63 16.38 -46.98
CA ALA D 362 -2.24 17.46 -46.20
C ALA D 362 -1.16 18.34 -45.57
N GLY D 363 -0.10 17.71 -45.08
CA GLY D 363 0.98 18.45 -44.46
C GLY D 363 1.64 19.40 -45.44
N LYS D 364 1.83 18.96 -46.67
CA LYS D 364 2.46 19.79 -47.68
C LYS D 364 1.60 21.02 -48.01
N ARG D 365 0.34 20.78 -48.34
CA ARG D 365 -0.57 21.89 -48.67
C ARG D 365 -0.67 22.81 -47.46
N GLU D 366 -0.40 22.23 -46.29
CA GLU D 366 -0.44 22.92 -45.02
C GLU D 366 0.76 23.83 -44.78
N GLY D 367 1.82 23.66 -45.56
CA GLY D 367 2.99 24.50 -45.40
C GLY D 367 4.16 23.82 -44.71
N ALA D 368 4.01 22.54 -44.39
CA ALA D 368 5.09 21.80 -43.74
C ALA D 368 6.19 21.56 -44.77
N ARG D 369 7.44 21.66 -44.34
CA ARG D 369 8.59 21.44 -45.23
C ARG D 369 9.01 19.98 -45.19
N LEU D 370 8.84 19.28 -46.30
CA LEU D 370 9.23 17.88 -46.39
C LEU D 370 10.75 17.81 -46.56
N LEU D 371 11.42 17.08 -45.68
CA LEU D 371 12.88 16.95 -45.75
C LEU D 371 13.32 15.63 -46.38
N VAL D 372 12.51 14.60 -46.23
CA VAL D 372 12.86 13.29 -46.79
C VAL D 372 11.64 12.36 -46.81
N GLY D 373 11.63 11.44 -47.77
CA GLY D 373 10.52 10.50 -47.88
C GLY D 373 9.26 11.18 -48.41
N GLY D 374 8.16 11.00 -47.70
CA GLY D 374 6.91 11.62 -48.13
C GLY D 374 6.18 10.95 -49.29
N GLU D 375 6.60 9.74 -49.65
CA GLU D 375 5.96 9.02 -50.74
C GLU D 375 6.17 7.52 -50.63
N ARG D 376 5.47 6.77 -51.48
CA ARG D 376 5.58 5.33 -51.49
C ARG D 376 7.00 4.89 -51.79
N ALA D 377 7.42 3.79 -51.18
CA ALA D 377 8.75 3.23 -51.43
C ALA D 377 8.52 2.19 -52.53
N LYS D 378 9.08 2.43 -53.70
CA LYS D 378 8.91 1.52 -54.83
C LYS D 378 10.03 0.50 -54.97
N THR D 379 11.19 0.81 -54.41
CA THR D 379 12.35 -0.06 -54.49
C THR D 379 12.95 -0.35 -53.11
N SER D 380 13.29 -1.61 -52.85
CA SER D 380 13.88 -1.98 -51.57
C SER D 380 15.37 -1.67 -51.56
N PHE D 381 16.00 -1.80 -50.41
CA PHE D 381 17.42 -1.52 -50.29
C PHE D 381 18.25 -2.50 -51.11
N ARG D 382 17.62 -3.56 -51.58
CA ARG D 382 18.29 -4.57 -52.40
C ARG D 382 17.99 -4.34 -53.87
N GLY D 383 17.16 -3.35 -54.16
CA GLY D 383 16.80 -3.06 -55.54
C GLY D 383 15.57 -3.81 -56.03
N GLU D 384 14.85 -4.45 -55.12
CA GLU D 384 13.64 -5.18 -55.50
C GLU D 384 12.46 -4.24 -55.70
N ASP D 385 11.53 -4.65 -56.55
CA ASP D 385 10.33 -3.89 -56.83
C ASP D 385 9.34 -4.14 -55.68
N LEU D 386 8.96 -3.07 -54.98
CA LEU D 386 8.04 -3.16 -53.85
C LEU D 386 6.68 -2.53 -54.15
N SER D 387 6.48 -2.14 -55.41
CA SER D 387 5.24 -1.49 -55.85
C SER D 387 3.94 -2.23 -55.52
N ARG D 388 3.99 -3.55 -55.37
CA ARG D 388 2.79 -4.31 -55.06
C ARG D 388 2.49 -4.43 -53.58
N GLY D 389 3.39 -3.92 -52.74
CA GLY D 389 3.20 -3.94 -51.31
C GLY D 389 2.83 -2.54 -50.83
N ASN D 390 2.59 -2.38 -49.53
CA ASN D 390 2.22 -1.08 -49.00
C ASN D 390 3.38 -0.42 -48.29
N TYR D 391 4.47 -0.18 -49.02
CA TYR D 391 5.66 0.43 -48.42
C TYR D 391 5.72 1.95 -48.50
N LEU D 392 6.02 2.55 -47.36
CA LEU D 392 6.15 4.00 -47.26
C LEU D 392 7.59 4.31 -46.84
N LEU D 393 8.18 5.33 -47.45
CA LEU D 393 9.54 5.71 -47.09
C LEU D 393 9.51 6.46 -45.78
N PRO D 394 10.48 6.19 -44.89
CA PRO D 394 10.48 6.91 -43.62
C PRO D 394 10.42 8.40 -43.95
N THR D 395 9.49 9.12 -43.33
CA THR D 395 9.28 10.52 -43.62
C THR D 395 9.55 11.51 -42.49
N VAL D 396 10.13 12.66 -42.85
CA VAL D 396 10.43 13.72 -41.90
C VAL D 396 10.04 15.11 -42.41
N PHE D 397 9.20 15.79 -41.64
CA PHE D 397 8.74 17.15 -41.97
C PHE D 397 9.22 18.10 -40.88
N VAL D 398 9.31 19.38 -41.23
CA VAL D 398 9.64 20.41 -40.26
C VAL D 398 8.31 21.16 -40.30
N GLY D 399 7.72 21.44 -39.15
CA GLY D 399 6.45 22.13 -39.16
C GLY D 399 6.15 22.89 -37.90
N GLU D 400 4.88 23.18 -37.70
CA GLU D 400 4.43 23.91 -36.53
C GLU D 400 3.43 23.03 -35.78
N ASN D 401 3.47 23.12 -34.45
CA ASN D 401 2.61 22.30 -33.60
C ASN D 401 1.12 22.40 -33.89
N HIS D 402 0.68 23.51 -34.47
CA HIS D 402 -0.74 23.71 -34.77
C HIS D 402 -1.18 23.03 -36.07
N MET D 403 -0.21 22.56 -36.86
CA MET D 403 -0.54 21.90 -38.11
C MET D 403 -1.30 20.61 -37.90
N LYS D 404 -2.09 20.24 -38.89
CA LYS D 404 -2.87 19.01 -38.83
C LYS D 404 -1.96 17.81 -38.67
N ILE D 405 -0.82 17.79 -39.38
CA ILE D 405 0.09 16.65 -39.28
C ILE D 405 0.68 16.52 -37.88
N ALA D 406 0.66 17.61 -37.14
CA ALA D 406 1.19 17.61 -35.77
C ALA D 406 0.08 17.26 -34.78
N GLN D 407 -1.15 17.62 -35.13
CA GLN D 407 -2.30 17.40 -34.26
C GLN D 407 -2.96 16.03 -34.39
N GLU D 408 -2.92 15.45 -35.58
CA GLU D 408 -3.57 14.15 -35.79
C GLU D 408 -2.60 12.98 -35.88
N GLU D 409 -3.07 11.82 -35.39
CA GLU D 409 -2.24 10.62 -35.42
C GLU D 409 -2.19 10.08 -36.84
N ILE D 410 -0.98 9.87 -37.35
CA ILE D 410 -0.81 9.37 -38.69
C ILE D 410 -0.64 7.85 -38.68
N PHE D 411 -0.03 7.35 -37.60
CA PHE D 411 0.22 5.92 -37.41
C PHE D 411 1.02 5.30 -38.55
N GLY D 412 2.15 5.92 -38.84
CA GLY D 412 3.05 5.44 -39.89
C GLY D 412 4.40 6.08 -39.65
N PRO D 413 5.43 5.68 -40.41
CA PRO D 413 6.78 6.24 -40.25
C PRO D 413 6.89 7.67 -40.75
N VAL D 414 6.20 8.58 -40.06
CA VAL D 414 6.19 9.99 -40.43
C VAL D 414 6.47 10.83 -39.18
N LEU D 415 7.50 11.65 -39.27
CA LEU D 415 7.90 12.49 -38.15
C LEU D 415 7.74 13.98 -38.46
N VAL D 416 7.38 14.76 -37.45
CA VAL D 416 7.24 16.20 -37.62
C VAL D 416 8.17 16.88 -36.62
N ALA D 417 9.19 17.56 -37.12
CA ALA D 417 10.14 18.25 -36.26
C ALA D 417 9.67 19.68 -36.04
N ILE D 418 9.63 20.09 -34.78
CA ILE D 418 9.16 21.41 -34.39
C ILE D 418 10.16 22.03 -33.44
N PRO D 419 10.46 23.33 -33.60
CA PRO D 419 11.43 24.00 -32.72
C PRO D 419 10.80 24.64 -31.49
N PHE D 420 11.63 24.93 -30.49
CA PHE D 420 11.16 25.62 -29.29
C PHE D 420 12.27 26.53 -28.76
N LYS D 421 11.86 27.68 -28.25
CA LYS D 421 12.77 28.68 -27.72
C LYS D 421 13.31 28.37 -26.32
N ASP D 422 12.50 27.71 -25.50
CA ASP D 422 12.92 27.38 -24.15
C ASP D 422 12.07 26.30 -23.49
N GLU D 423 12.40 25.96 -22.26
CA GLU D 423 11.66 24.94 -21.54
C GLU D 423 10.17 25.27 -21.50
N GLU D 424 9.85 26.51 -21.15
CA GLU D 424 8.46 26.95 -21.08
C GLU D 424 7.69 26.63 -22.36
N GLU D 425 8.30 26.95 -23.49
CA GLU D 425 7.67 26.72 -24.79
C GLU D 425 7.63 25.23 -25.17
N ALA D 426 8.70 24.50 -24.88
CA ALA D 426 8.75 23.08 -25.19
C ALA D 426 7.61 22.37 -24.47
N LEU D 427 7.38 22.75 -23.21
CA LEU D 427 6.32 22.16 -22.41
C LEU D 427 4.95 22.51 -22.97
N ARG D 428 4.78 23.79 -23.32
CA ARG D 428 3.53 24.27 -23.88
C ARG D 428 3.13 23.50 -25.13
N LYS D 429 4.06 23.43 -26.09
CA LYS D 429 3.79 22.71 -27.34
C LYS D 429 3.61 21.21 -27.12
N ALA D 430 4.41 20.63 -26.23
CA ALA D 430 4.30 19.20 -25.96
C ALA D 430 2.89 18.84 -25.48
N ASN D 431 2.34 19.66 -24.59
CA ASN D 431 1.01 19.40 -24.05
C ASN D 431 -0.16 19.84 -24.91
N ASP D 432 0.09 20.72 -25.87
CA ASP D 432 -0.97 21.23 -26.74
C ASP D 432 -1.40 20.23 -27.82
N THR D 433 -1.97 19.12 -27.38
CA THR D 433 -2.44 18.05 -28.26
C THR D 433 -3.70 17.49 -27.60
N LYS D 434 -4.55 16.81 -28.36
CA LYS D 434 -5.74 16.22 -27.76
C LYS D 434 -5.36 14.87 -27.16
N TYR D 435 -4.12 14.46 -27.40
CA TYR D 435 -3.63 13.18 -26.89
C TYR D 435 -2.78 13.35 -25.64
N GLY D 436 -2.34 12.22 -25.08
CA GLY D 436 -1.53 12.25 -23.87
C GLY D 436 -1.15 10.85 -23.43
N LEU D 437 -0.49 10.12 -24.32
CA LEU D 437 -0.08 8.76 -24.03
C LEU D 437 1.32 8.74 -23.41
N ALA D 438 2.33 9.02 -24.23
CA ALA D 438 3.71 9.03 -23.75
C ALA D 438 4.40 10.35 -24.08
N ALA D 439 5.62 10.50 -23.56
CA ALA D 439 6.44 11.68 -23.79
C ALA D 439 7.87 11.29 -23.48
N TYR D 440 8.81 11.84 -24.22
CA TYR D 440 10.22 11.52 -24.03
C TYR D 440 10.99 12.82 -23.87
N VAL D 441 11.80 12.91 -22.82
CA VAL D 441 12.60 14.10 -22.56
C VAL D 441 14.08 13.79 -22.57
N PHE D 442 14.83 14.54 -23.35
CA PHE D 442 16.27 14.33 -23.41
C PHE D 442 16.98 15.60 -22.96
N THR D 443 17.51 15.52 -21.74
CA THR D 443 18.22 16.62 -21.13
C THR D 443 19.05 16.05 -19.99
N ARG D 444 20.20 16.64 -19.71
CA ARG D 444 21.05 16.17 -18.62
C ARG D 444 20.77 16.86 -17.29
N ASP D 445 20.06 17.99 -17.35
CA ASP D 445 19.74 18.74 -16.14
C ASP D 445 18.69 18.05 -15.26
N LEU D 446 19.11 17.67 -14.06
CA LEU D 446 18.26 16.99 -13.08
C LEU D 446 16.92 17.67 -12.81
N GLU D 447 16.96 18.92 -12.38
CA GLU D 447 15.74 19.64 -12.05
C GLU D 447 14.81 19.90 -13.23
N ARG D 448 15.38 20.13 -14.41
CA ARG D 448 14.52 20.34 -15.59
C ARG D 448 13.82 19.05 -15.96
N ALA D 449 14.54 17.93 -15.88
CA ALA D 449 13.99 16.63 -16.23
C ALA D 449 12.80 16.25 -15.36
N HIS D 450 12.97 16.35 -14.05
CA HIS D 450 11.88 16.00 -13.12
C HIS D 450 10.76 17.00 -13.18
N ARG D 451 11.12 18.26 -13.44
CA ARG D 451 10.14 19.32 -13.54
C ARG D 451 9.26 19.06 -14.75
N LEU D 452 9.89 18.76 -15.88
CA LEU D 452 9.13 18.48 -17.10
C LEU D 452 8.33 17.18 -16.98
N ALA D 453 8.92 16.16 -16.36
CA ALA D 453 8.23 14.90 -16.18
C ALA D 453 6.91 15.09 -15.42
N LEU D 454 6.92 15.99 -14.44
CA LEU D 454 5.74 16.27 -13.65
C LEU D 454 4.67 17.07 -14.39
N GLU D 455 5.09 17.96 -15.27
CA GLU D 455 4.16 18.81 -16.03
C GLU D 455 3.66 18.26 -17.37
N LEU D 456 4.39 17.33 -17.97
CA LEU D 456 3.96 16.76 -19.25
C LEU D 456 2.70 15.91 -19.09
N GLU D 457 1.67 16.27 -19.84
CA GLU D 457 0.41 15.53 -19.77
C GLU D 457 0.50 14.24 -20.55
N ALA D 458 0.89 13.18 -19.86
CA ALA D 458 1.02 11.86 -20.47
C ALA D 458 0.97 10.83 -19.35
N GLY D 459 0.58 9.61 -19.69
CA GLY D 459 0.53 8.57 -18.69
C GLY D 459 1.92 8.02 -18.41
N MET D 460 2.79 8.13 -19.41
CA MET D 460 4.16 7.65 -19.29
C MET D 460 5.18 8.67 -19.79
N VAL D 461 6.20 8.92 -18.98
CA VAL D 461 7.26 9.85 -19.36
C VAL D 461 8.59 9.09 -19.27
N TYR D 462 9.38 9.18 -20.32
CA TYR D 462 10.68 8.52 -20.36
C TYR D 462 11.77 9.60 -20.41
N LEU D 463 12.72 9.50 -19.50
CA LEU D 463 13.82 10.45 -19.45
C LEU D 463 15.09 9.83 -20.02
N ASN D 464 15.64 10.50 -21.02
CA ASN D 464 16.88 10.08 -21.68
C ASN D 464 16.92 8.66 -22.21
N SER D 465 15.79 8.19 -22.74
CA SER D 465 15.75 6.86 -23.32
C SER D 465 14.54 6.65 -24.19
N HIS D 466 14.53 5.53 -24.90
CA HIS D 466 13.42 5.17 -25.75
C HIS D 466 12.43 4.45 -24.82
N ASN D 467 11.40 3.85 -25.40
CA ASN D 467 10.37 3.17 -24.63
C ASN D 467 10.81 1.83 -24.02
N VAL D 468 11.19 1.84 -22.76
CA VAL D 468 11.60 0.62 -22.07
C VAL D 468 10.59 0.37 -20.94
N ARG D 469 9.82 -0.71 -21.07
CA ARG D 469 8.78 -1.01 -20.10
C ARG D 469 9.13 -1.93 -18.94
N HIS D 470 8.46 -1.71 -17.82
CA HIS D 470 8.59 -2.50 -16.60
C HIS D 470 7.13 -2.80 -16.26
N LEU D 471 6.74 -4.05 -16.49
CA LEU D 471 5.35 -4.49 -16.29
C LEU D 471 4.55 -4.12 -15.05
N PRO D 472 5.17 -4.02 -13.87
CA PRO D 472 4.40 -3.65 -12.68
C PRO D 472 3.89 -2.22 -12.64
N THR D 473 4.43 -1.35 -13.50
CA THR D 473 4.04 0.06 -13.51
C THR D 473 2.70 0.30 -14.20
N PRO D 474 1.98 1.35 -13.77
CA PRO D 474 0.69 1.67 -14.39
C PRO D 474 0.87 2.18 -15.81
N PHE D 475 0.25 1.48 -16.75
CA PHE D 475 0.31 1.83 -18.17
C PHE D 475 -1.07 2.26 -18.68
N GLY D 476 -1.10 3.42 -19.35
CA GLY D 476 -2.35 3.94 -19.89
C GLY D 476 -2.13 5.38 -20.30
N GLY D 477 -3.20 6.06 -20.70
CA GLY D 477 -3.04 7.45 -21.11
C GLY D 477 -4.01 8.41 -20.45
N VAL D 478 -3.87 9.69 -20.79
CA VAL D 478 -4.77 10.72 -20.28
C VAL D 478 -5.36 11.44 -21.49
N LYS D 479 -6.33 12.32 -21.24
CA LYS D 479 -6.99 13.05 -22.32
C LYS D 479 -7.54 12.10 -23.38
N GLY D 480 -7.21 12.33 -24.65
CA GLY D 480 -7.73 11.49 -25.71
C GLY D 480 -7.06 10.13 -25.90
N SER D 481 -6.05 9.81 -25.09
CA SER D 481 -5.35 8.54 -25.24
C SER D 481 -5.95 7.40 -24.41
N GLY D 482 -7.08 7.65 -23.77
CA GLY D 482 -7.71 6.61 -22.98
C GLY D 482 -7.90 6.92 -21.51
N ASP D 483 -8.24 5.89 -20.75
CA ASP D 483 -8.46 6.03 -19.32
C ASP D 483 -8.19 4.66 -18.68
N ARG D 484 -8.00 4.65 -17.36
CA ARG D 484 -7.72 3.42 -16.62
C ARG D 484 -6.27 3.01 -16.84
N ARG D 485 -5.83 2.02 -16.07
CA ARG D 485 -4.47 1.55 -16.20
C ARG D 485 -4.38 0.03 -16.25
N GLU D 486 -3.34 -0.46 -16.90
CA GLU D 486 -3.06 -1.88 -17.00
C GLU D 486 -1.70 -2.04 -16.33
N GLY D 487 -1.33 -3.27 -16.00
CA GLY D 487 -0.04 -3.51 -15.38
C GLY D 487 -0.10 -3.83 -13.90
N GLY D 488 0.35 -5.03 -13.55
CA GLY D 488 0.37 -5.47 -12.17
C GLY D 488 -0.93 -5.28 -11.39
N THR D 489 -0.81 -4.67 -10.22
CA THR D 489 -1.95 -4.44 -9.34
C THR D 489 -2.87 -3.34 -9.87
N TYR D 490 -2.38 -2.52 -10.79
CA TYR D 490 -3.22 -1.45 -11.33
C TYR D 490 -4.35 -1.98 -12.19
N ALA D 491 -4.15 -3.14 -12.82
CA ALA D 491 -5.18 -3.76 -13.65
C ALA D 491 -6.34 -4.23 -12.77
N LEU D 492 -6.06 -4.56 -11.51
CA LEU D 492 -7.08 -5.03 -10.57
C LEU D 492 -8.25 -4.08 -10.45
N ASP D 493 -7.97 -2.78 -10.49
CA ASP D 493 -9.02 -1.80 -10.37
C ASP D 493 -10.06 -1.89 -11.46
N PHE D 494 -9.67 -2.46 -12.60
CA PHE D 494 -10.61 -2.61 -13.69
C PHE D 494 -11.25 -4.00 -13.74
N TYR D 495 -10.44 -5.03 -13.54
CA TYR D 495 -10.91 -6.41 -13.62
C TYR D 495 -11.65 -6.97 -12.40
N THR D 496 -11.65 -6.25 -11.29
CA THR D 496 -12.33 -6.73 -10.09
C THR D 496 -13.17 -5.64 -9.44
N ASP D 497 -14.03 -6.03 -8.52
CA ASP D 497 -14.88 -5.09 -7.79
C ASP D 497 -14.43 -5.05 -6.34
N LEU D 498 -14.40 -3.85 -5.76
CA LEU D 498 -14.04 -3.73 -4.36
C LEU D 498 -15.31 -3.92 -3.53
N LYS D 499 -15.15 -4.44 -2.33
CA LYS D 499 -16.29 -4.66 -1.45
C LYS D 499 -15.88 -4.30 -0.04
N THR D 500 -16.68 -3.47 0.62
CA THR D 500 -16.38 -3.09 2.00
C THR D 500 -17.31 -3.90 2.90
N ILE D 501 -16.73 -4.68 3.79
CA ILE D 501 -17.49 -5.51 4.72
C ILE D 501 -17.33 -4.93 6.12
N ALA D 502 -18.45 -4.73 6.81
CA ALA D 502 -18.42 -4.17 8.15
C ALA D 502 -19.12 -5.03 9.19
N LEU D 503 -18.55 -5.08 10.39
CA LEU D 503 -19.13 -5.85 11.47
C LEU D 503 -18.76 -5.24 12.80
N PRO D 504 -19.75 -5.10 13.70
CA PRO D 504 -19.51 -4.52 15.02
C PRO D 504 -18.88 -5.60 15.91
N LEU D 505 -18.04 -5.20 16.85
CA LEU D 505 -17.40 -6.16 17.76
C LEU D 505 -18.20 -6.32 19.05
N ARG D 506 -19.15 -5.41 19.25
CA ARG D 506 -20.01 -5.43 20.42
C ARG D 506 -21.33 -4.82 19.97
N PRO D 507 -22.43 -5.12 20.67
CA PRO D 507 -23.73 -4.56 20.28
C PRO D 507 -23.67 -3.07 19.97
N PRO D 508 -23.98 -2.70 18.72
CA PRO D 508 -23.96 -1.30 18.30
C PRO D 508 -25.30 -0.64 18.63
N HIS D 509 -25.31 0.69 18.62
CA HIS D 509 -26.53 1.43 18.90
C HIS D 509 -27.30 1.62 17.60
N VAL D 510 -28.50 1.05 17.53
CA VAL D 510 -29.35 1.20 16.37
C VAL D 510 -30.42 2.22 16.73
N PRO D 511 -30.54 3.30 15.95
CA PRO D 511 -31.55 4.33 16.24
C PRO D 511 -32.92 3.69 16.45
N LYS D 512 -33.63 4.12 17.49
CA LYS D 512 -34.95 3.57 17.76
C LYS D 512 -35.98 4.19 16.83
N PHE D 513 -36.71 3.34 16.14
CA PHE D 513 -37.72 3.77 15.17
C PHE D 513 -39.01 2.97 15.38
N GLY D 514 -40.13 3.67 15.48
CA GLY D 514 -41.40 2.99 15.65
C GLY D 514 -41.61 2.33 17.00
N LYS D 515 -41.01 2.88 18.05
CA LYS D 515 -41.16 2.35 19.39
C LYS D 515 -40.68 3.33 20.45
NA NA E . 19.77 -36.27 15.48
C1 GOL F . 23.85 -19.62 21.38
O1 GOL F . 24.42 -18.32 21.26
C2 GOL F . 22.93 -19.91 20.20
O2 GOL F . 23.69 -19.82 18.99
C3 GOL F . 22.33 -21.32 20.31
O3 GOL F . 21.57 -21.49 21.50
NA NA G . 21.94 23.73 30.17
C1 GOL H . 22.56 5.49 29.49
O1 GOL H . 22.00 4.18 29.55
C2 GOL H . 21.65 6.44 28.69
O2 GOL H . 20.37 6.51 29.32
C3 GOL H . 22.26 7.85 28.64
O3 GOL H . 23.55 7.86 28.05
NA NA I . -38.33 21.56 -2.59
NA NA J . -35.43 11.19 -10.46
PA NAD K . -32.16 11.92 -11.05
O1A NAD K . -33.20 12.25 -12.02
O2A NAD K . -31.16 11.00 -11.60
O5B NAD K . -31.35 13.21 -10.48
C5B NAD K . -29.91 13.26 -10.26
C4B NAD K . -29.37 14.46 -11.02
O4B NAD K . -29.49 14.09 -12.41
C3B NAD K . -30.24 15.75 -10.89
O3B NAD K . -29.43 16.86 -10.47
C2B NAD K . -30.82 15.90 -12.31
O2B NAD K . -31.06 17.29 -12.68
C1B NAD K . -29.76 15.21 -13.15
N9A NAD K . -30.28 14.79 -14.43
C8A NAD K . -31.49 14.22 -14.76
N7A NAD K . -31.64 13.95 -16.08
C5A NAD K . -30.43 14.38 -16.61
C6A NAD K . -29.91 14.37 -17.97
N6A NAD K . -30.62 13.91 -19.00
N1A NAD K . -28.63 14.87 -18.15
C2A NAD K . -27.91 15.35 -17.06
N3A NAD K . -28.29 15.40 -15.79
C4A NAD K . -29.56 14.89 -15.61
O3 NAD K . -32.87 11.33 -9.84
PN NAD K . -33.07 11.65 -8.29
O1N NAD K . -34.54 11.64 -8.08
O2N NAD K . -32.39 12.91 -7.96
O5D NAD K . -32.45 10.31 -7.84
C5D NAD K . -32.64 9.62 -6.63
C4D NAD K . -31.78 8.45 -6.99
O4D NAD K . -30.40 8.67 -6.63
C3D NAD K . -32.21 7.10 -6.45
O3D NAD K . -32.26 6.09 -7.48
C2D NAD K . -31.17 6.85 -5.37
O2D NAD K . -31.01 5.44 -5.13
C1D NAD K . -29.95 7.52 -5.97
N1N NAD K . -28.92 7.86 -4.98
C2N NAD K . -27.81 7.03 -5.05
C3N NAD K . -26.80 7.27 -4.13
C7N NAD K . -25.54 6.42 -4.08
O7N NAD K . -24.69 6.69 -3.27
N7N NAD K . -25.39 5.39 -4.94
C4N NAD K . -26.91 8.36 -3.15
C5N NAD K . -28.10 9.13 -3.20
C6N NAD K . -29.14 8.94 -4.07
C1 GOL L . -26.38 36.07 -2.59
O1 GOL L . -26.38 37.43 -2.15
C2 GOL L . -27.73 35.70 -3.22
O2 GOL L . -28.03 36.55 -4.34
C3 GOL L . -27.70 34.25 -3.69
O3 GOL L . -28.92 33.89 -4.31
NA NA M . -3.18 -9.16 -43.15
NA NA N . -8.40 1.79 -37.63
PA NAD O . -9.58 0.57 -34.76
O1A NAD O . -10.46 0.83 -35.89
O2A NAD O . -9.99 1.29 -33.55
O5B NAD O . -9.48 -0.98 -34.35
C5B NAD O . -9.45 -1.48 -32.97
C4B NAD O . -10.57 -2.49 -32.83
O4B NAD O . -11.79 -1.72 -32.90
C3B NAD O . -10.68 -3.50 -34.00
O3B NAD O . -10.64 -4.86 -33.52
C2B NAD O . -12.00 -3.11 -34.66
O2B NAD O . -12.68 -4.23 -35.27
C1B NAD O . -12.76 -2.49 -33.50
N9A NAD O . -13.82 -1.61 -33.94
C8A NAD O . -13.83 -0.69 -34.96
N7A NAD O . -15.00 -0.03 -35.10
C5A NAD O . -15.79 -0.60 -34.09
C6A NAD O . -17.15 -0.35 -33.70
N6A NAD O . -17.93 0.55 -34.31
N1A NAD O . -17.64 -1.10 -32.63
C2A NAD O . -16.81 -2.03 -32.00
N3A NAD O . -15.55 -2.32 -32.31
C4A NAD O . -15.09 -1.57 -33.36
O3 NAD O . -8.17 0.96 -35.20
PN NAD O . -6.76 0.27 -35.40
O1N NAD O . -6.34 0.60 -36.78
O2N NAD O . -6.86 -1.15 -35.07
O5D NAD O . -6.05 1.22 -34.38
C5D NAD O . -4.69 1.53 -34.29
C4D NAD O . -4.84 2.50 -33.16
O4D NAD O . -4.75 1.86 -31.87
C3D NAD O . -3.92 3.70 -33.18
O3D NAD O . -4.64 4.94 -33.07
C2D NAD O . -2.98 3.40 -32.00
O2D NAD O . -2.47 4.63 -31.44
C1D NAD O . -3.87 2.60 -31.08
N1N NAD O . -3.14 1.70 -30.18
C2N NAD O . -3.10 2.16 -28.87
C3N NAD O . -2.42 1.38 -27.95
C7N NAD O . -2.30 1.81 -26.51
O7N NAD O . -1.68 1.09 -25.73
N7N NAD O . -2.88 2.96 -26.10
C4N NAD O . -1.75 0.14 -28.35
C5N NAD O . -1.86 -0.22 -29.73
C6N NAD O . -2.53 0.51 -30.68
#